data_9Q5J
# 
_entry.id   9Q5J 
# 
_audit_conform.dict_name       mmcif_pdbx.dic 
_audit_conform.dict_version    5.407 
_audit_conform.dict_location   http://mmcif.pdb.org/dictionaries/ascii/mmcif_pdbx.dic 
# 
loop_
_database_2.database_id 
_database_2.database_code 
_database_2.pdbx_database_accession 
_database_2.pdbx_DOI 
PDB   9Q5J         pdb_00009q5j 10.2210/pdb9q5j/pdb 
WWPDB D_1000299136 ?            ?                   
# 
_pdbx_audit_revision_history.ordinal             1 
_pdbx_audit_revision_history.data_content_type   'Structure model' 
_pdbx_audit_revision_history.major_revision      1 
_pdbx_audit_revision_history.minor_revision      0 
_pdbx_audit_revision_history.revision_date       2025-12-03 
_pdbx_audit_revision_history.part_number         ? 
# 
_pdbx_audit_revision_details.ordinal             1 
_pdbx_audit_revision_details.revision_ordinal    1 
_pdbx_audit_revision_details.data_content_type   'Structure model' 
_pdbx_audit_revision_details.provider            repository 
_pdbx_audit_revision_details.type                'Initial release' 
_pdbx_audit_revision_details.description         ? 
_pdbx_audit_revision_details.details             ? 
# 
_pdbx_database_status.status_code                     REL 
_pdbx_database_status.status_code_sf                  REL 
_pdbx_database_status.status_code_mr                  ? 
_pdbx_database_status.entry_id                        9Q5J 
_pdbx_database_status.recvd_initial_deposition_date   2025-08-20 
_pdbx_database_status.SG_entry                        N 
_pdbx_database_status.deposit_site                    RCSB 
_pdbx_database_status.process_site                    RCSB 
_pdbx_database_status.status_code_cs                  ? 
_pdbx_database_status.status_code_nmr_data            ? 
_pdbx_database_status.methods_development_category    ? 
_pdbx_database_status.pdb_format_compatible           Y 
# 
_pdbx_contact_author.id                 4 
_pdbx_contact_author.email              rs17@nyu.edu 
_pdbx_contact_author.name_first         Ruojie 
_pdbx_contact_author.name_last          Sha 
_pdbx_contact_author.name_mi            ? 
_pdbx_contact_author.role               'principal investigator/group leader' 
_pdbx_contact_author.identifier_ORCID   0000-0002-0807-734X 
# 
loop_
_audit_author.name 
_audit_author.pdbx_ordinal 
_audit_author.identifier_ORCID 
'Horvath, A.'   1 0009-0008-5770-8014 
'Woloszyn, K.'  2 0000-0003-1200-583X 
'Vecchioni, S.' 3 0000-0001-8243-650X 
'Ohayon, Y.P.'  4 0000-0001-7500-4282 
'Sha, R.'       5 0000-0002-0807-734X 
# 
_citation.abstract                  ? 
_citation.abstract_id_CAS           ? 
_citation.book_id_ISBN              ? 
_citation.book_publisher            ? 
_citation.book_publisher_city       ? 
_citation.book_title                ? 
_citation.coordinate_linkage        ? 
_citation.country                   ? 
_citation.database_id_Medline       ? 
_citation.details                   ? 
_citation.id                        primary 
_citation.journal_abbrev            'To Be Published' 
_citation.journal_id_ASTM           ? 
_citation.journal_id_CSD            0353 
_citation.journal_id_ISSN           ? 
_citation.journal_full              ? 
_citation.journal_issue             ? 
_citation.journal_volume            ? 
_citation.language                  ? 
_citation.page_first                ? 
_citation.page_last                 ? 
_citation.title                     'Blunt-End Tensegrity Triangles' 
_citation.year                      ? 
_citation.database_id_CSD           ? 
_citation.pdbx_database_id_DOI      ? 
_citation.pdbx_database_id_PubMed   ? 
_citation.pdbx_database_id_patent   ? 
_citation.unpublished_flag          ? 
# 
loop_
_citation_author.citation_id 
_citation_author.name 
_citation_author.ordinal 
_citation_author.identifier_ORCID 
primary 'Horvath, A.'   1 0009-0008-5770-8014 
primary 'Woloszyn, K.'  2 0000-0003-1200-583X 
primary 'Vecchioni, S.' 3 0000-0001-8243-650X 
primary 'Ohayon, Y.P.'  4 0000-0001-7500-4282 
primary 'Sha, R.'       5 0000-0002-0807-734X 
# 
loop_
_entity.id 
_entity.type 
_entity.src_method 
_entity.pdbx_description 
_entity.formula_weight 
_entity.pdbx_number_of_molecules 
_entity.pdbx_ec 
_entity.pdbx_mutation 
_entity.pdbx_fragment 
_entity.details 
1 polymer syn 
;DNA (5'-D(P*GP*TP*CP*TP*G)-3')
;
1511.022 1 ? ? ? ? 
2 polymer syn 
;DNA (5'-D(P*AP*GP*GP*AP*CP*TP*A)-3')
;
2146.449 1 ? ? ? ? 
3 polymer syn 
;DNA (5'-D(P*CP*AP*CP*CP*T)-3')
;
1439.988 1 ? ? ? ? 
4 polymer syn 
;DNA (5'-D(P*TP*AP*GP*TP*GP*AP*C)-3')
;
2137.435 1 ? ? ? ? 
5 water   nat water                                  18.015   9 ? ? ? ? 
# 
loop_
_entity_poly.entity_id 
_entity_poly.type 
_entity_poly.nstd_linkage 
_entity_poly.nstd_monomer 
_entity_poly.pdbx_seq_one_letter_code 
_entity_poly.pdbx_seq_one_letter_code_can 
_entity_poly.pdbx_strand_id 
_entity_poly.pdbx_target_identifier 
1 polydeoxyribonucleotide no no '(DG)(DT)(DC)(DT)(DG)'         GTCTG   A ? 
2 polydeoxyribonucleotide no no '(DA)(DG)(DG)(DA)(DC)(DT)(DA)' AGGACTA B ? 
3 polydeoxyribonucleotide no no '(DC)(DA)(DC)(DC)(DT)'         CACCT   C ? 
4 polydeoxyribonucleotide no no '(DT)(DA)(DG)(DT)(DG)(DA)(DC)' TAGTGAC D ? 
# 
_pdbx_entity_nonpoly.entity_id   5 
_pdbx_entity_nonpoly.name        water 
_pdbx_entity_nonpoly.comp_id     HOH 
# 
loop_
_entity_poly_seq.entity_id 
_entity_poly_seq.num 
_entity_poly_seq.mon_id 
_entity_poly_seq.hetero 
1 1 DG n 
1 2 DT n 
1 3 DC n 
1 4 DT n 
1 5 DG n 
2 1 DA n 
2 2 DG n 
2 3 DG n 
2 4 DA n 
2 5 DC n 
2 6 DT n 
2 7 DA n 
3 1 DC n 
3 2 DA n 
3 3 DC n 
3 4 DC n 
3 5 DT n 
4 1 DT n 
4 2 DA n 
4 3 DG n 
4 4 DT n 
4 5 DG n 
4 6 DA n 
4 7 DC n 
# 
loop_
_pdbx_entity_src_syn.entity_id 
_pdbx_entity_src_syn.pdbx_src_id 
_pdbx_entity_src_syn.pdbx_alt_source_flag 
_pdbx_entity_src_syn.pdbx_beg_seq_num 
_pdbx_entity_src_syn.pdbx_end_seq_num 
_pdbx_entity_src_syn.organism_scientific 
_pdbx_entity_src_syn.organism_common_name 
_pdbx_entity_src_syn.ncbi_taxonomy_id 
_pdbx_entity_src_syn.details 
1 1 sample 1 5 'synthetic construct' ? 32630 ? 
2 1 sample 1 7 'synthetic construct' ? 32630 ? 
3 1 sample 1 5 'synthetic construct' ? 32630 ? 
4 1 sample 1 7 'synthetic construct' ? 32630 ? 
# 
loop_
_chem_comp.id 
_chem_comp.type 
_chem_comp.mon_nstd_flag 
_chem_comp.name 
_chem_comp.pdbx_synonyms 
_chem_comp.formula 
_chem_comp.formula_weight 
DA  'DNA linking' y "2'-DEOXYADENOSINE-5'-MONOPHOSPHATE" ? 'C10 H14 N5 O6 P' 331.222 
DC  'DNA linking' y "2'-DEOXYCYTIDINE-5'-MONOPHOSPHATE"  ? 'C9 H14 N3 O7 P'  307.197 
DG  'DNA linking' y "2'-DEOXYGUANOSINE-5'-MONOPHOSPHATE" ? 'C10 H14 N5 O7 P' 347.221 
DT  'DNA linking' y "THYMIDINE-5'-MONOPHOSPHATE"         ? 'C10 H15 N2 O8 P' 322.208 
HOH non-polymer   . WATER                                ? 'H2 O'            18.015  
# 
loop_
_pdbx_poly_seq_scheme.asym_id 
_pdbx_poly_seq_scheme.entity_id 
_pdbx_poly_seq_scheme.seq_id 
_pdbx_poly_seq_scheme.mon_id 
_pdbx_poly_seq_scheme.ndb_seq_num 
_pdbx_poly_seq_scheme.pdb_seq_num 
_pdbx_poly_seq_scheme.auth_seq_num 
_pdbx_poly_seq_scheme.pdb_mon_id 
_pdbx_poly_seq_scheme.auth_mon_id 
_pdbx_poly_seq_scheme.pdb_strand_id 
_pdbx_poly_seq_scheme.pdb_ins_code 
_pdbx_poly_seq_scheme.hetero 
A 1 1 DG 1 7  7  DG DG A . n 
A 1 2 DT 2 8  8  DT DT A . n 
A 1 3 DC 3 9  9  DC DC A . n 
A 1 4 DT 4 10 10 DT DT A . n 
A 1 5 DG 5 11 11 DG DG A . n 
B 2 1 DA 1 1  1  DA DA B . n 
B 2 2 DG 2 2  2  DG DG B . n 
B 2 3 DG 3 3  3  DG DG B . n 
B 2 4 DA 4 4  4  DA DA B . n 
B 2 5 DC 5 5  5  DC DC B . n 
B 2 6 DT 6 6  6  DT DT B . n 
B 2 7 DA 7 7  7  DA DA B . n 
C 3 1 DC 1 1  1  DC DC C . n 
C 3 2 DA 2 2  2  DA DA C . n 
C 3 3 DC 3 3  3  DC DC C . n 
C 3 4 DC 4 4  4  DC DC C . n 
C 3 5 DT 5 5  5  DT DT C . n 
D 4 1 DT 1 5  5  DT DT D . n 
D 4 2 DA 2 6  6  DA DA D . n 
D 4 3 DG 3 7  7  DG DG D . n 
D 4 4 DT 4 8  8  DT DT D . n 
D 4 5 DG 5 9  9  DG DG D . n 
D 4 6 DA 6 10 10 DA DA D . n 
D 4 7 DC 7 11 11 DC DC D . n 
# 
loop_
_pdbx_nonpoly_scheme.asym_id 
_pdbx_nonpoly_scheme.entity_id 
_pdbx_nonpoly_scheme.mon_id 
_pdbx_nonpoly_scheme.ndb_seq_num 
_pdbx_nonpoly_scheme.pdb_seq_num 
_pdbx_nonpoly_scheme.auth_seq_num 
_pdbx_nonpoly_scheme.pdb_mon_id 
_pdbx_nonpoly_scheme.auth_mon_id 
_pdbx_nonpoly_scheme.pdb_strand_id 
_pdbx_nonpoly_scheme.pdb_ins_code 
E 5 HOH 1 101 12 HOH HOH A . 
E 5 HOH 2 102 2  HOH HOH A . 
F 5 HOH 1 101 36 HOH HOH B . 
F 5 HOH 2 102 35 HOH HOH B . 
F 5 HOH 3 103 11 HOH HOH B . 
G 5 HOH 1 101 38 HOH HOH C . 
G 5 HOH 2 102 1  HOH HOH C . 
G 5 HOH 3 103 37 HOH HOH C . 
H 5 HOH 1 101 7  HOH HOH D . 
# 
loop_
_software.citation_id 
_software.classification 
_software.compiler_name 
_software.compiler_version 
_software.contact_author 
_software.contact_author_email 
_software.date 
_software.description 
_software.dependencies 
_software.hardware 
_software.language 
_software.location 
_software.mods 
_software.name 
_software.os 
_software.os_version 
_software.type 
_software.version 
_software.pdbx_reference_DOI 
_software.pdbx_ordinal 
? refinement       ? ? ? ? ? ? ? ? ? ? ? PHENIX    ? ? ? 1.21.2_5419 ? 1 
? 'data reduction' ? ? ? ? ? ? ? ? ? ? ? autoPROC  ? ? ? .           ? 2 
? 'data scaling'   ? ? ? ? ? ? ? ? ? ? ? STARANISO ? ? ? .           ? 3 
? phasing          ? ? ? ? ? ? ? ? ? ? ? PHASER    ? ? ? .           ? 4 
# 
_cell.angle_alpha                  90.000 
_cell.angle_alpha_esd              ? 
_cell.angle_beta                   90.000 
_cell.angle_beta_esd               ? 
_cell.angle_gamma                  120.000 
_cell.angle_gamma_esd              ? 
_cell.entry_id                     9Q5J 
_cell.details                      ? 
_cell.formula_units_Z              ? 
_cell.length_a                     39.795 
_cell.length_a_esd                 ? 
_cell.length_b                     39.795 
_cell.length_b_esd                 ? 
_cell.length_c                     59.473 
_cell.length_c_esd                 ? 
_cell.volume                       81566.779 
_cell.volume_esd                   ? 
_cell.Z_PDB                        3 
_cell.reciprocal_angle_alpha       ? 
_cell.reciprocal_angle_beta        ? 
_cell.reciprocal_angle_gamma       ? 
_cell.reciprocal_angle_alpha_esd   ? 
_cell.reciprocal_angle_beta_esd    ? 
_cell.reciprocal_angle_gamma_esd   ? 
_cell.reciprocal_length_a          ? 
_cell.reciprocal_length_b          ? 
_cell.reciprocal_length_c          ? 
_cell.reciprocal_length_a_esd      ? 
_cell.reciprocal_length_b_esd      ? 
_cell.reciprocal_length_c_esd      ? 
_cell.pdbx_unique_axis             ? 
_cell.pdbx_esd_method              ? 
# 
_symmetry.entry_id                         9Q5J 
_symmetry.cell_setting                     ? 
_symmetry.Int_Tables_number                145 
_symmetry.space_group_name_Hall            'P 32' 
_symmetry.space_group_name_H-M             'P 32' 
_symmetry.pdbx_full_space_group_name_H-M   ? 
# 
_exptl.absorpt_coefficient_mu     ? 
_exptl.absorpt_correction_T_max   ? 
_exptl.absorpt_correction_T_min   ? 
_exptl.absorpt_correction_type    ? 
_exptl.absorpt_process_details    ? 
_exptl.entry_id                   9Q5J 
_exptl.crystals_number            1 
_exptl.details                    ? 
_exptl.method                     'X-RAY DIFFRACTION' 
_exptl.method_details             ? 
# 
_exptl_crystal.colour                       ? 
_exptl_crystal.density_diffrn               ? 
_exptl_crystal.density_Matthews             3.76 
_exptl_crystal.density_method               ? 
_exptl_crystal.density_percent_sol          67.27 
_exptl_crystal.description                  ? 
_exptl_crystal.F_000                        ? 
_exptl_crystal.id                           1 
_exptl_crystal.preparation                  ? 
_exptl_crystal.size_max                     ? 
_exptl_crystal.size_mid                     ? 
_exptl_crystal.size_min                     ? 
_exptl_crystal.size_rad                     ? 
_exptl_crystal.colour_lustre                ? 
_exptl_crystal.colour_modifier              ? 
_exptl_crystal.colour_primary               ? 
_exptl_crystal.density_meas                 ? 
_exptl_crystal.density_meas_esd             ? 
_exptl_crystal.density_meas_gt              ? 
_exptl_crystal.density_meas_lt              ? 
_exptl_crystal.density_meas_temp            ? 
_exptl_crystal.density_meas_temp_esd        ? 
_exptl_crystal.density_meas_temp_gt         ? 
_exptl_crystal.density_meas_temp_lt         ? 
_exptl_crystal.pdbx_crystal_image_url       ? 
_exptl_crystal.pdbx_crystal_image_format    ? 
_exptl_crystal.pdbx_mosaicity               ? 
_exptl_crystal.pdbx_mosaicity_esd           ? 
_exptl_crystal.pdbx_mosaic_method           ? 
_exptl_crystal.pdbx_mosaic_block_size       ? 
_exptl_crystal.pdbx_mosaic_block_size_esd   ? 
# 
_exptl_crystal_grow.apparatus       ? 
_exptl_crystal_grow.atmosphere      ? 
_exptl_crystal_grow.crystal_id      1 
_exptl_crystal_grow.details         ? 
_exptl_crystal_grow.method          'VAPOR DIFFUSION, HANGING DROP' 
_exptl_crystal_grow.method_ref      ? 
_exptl_crystal_grow.pH              ? 
_exptl_crystal_grow.pressure        ? 
_exptl_crystal_grow.pressure_esd    ? 
_exptl_crystal_grow.seeding         ? 
_exptl_crystal_grow.seeding_ref     ? 
_exptl_crystal_grow.temp_details    '338-293 at 0.4/hr' 
_exptl_crystal_grow.temp_esd        ? 
_exptl_crystal_grow.time            ? 
_exptl_crystal_grow.pdbx_details    '100 mM MOPS, 1.25 M magnesium sulfate' 
_exptl_crystal_grow.pdbx_pH_range   ? 
_exptl_crystal_grow.temp            293 
# 
_diffrn.ambient_environment              ? 
_diffrn.ambient_temp                     100 
_diffrn.ambient_temp_details             ? 
_diffrn.ambient_temp_esd                 ? 
_diffrn.crystal_id                       1 
_diffrn.crystal_support                  ? 
_diffrn.crystal_treatment                ? 
_diffrn.details                          ? 
_diffrn.id                               1 
_diffrn.ambient_pressure                 ? 
_diffrn.ambient_pressure_esd             ? 
_diffrn.ambient_pressure_gt              ? 
_diffrn.ambient_pressure_lt              ? 
_diffrn.ambient_temp_gt                  ? 
_diffrn.ambient_temp_lt                  ? 
_diffrn.pdbx_serial_crystal_experiment   N 
# 
_diffrn_detector.details                      ? 
_diffrn_detector.detector                     PIXEL 
_diffrn_detector.diffrn_id                    1 
_diffrn_detector.type                         'DECTRIS EIGER X 9M' 
_diffrn_detector.area_resol_mean              ? 
_diffrn_detector.dtime                        ? 
_diffrn_detector.pdbx_frames_total            ? 
_diffrn_detector.pdbx_collection_time_total   ? 
_diffrn_detector.pdbx_collection_date         2023-06-17 
_diffrn_detector.pdbx_frequency               ? 
_diffrn_detector.id                           ? 
_diffrn_detector.number_of_axes               ? 
# 
_diffrn_radiation.collimation                      ? 
_diffrn_radiation.diffrn_id                        1 
_diffrn_radiation.filter_edge                      ? 
_diffrn_radiation.inhomogeneity                    ? 
_diffrn_radiation.monochromator                    ? 
_diffrn_radiation.polarisn_norm                    ? 
_diffrn_radiation.polarisn_ratio                   ? 
_diffrn_radiation.probe                            ? 
_diffrn_radiation.type                             ? 
_diffrn_radiation.xray_symbol                      ? 
_diffrn_radiation.wavelength_id                    1 
_diffrn_radiation.pdbx_monochromatic_or_laue_m_l   M 
_diffrn_radiation.pdbx_wavelength_list             ? 
_diffrn_radiation.pdbx_wavelength                  ? 
_diffrn_radiation.pdbx_diffrn_protocol             'SINGLE WAVELENGTH' 
_diffrn_radiation.pdbx_analyzer                    ? 
_diffrn_radiation.pdbx_scattering_type             x-ray 
# 
_diffrn_radiation_wavelength.id           1 
_diffrn_radiation_wavelength.wavelength   0.920105 
_diffrn_radiation_wavelength.wt           1.0 
# 
_diffrn_source.current                     ? 
_diffrn_source.details                     ? 
_diffrn_source.diffrn_id                   1 
_diffrn_source.power                       ? 
_diffrn_source.size                        ? 
_diffrn_source.source                      SYNCHROTRON 
_diffrn_source.target                      ? 
_diffrn_source.type                        'APS BEAMLINE 17-ID' 
_diffrn_source.voltage                     ? 
_diffrn_source.take-off_angle              ? 
_diffrn_source.pdbx_wavelength_list        0.920105 
_diffrn_source.pdbx_wavelength             ? 
_diffrn_source.pdbx_synchrotron_beamline   17-ID 
_diffrn_source.pdbx_synchrotron_site       APS 
# 
_reflns.B_iso_Wilson_estimate                          38.91 
_reflns.entry_id                                       9Q5J 
_reflns.data_reduction_details                         ? 
_reflns.data_reduction_method                          ? 
_reflns.d_resolution_high                              1.87 
_reflns.d_resolution_low                               34.464 
_reflns.details                                        ? 
_reflns.limit_h_max                                    ? 
_reflns.limit_h_min                                    ? 
_reflns.limit_k_max                                    ? 
_reflns.limit_k_min                                    ? 
_reflns.limit_l_max                                    ? 
_reflns.limit_l_min                                    ? 
_reflns.number_all                                     ? 
_reflns.number_obs                                     6224 
_reflns.observed_criterion                             ? 
_reflns.observed_criterion_F_max                       ? 
_reflns.observed_criterion_F_min                       ? 
_reflns.observed_criterion_I_max                       ? 
_reflns.observed_criterion_I_min                       ? 
_reflns.observed_criterion_sigma_F                     ? 
_reflns.observed_criterion_sigma_I                     ? 
_reflns.percent_possible_obs                           89.4 
_reflns.R_free_details                                 ? 
_reflns.Rmerge_F_all                                   ? 
_reflns.Rmerge_F_obs                                   ? 
_reflns.Friedel_coverage                               ? 
_reflns.number_gt                                      ? 
_reflns.threshold_expression                           ? 
_reflns.pdbx_redundancy                                10.5 
_reflns.pdbx_netI_over_av_sigmaI                       ? 
_reflns.pdbx_netI_over_sigmaI                          8.2 
_reflns.pdbx_res_netI_over_av_sigmaI_2                 ? 
_reflns.pdbx_res_netI_over_sigmaI_2                    ? 
_reflns.pdbx_chi_squared                               ? 
_reflns.pdbx_scaling_rejects                           ? 
_reflns.pdbx_d_res_high_opt                            ? 
_reflns.pdbx_d_res_low_opt                             ? 
_reflns.pdbx_d_res_opt_method                          ? 
_reflns.phase_calculation_details                      ? 
_reflns.pdbx_Rrim_I_all                                ? 
_reflns.pdbx_Rpim_I_all                                ? 
_reflns.pdbx_d_opt                                     ? 
_reflns.pdbx_number_measured_all                       ? 
_reflns.pdbx_diffrn_id                                 1 
_reflns.pdbx_ordinal                                   1 
_reflns.pdbx_CC_half                                   0.995 
_reflns.pdbx_CC_star                                   ? 
_reflns.pdbx_R_split                                   ? 
_reflns.pdbx_Rmerge_I_obs                              ? 
_reflns.pdbx_Rmerge_I_all                              ? 
_reflns.pdbx_Rsym_value                                ? 
_reflns.pdbx_CC_split_method                           ? 
_reflns.pdbx_aniso_diffraction_limit_axis_1_ortho[1]   ? 
_reflns.pdbx_aniso_diffraction_limit_axis_1_ortho[2]   ? 
_reflns.pdbx_aniso_diffraction_limit_axis_1_ortho[3]   ? 
_reflns.pdbx_aniso_diffraction_limit_axis_2_ortho[1]   ? 
_reflns.pdbx_aniso_diffraction_limit_axis_2_ortho[2]   ? 
_reflns.pdbx_aniso_diffraction_limit_axis_2_ortho[3]   ? 
_reflns.pdbx_aniso_diffraction_limit_axis_3_ortho[1]   ? 
_reflns.pdbx_aniso_diffraction_limit_axis_3_ortho[2]   ? 
_reflns.pdbx_aniso_diffraction_limit_axis_3_ortho[3]   ? 
_reflns.pdbx_aniso_diffraction_limit_1                 ? 
_reflns.pdbx_aniso_diffraction_limit_2                 ? 
_reflns.pdbx_aniso_diffraction_limit_3                 ? 
_reflns.pdbx_aniso_B_tensor_eigenvector_1_ortho[1]     ? 
_reflns.pdbx_aniso_B_tensor_eigenvector_1_ortho[2]     ? 
_reflns.pdbx_aniso_B_tensor_eigenvector_1_ortho[3]     ? 
_reflns.pdbx_aniso_B_tensor_eigenvector_2_ortho[1]     ? 
_reflns.pdbx_aniso_B_tensor_eigenvector_2_ortho[2]     ? 
_reflns.pdbx_aniso_B_tensor_eigenvector_2_ortho[3]     ? 
_reflns.pdbx_aniso_B_tensor_eigenvector_3_ortho[1]     ? 
_reflns.pdbx_aniso_B_tensor_eigenvector_3_ortho[2]     ? 
_reflns.pdbx_aniso_B_tensor_eigenvector_3_ortho[3]     ? 
_reflns.pdbx_aniso_B_tensor_eigenvalue_1               ? 
_reflns.pdbx_aniso_B_tensor_eigenvalue_2               ? 
_reflns.pdbx_aniso_B_tensor_eigenvalue_3               ? 
_reflns.pdbx_orthogonalization_convention              ? 
_reflns.pdbx_percent_possible_ellipsoidal              ? 
_reflns.pdbx_percent_possible_spherical                ? 
_reflns.pdbx_percent_possible_ellipsoidal_anomalous    ? 
_reflns.pdbx_percent_possible_spherical_anomalous      ? 
_reflns.pdbx_redundancy_anomalous                      ? 
_reflns.pdbx_CC_half_anomalous                         ? 
_reflns.pdbx_absDiff_over_sigma_anomalous              ? 
_reflns.pdbx_percent_possible_anomalous                ? 
_reflns.pdbx_observed_signal_threshold                 ? 
_reflns.pdbx_signal_type                               ? 
_reflns.pdbx_signal_details                            ? 
_reflns.pdbx_signal_software_id                        ? 
# 
loop_
_reflns_shell.d_res_high 
_reflns_shell.d_res_low 
_reflns_shell.meanI_over_sigI_all 
_reflns_shell.meanI_over_sigI_obs 
_reflns_shell.number_measured_all 
_reflns_shell.number_measured_obs 
_reflns_shell.number_possible 
_reflns_shell.number_unique_all 
_reflns_shell.number_unique_obs 
_reflns_shell.percent_possible_obs 
_reflns_shell.Rmerge_F_all 
_reflns_shell.Rmerge_F_obs 
_reflns_shell.meanI_over_sigI_gt 
_reflns_shell.meanI_over_uI_all 
_reflns_shell.meanI_over_uI_gt 
_reflns_shell.number_measured_gt 
_reflns_shell.number_unique_gt 
_reflns_shell.percent_possible_gt 
_reflns_shell.Rmerge_F_gt 
_reflns_shell.Rmerge_I_gt 
_reflns_shell.pdbx_redundancy 
_reflns_shell.pdbx_chi_squared 
_reflns_shell.pdbx_netI_over_sigmaI_all 
_reflns_shell.pdbx_netI_over_sigmaI_obs 
_reflns_shell.pdbx_Rrim_I_all 
_reflns_shell.pdbx_Rpim_I_all 
_reflns_shell.pdbx_rejects 
_reflns_shell.pdbx_ordinal 
_reflns_shell.pdbx_diffrn_id 
_reflns_shell.pdbx_CC_half 
_reflns_shell.pdbx_CC_star 
_reflns_shell.pdbx_R_split 
_reflns_shell.percent_possible_all 
_reflns_shell.Rmerge_I_all 
_reflns_shell.Rmerge_I_obs 
_reflns_shell.pdbx_Rsym_value 
_reflns_shell.pdbx_percent_possible_ellipsoidal 
_reflns_shell.pdbx_percent_possible_spherical 
_reflns_shell.pdbx_percent_possible_ellipsoidal_anomalous 
_reflns_shell.pdbx_percent_possible_spherical_anomalous 
_reflns_shell.pdbx_redundancy_anomalous 
_reflns_shell.pdbx_CC_half_anomalous 
_reflns_shell.pdbx_absDiff_over_sigma_anomalous 
_reflns_shell.pdbx_percent_possible_anomalous 
1.873 2.063  ? ? ? ? ? ? 311 ? ? ? ? ? ? ? ? ? ? ? ? ? ? ? ? ? ? 1 1 0.361 ? ? ? ? ? ? ? ? ? ? ? ? ? ? 
5.659 34.464 ? ? ? ? ? ? 311 ? ? ? ? ? ? ? ? ? ? ? ? ? ? ? ? ? ? 2 1 0.994 ? ? ? ? ? ? ? ? ? ? ? ? ? ? 
# 
_refine.aniso_B[1][1]                            ? 
_refine.aniso_B[1][2]                            ? 
_refine.aniso_B[1][3]                            ? 
_refine.aniso_B[2][2]                            ? 
_refine.aniso_B[2][3]                            ? 
_refine.aniso_B[3][3]                            ? 
_refine.B_iso_max                                ? 
_refine.B_iso_mean                               57.87 
_refine.B_iso_min                                ? 
_refine.correlation_coeff_Fo_to_Fc               ? 
_refine.correlation_coeff_Fo_to_Fc_free          ? 
_refine.details                                  ? 
_refine.diff_density_max                         ? 
_refine.diff_density_max_esd                     ? 
_refine.diff_density_min                         ? 
_refine.diff_density_min_esd                     ? 
_refine.diff_density_rms                         ? 
_refine.diff_density_rms_esd                     ? 
_refine.entry_id                                 9Q5J 
_refine.pdbx_refine_id                           'X-RAY DIFFRACTION' 
_refine.ls_abs_structure_details                 ? 
_refine.ls_abs_structure_Flack                   ? 
_refine.ls_abs_structure_Flack_esd               ? 
_refine.ls_abs_structure_Rogers                  ? 
_refine.ls_abs_structure_Rogers_esd              ? 
_refine.ls_d_res_high                            1.87 
_refine.ls_d_res_low                             29.82 
_refine.ls_extinction_coef                       ? 
_refine.ls_extinction_coef_esd                   ? 
_refine.ls_extinction_expression                 ? 
_refine.ls_extinction_method                     ? 
_refine.ls_goodness_of_fit_all                   ? 
_refine.ls_goodness_of_fit_all_esd               ? 
_refine.ls_goodness_of_fit_obs                   ? 
_refine.ls_goodness_of_fit_obs_esd               ? 
_refine.ls_hydrogen_treatment                    ? 
_refine.ls_matrix_type                           ? 
_refine.ls_number_constraints                    ? 
_refine.ls_number_parameters                     ? 
_refine.ls_number_reflns_all                     ? 
_refine.ls_number_reflns_obs                     6166 
_refine.ls_number_reflns_R_free                  295 
_refine.ls_number_reflns_R_work                  5871 
_refine.ls_number_restraints                     ? 
_refine.ls_percent_reflns_obs                    71.11 
_refine.ls_percent_reflns_R_free                 4.78 
_refine.ls_R_factor_all                          ? 
_refine.ls_R_factor_obs                          0.2702 
_refine.ls_R_factor_R_free                       0.2719 
_refine.ls_R_factor_R_free_error                 ? 
_refine.ls_R_factor_R_free_error_details         ? 
_refine.ls_R_factor_R_work                       0.2701 
_refine.ls_R_Fsqd_factor_obs                     ? 
_refine.ls_R_I_factor_obs                        ? 
_refine.ls_redundancy_reflns_all                 ? 
_refine.ls_redundancy_reflns_obs                 ? 
_refine.ls_restrained_S_all                      ? 
_refine.ls_restrained_S_obs                      ? 
_refine.ls_shift_over_esd_max                    ? 
_refine.ls_shift_over_esd_mean                   ? 
_refine.ls_structure_factor_coef                 ? 
_refine.ls_weighting_details                     ? 
_refine.ls_weighting_scheme                      ? 
_refine.ls_wR_factor_all                         ? 
_refine.ls_wR_factor_obs                         ? 
_refine.ls_wR_factor_R_free                      ? 
_refine.ls_wR_factor_R_work                      ? 
_refine.occupancy_max                            ? 
_refine.occupancy_min                            ? 
_refine.solvent_model_details                    'FLAT BULK SOLVENT MODEL' 
_refine.solvent_model_param_bsol                 ? 
_refine.solvent_model_param_ksol                 ? 
_refine.correlation_coeff_I_to_Fcsqd_work        ? 
_refine.correlation_coeff_I_to_Fcsqd_free        ? 
_refine.pdbx_R_complete                          ? 
_refine.ls_R_factor_gt                           ? 
_refine.ls_goodness_of_fit_gt                    ? 
_refine.ls_goodness_of_fit_ref                   ? 
_refine.ls_shift_over_su_max                     ? 
_refine.ls_shift_over_su_max_lt                  ? 
_refine.ls_shift_over_su_mean                    ? 
_refine.ls_shift_over_su_mean_lt                 ? 
_refine.pdbx_ls_sigma_I                          ? 
_refine.pdbx_ls_sigma_F                          1.96 
_refine.pdbx_ls_sigma_Fsqd                       ? 
_refine.pdbx_data_cutoff_high_absF               ? 
_refine.pdbx_data_cutoff_high_rms_absF           ? 
_refine.pdbx_data_cutoff_low_absF                ? 
_refine.pdbx_isotropic_thermal_model             ? 
_refine.pdbx_ls_cross_valid_method               'FREE R-VALUE' 
_refine.pdbx_method_to_determine_struct          'MOLECULAR REPLACEMENT' 
_refine.pdbx_starting_model                      ? 
_refine.pdbx_stereochemistry_target_values       'GeoStd + Monomer Library + CDL v1.2' 
_refine.pdbx_R_Free_selection_details            ? 
_refine.pdbx_stereochem_target_val_spec_case     ? 
_refine.pdbx_overall_ESU_R                       ? 
_refine.pdbx_overall_ESU_R_Free                  ? 
_refine.pdbx_solvent_vdw_probe_radii             1.1000 
_refine.pdbx_solvent_ion_probe_radii             ? 
_refine.pdbx_solvent_shrinkage_radii             0.9000 
_refine.pdbx_real_space_R                        ? 
_refine.pdbx_density_correlation                 ? 
_refine.pdbx_pd_number_of_powder_patterns        ? 
_refine.pdbx_pd_number_of_points                 ? 
_refine.pdbx_pd_meas_number_of_points            ? 
_refine.pdbx_pd_proc_ls_prof_R_factor            ? 
_refine.pdbx_pd_proc_ls_prof_wR_factor           ? 
_refine.pdbx_pd_Marquardt_correlation_coeff      ? 
_refine.pdbx_pd_Fsqrd_R_factor                   ? 
_refine.pdbx_pd_ls_matrix_band_width             ? 
_refine.pdbx_overall_phase_error                 46.7199 
_refine.pdbx_overall_SU_R_free_Cruickshank_DPI   ? 
_refine.pdbx_overall_SU_R_free_Blow_DPI          ? 
_refine.pdbx_overall_SU_R_Blow_DPI               ? 
_refine.pdbx_TLS_residual_ADP_flag               ? 
_refine.pdbx_diffrn_id                           1 
_refine.overall_SU_B                             ? 
_refine.overall_SU_ML                            0.1426 
_refine.overall_SU_R_Cruickshank_DPI             ? 
_refine.overall_SU_R_free                        ? 
_refine.overall_FOM_free_R_set                   ? 
_refine.overall_FOM_work_R_set                   ? 
_refine.pdbx_average_fsc_overall                 ? 
_refine.pdbx_average_fsc_work                    ? 
_refine.pdbx_average_fsc_free                    ? 
# 
_refine_hist.pdbx_refine_id                   'X-RAY DIFFRACTION' 
_refine_hist.cycle_id                         LAST 
_refine_hist.details                          ? 
_refine_hist.d_res_high                       1.87 
_refine_hist.d_res_low                        29.82 
_refine_hist.number_atoms_solvent             9 
_refine_hist.number_atoms_total               495 
_refine_hist.number_reflns_all                ? 
_refine_hist.number_reflns_obs                ? 
_refine_hist.number_reflns_R_free             ? 
_refine_hist.number_reflns_R_work             ? 
_refine_hist.R_factor_all                     ? 
_refine_hist.R_factor_obs                     ? 
_refine_hist.R_factor_R_free                  ? 
_refine_hist.R_factor_R_work                  ? 
_refine_hist.pdbx_number_residues_total       ? 
_refine_hist.pdbx_B_iso_mean_ligand           ? 
_refine_hist.pdbx_B_iso_mean_solvent          ? 
_refine_hist.pdbx_number_atoms_protein        0 
_refine_hist.pdbx_number_atoms_nucleic_acid   486 
_refine_hist.pdbx_number_atoms_ligand         0 
_refine_hist.pdbx_number_atoms_lipid          ? 
_refine_hist.pdbx_number_atoms_carb           ? 
_refine_hist.pdbx_pseudo_atom_details         ? 
# 
loop_
_refine_ls_restr.pdbx_refine_id 
_refine_ls_restr.criterion 
_refine_ls_restr.dev_ideal 
_refine_ls_restr.dev_ideal_target 
_refine_ls_restr.number 
_refine_ls_restr.rejects 
_refine_ls_restr.type 
_refine_ls_restr.weight 
_refine_ls_restr.pdbx_Zscore 
_refine_ls_restr.pdbx_restraint_function 
'X-RAY DIFFRACTION' ? 0.0102  ? 542 ? f_bond_d           ? ? ? 
'X-RAY DIFFRACTION' ? 1.1914  ? 828 ? f_angle_d          ? ? ? 
'X-RAY DIFFRACTION' ? 0.0576  ? 94  ? f_chiral_restr     ? ? ? 
'X-RAY DIFFRACTION' ? 0.0082  ? 24  ? f_plane_restr      ? ? ? 
'X-RAY DIFFRACTION' ? 35.2442 ? 250 ? f_dihedral_angle_d ? ? ? 
# 
loop_
_refine_ls_shell.pdbx_refine_id 
_refine_ls_shell.d_res_high 
_refine_ls_shell.d_res_low 
_refine_ls_shell.number_reflns_all 
_refine_ls_shell.number_reflns_obs 
_refine_ls_shell.number_reflns_R_free 
_refine_ls_shell.number_reflns_R_work 
_refine_ls_shell.percent_reflns_obs 
_refine_ls_shell.percent_reflns_R_free 
_refine_ls_shell.R_factor_all 
_refine_ls_shell.R_factor_obs 
_refine_ls_shell.R_factor_R_free_error 
_refine_ls_shell.R_factor_R_work 
_refine_ls_shell.redundancy_reflns_all 
_refine_ls_shell.redundancy_reflns_obs 
_refine_ls_shell.wR_factor_all 
_refine_ls_shell.wR_factor_obs 
_refine_ls_shell.wR_factor_R_free 
_refine_ls_shell.wR_factor_R_work 
_refine_ls_shell.pdbx_R_complete 
_refine_ls_shell.correlation_coeff_Fo_to_Fc 
_refine_ls_shell.correlation_coeff_Fo_to_Fc_free 
_refine_ls_shell.correlation_coeff_I_to_Fcsqd_work 
_refine_ls_shell.correlation_coeff_I_to_Fcsqd_free 
_refine_ls_shell.pdbx_total_number_of_bins_used 
_refine_ls_shell.pdbx_phase_error 
_refine_ls_shell.pdbx_fsc_work 
_refine_ls_shell.pdbx_fsc_free 
_refine_ls_shell.R_factor_R_free 
'X-RAY DIFFRACTION' 1.87 2.36  . . 82  1804 43.56 . . . . 0.4084 . . . . . . . . . . . . . . . 0.4202 
'X-RAY DIFFRACTION' 2.36 29.82 . . 213 4067 98.64 . . . . 0.2585 . . . . . . . . . . . . . . . 0.2594 
# 
_struct.entry_id                     9Q5J 
_struct.title                        
'[12-5B G|A] 12 bp tensegrity triangle that propagates via blunt-end stacking with G stacking on A at the interface' 
_struct.pdbx_model_details           ? 
_struct.pdbx_formula_weight          ? 
_struct.pdbx_formula_weight_method   ? 
_struct.pdbx_model_type_details      ? 
_struct.pdbx_CASP_flag               N 
# 
_struct_keywords.entry_id        9Q5J 
_struct_keywords.text            'dna, tensegrity triangle, stacking, blunt' 
_struct_keywords.pdbx_keywords   DNA 
# 
loop_
_struct_asym.id 
_struct_asym.pdbx_blank_PDB_chainid_flag 
_struct_asym.pdbx_modified 
_struct_asym.entity_id 
_struct_asym.details 
A N N 1 ? 
B N N 2 ? 
C N N 3 ? 
D N N 4 ? 
E N N 5 ? 
F N N 5 ? 
G N N 5 ? 
H N N 5 ? 
# 
loop_
_struct_ref.id 
_struct_ref.db_name 
_struct_ref.db_code 
_struct_ref.pdbx_db_accession 
_struct_ref.pdbx_db_isoform 
_struct_ref.entity_id 
_struct_ref.pdbx_seq_one_letter_code 
_struct_ref.pdbx_align_begin 
1 PDB 9Q5J 9Q5J ? 1 ? 1 
2 PDB 9Q5J 9Q5J ? 2 ? 1 
3 PDB 9Q5J 9Q5J ? 3 ? 1 
4 PDB 9Q5J 9Q5J ? 4 ? 1 
# 
loop_
_struct_ref_seq.align_id 
_struct_ref_seq.ref_id 
_struct_ref_seq.pdbx_PDB_id_code 
_struct_ref_seq.pdbx_strand_id 
_struct_ref_seq.seq_align_beg 
_struct_ref_seq.pdbx_seq_align_beg_ins_code 
_struct_ref_seq.seq_align_end 
_struct_ref_seq.pdbx_seq_align_end_ins_code 
_struct_ref_seq.pdbx_db_accession 
_struct_ref_seq.db_align_beg 
_struct_ref_seq.pdbx_db_align_beg_ins_code 
_struct_ref_seq.db_align_end 
_struct_ref_seq.pdbx_db_align_end_ins_code 
_struct_ref_seq.pdbx_auth_seq_align_beg 
_struct_ref_seq.pdbx_auth_seq_align_end 
1 1 9Q5J A 1 ? 5 ? 9Q5J 7 ? 11 ? 7 11 
2 2 9Q5J B 1 ? 7 ? 9Q5J 1 ? 7  ? 1 7  
3 3 9Q5J C 1 ? 5 ? 9Q5J 1 ? 5  ? 1 5  
4 4 9Q5J D 1 ? 7 ? 9Q5J 5 ? 11 ? 5 11 
# 
_pdbx_struct_assembly.id                   1 
_pdbx_struct_assembly.details              author_defined_assembly 
_pdbx_struct_assembly.method_details       ? 
_pdbx_struct_assembly.oligomeric_details   dodecameric 
_pdbx_struct_assembly.oligomeric_count     12 
# 
loop_
_pdbx_struct_assembly_gen.assembly_id 
_pdbx_struct_assembly_gen.oper_expression 
_pdbx_struct_assembly_gen.asym_id_list 
1 1 A,B,C,D,E,F,G,H 
1 2 A,B,C,D,E,F,G,H 
1 3 A,B,C,D,E,F,G,H 
# 
_pdbx_struct_assembly_auth_evidence.id                     1 
_pdbx_struct_assembly_auth_evidence.assembly_id            1 
_pdbx_struct_assembly_auth_evidence.experimental_support   'native gel electrophoresis' 
_pdbx_struct_assembly_auth_evidence.details                ? 
# 
loop_
_pdbx_struct_oper_list.id 
_pdbx_struct_oper_list.type 
_pdbx_struct_oper_list.name 
_pdbx_struct_oper_list.symmetry_operation 
_pdbx_struct_oper_list.matrix[1][1] 
_pdbx_struct_oper_list.matrix[1][2] 
_pdbx_struct_oper_list.matrix[1][3] 
_pdbx_struct_oper_list.vector[1] 
_pdbx_struct_oper_list.matrix[2][1] 
_pdbx_struct_oper_list.matrix[2][2] 
_pdbx_struct_oper_list.matrix[2][3] 
_pdbx_struct_oper_list.vector[2] 
_pdbx_struct_oper_list.matrix[3][1] 
_pdbx_struct_oper_list.matrix[3][2] 
_pdbx_struct_oper_list.matrix[3][3] 
_pdbx_struct_oper_list.vector[3] 
1 'identity operation'         1_555 x,y,z           1.0000000000 0.0000000000  0.0000000000  0.0000000000   0.0000000000  1.0000000000  0.0000000000  0.0000000000   0.0000000000  0.0000000000  1.0000000000  0.0000000000  
2 'crystal symmetry operation' 2_544 -y,x-y-1,z-1/3  0.7004269309 -0.5734950939 -0.4248593788 -24.3673072848 -0.6233715675 -0.2016707623 -0.7554712387 -5.3971932687  0.3475773342  0.7939976581  -0.4987561687 15.0242789335 
3 'crystal symmetry operation' 3_655 -x+y+1,-x,z+1/3 0.7004269309 -0.6233715675 0.3475773342  8.4809626094   -0.5734950939 -0.2016707623 0.7939976581  -26.9922295460 -0.4248593788 -0.7554712387 -0.4987561687 -6.9366515210  
# 
loop_
_struct_conn.id 
_struct_conn.conn_type_id 
_struct_conn.pdbx_leaving_atom_flag 
_struct_conn.pdbx_PDB_id 
_struct_conn.ptnr1_label_asym_id 
_struct_conn.ptnr1_label_comp_id 
_struct_conn.ptnr1_label_seq_id 
_struct_conn.ptnr1_label_atom_id 
_struct_conn.pdbx_ptnr1_label_alt_id 
_struct_conn.pdbx_ptnr1_PDB_ins_code 
_struct_conn.pdbx_ptnr1_standard_comp_id 
_struct_conn.ptnr1_symmetry 
_struct_conn.ptnr2_label_asym_id 
_struct_conn.ptnr2_label_comp_id 
_struct_conn.ptnr2_label_seq_id 
_struct_conn.ptnr2_label_atom_id 
_struct_conn.pdbx_ptnr2_label_alt_id 
_struct_conn.pdbx_ptnr2_PDB_ins_code 
_struct_conn.ptnr1_auth_asym_id 
_struct_conn.ptnr1_auth_comp_id 
_struct_conn.ptnr1_auth_seq_id 
_struct_conn.ptnr2_auth_asym_id 
_struct_conn.ptnr2_auth_comp_id 
_struct_conn.ptnr2_auth_seq_id 
_struct_conn.ptnr2_symmetry 
_struct_conn.pdbx_ptnr3_label_atom_id 
_struct_conn.pdbx_ptnr3_label_seq_id 
_struct_conn.pdbx_ptnr3_label_comp_id 
_struct_conn.pdbx_ptnr3_label_asym_id 
_struct_conn.pdbx_ptnr3_label_alt_id 
_struct_conn.pdbx_ptnr3_PDB_ins_code 
_struct_conn.details 
_struct_conn.pdbx_dist_value 
_struct_conn.pdbx_value_order 
_struct_conn.pdbx_role 
hydrog1  hydrog ? ? A DG 1 N1 ? ? ? 1_555 D DC 7 N3 ? ? A DG 7  D DC 11 1_555 ? ? ? ? ? ? WATSON-CRICK ? ? ? 
hydrog2  hydrog ? ? A DG 1 N2 ? ? ? 1_555 D DC 7 O2 ? ? A DG 7  D DC 11 1_555 ? ? ? ? ? ? WATSON-CRICK ? ? ? 
hydrog3  hydrog ? ? A DG 1 O6 ? ? ? 1_555 D DC 7 N4 ? ? A DG 7  D DC 11 1_555 ? ? ? ? ? ? WATSON-CRICK ? ? ? 
hydrog4  hydrog ? ? A DT 2 N3 ? ? ? 1_555 D DA 6 N1 ? ? A DT 8  D DA 10 1_555 ? ? ? ? ? ? WATSON-CRICK ? ? ? 
hydrog5  hydrog ? ? A DT 2 O4 ? ? ? 1_555 D DA 6 N6 ? ? A DT 8  D DA 10 1_555 ? ? ? ? ? ? WATSON-CRICK ? ? ? 
hydrog6  hydrog ? ? A DC 3 N3 ? ? ? 1_555 D DG 5 N1 ? ? A DC 9  D DG 9  1_555 ? ? ? ? ? ? WATSON-CRICK ? ? ? 
hydrog7  hydrog ? ? A DC 3 N4 ? ? ? 1_555 D DG 5 O6 ? ? A DC 9  D DG 9  1_555 ? ? ? ? ? ? WATSON-CRICK ? ? ? 
hydrog8  hydrog ? ? A DC 3 O2 ? ? ? 1_555 D DG 5 N2 ? ? A DC 9  D DG 9  1_555 ? ? ? ? ? ? WATSON-CRICK ? ? ? 
hydrog9  hydrog ? ? A DT 4 N3 ? ? ? 1_555 C DA 2 N1 ? ? A DT 10 C DA 2  1_555 ? ? ? ? ? ? WATSON-CRICK ? ? ? 
hydrog10 hydrog ? ? A DT 4 O4 ? ? ? 1_555 C DA 2 N6 ? ? A DT 10 C DA 2  1_555 ? ? ? ? ? ? WATSON-CRICK ? ? ? 
hydrog11 hydrog ? ? A DG 5 N1 ? ? ? 1_555 C DC 1 N3 ? ? A DG 11 C DC 1  1_555 ? ? ? ? ? ? WATSON-CRICK ? ? ? 
hydrog12 hydrog ? ? A DG 5 N2 ? ? ? 1_555 C DC 1 O2 ? ? A DG 11 C DC 1  1_555 ? ? ? ? ? ? WATSON-CRICK ? ? ? 
hydrog13 hydrog ? ? A DG 5 O6 ? ? ? 1_555 C DC 1 N4 ? ? A DG 11 C DC 1  1_555 ? ? ? ? ? ? WATSON-CRICK ? ? ? 
hydrog14 hydrog ? ? B DA 1 N1 ? ? ? 1_555 C DT 5 N3 ? ? B DA 1  C DT 5  1_555 ? ? ? ? ? ? WATSON-CRICK ? ? ? 
hydrog15 hydrog ? ? B DA 1 N6 ? ? ? 1_555 C DT 5 O4 ? ? B DA 1  C DT 5  1_555 ? ? ? ? ? ? WATSON-CRICK ? ? ? 
hydrog16 hydrog ? ? B DG 2 N1 ? ? ? 1_555 C DC 4 N3 ? ? B DG 2  C DC 4  1_555 ? ? ? ? ? ? WATSON-CRICK ? ? ? 
hydrog17 hydrog ? ? B DG 2 N2 ? ? ? 1_555 C DC 4 O2 ? ? B DG 2  C DC 4  1_555 ? ? ? ? ? ? WATSON-CRICK ? ? ? 
hydrog18 hydrog ? ? B DG 2 O6 ? ? ? 1_555 C DC 4 N4 ? ? B DG 2  C DC 4  1_555 ? ? ? ? ? ? WATSON-CRICK ? ? ? 
hydrog19 hydrog ? ? B DG 3 N1 ? ? ? 1_555 C DC 3 N3 ? ? B DG 3  C DC 3  1_555 ? ? ? ? ? ? WATSON-CRICK ? ? ? 
hydrog20 hydrog ? ? B DG 3 N2 ? ? ? 1_555 C DC 3 O2 ? ? B DG 3  C DC 3  1_555 ? ? ? ? ? ? WATSON-CRICK ? ? ? 
hydrog21 hydrog ? ? B DG 3 O6 ? ? ? 1_555 C DC 3 N4 ? ? B DG 3  C DC 3  1_555 ? ? ? ? ? ? WATSON-CRICK ? ? ? 
hydrog22 hydrog ? ? B DA 4 N1 ? ? ? 1_555 D DT 4 N3 ? ? B DA 4  D DT 8  1_555 ? ? ? ? ? ? WATSON-CRICK ? ? ? 
hydrog23 hydrog ? ? B DA 4 N6 ? ? ? 1_555 D DT 4 O4 ? ? B DA 4  D DT 8  1_555 ? ? ? ? ? ? WATSON-CRICK ? ? ? 
hydrog24 hydrog ? ? B DC 5 N3 ? ? ? 1_555 D DG 3 N1 ? ? B DC 5  D DG 7  1_555 ? ? ? ? ? ? WATSON-CRICK ? ? ? 
hydrog25 hydrog ? ? B DC 5 N4 ? ? ? 1_555 D DG 3 O6 ? ? B DC 5  D DG 7  1_555 ? ? ? ? ? ? WATSON-CRICK ? ? ? 
hydrog26 hydrog ? ? B DC 5 O2 ? ? ? 1_555 D DG 3 N2 ? ? B DC 5  D DG 7  1_555 ? ? ? ? ? ? WATSON-CRICK ? ? ? 
hydrog27 hydrog ? ? B DT 6 N3 ? ? ? 1_555 D DA 2 N1 ? ? B DT 6  D DA 6  1_555 ? ? ? ? ? ? WATSON-CRICK ? ? ? 
hydrog28 hydrog ? ? B DT 6 O4 ? ? ? 1_555 D DA 2 N6 ? ? B DT 6  D DA 6  1_555 ? ? ? ? ? ? WATSON-CRICK ? ? ? 
hydrog29 hydrog ? ? B DA 7 N1 ? ? ? 1_555 D DT 1 N3 ? ? B DA 7  D DT 5  1_555 ? ? ? ? ? ? WATSON-CRICK ? ? ? 
hydrog30 hydrog ? ? B DA 7 N6 ? ? ? 1_555 D DT 1 O4 ? ? B DA 7  D DT 5  1_555 ? ? ? ? ? ? WATSON-CRICK ? ? ? 
# 
_struct_conn_type.id          hydrog 
_struct_conn_type.criteria    ? 
_struct_conn_type.reference   ? 
# 
_pdbx_entry_details.entry_id                   9Q5J 
_pdbx_entry_details.compound_details           ? 
_pdbx_entry_details.source_details             ? 
_pdbx_entry_details.nonpolymer_details         ? 
_pdbx_entry_details.sequence_details           ? 
_pdbx_entry_details.has_ligand_of_interest     ? 
_pdbx_entry_details.has_protein_modification   N 
# 
_pdbx_validate_rmsd_bond.id                        1 
_pdbx_validate_rmsd_bond.PDB_model_num             1 
_pdbx_validate_rmsd_bond.auth_atom_id_1            "O3'" 
_pdbx_validate_rmsd_bond.auth_asym_id_1            D 
_pdbx_validate_rmsd_bond.auth_comp_id_1            DA 
_pdbx_validate_rmsd_bond.auth_seq_id_1             6 
_pdbx_validate_rmsd_bond.PDB_ins_code_1            ? 
_pdbx_validate_rmsd_bond.label_alt_id_1            ? 
_pdbx_validate_rmsd_bond.auth_atom_id_2            "C3'" 
_pdbx_validate_rmsd_bond.auth_asym_id_2            D 
_pdbx_validate_rmsd_bond.auth_comp_id_2            DA 
_pdbx_validate_rmsd_bond.auth_seq_id_2             6 
_pdbx_validate_rmsd_bond.PDB_ins_code_2            ? 
_pdbx_validate_rmsd_bond.label_alt_id_2            ? 
_pdbx_validate_rmsd_bond.bond_value                1.379 
_pdbx_validate_rmsd_bond.bond_target_value         1.419 
_pdbx_validate_rmsd_bond.bond_deviation            -0.040 
_pdbx_validate_rmsd_bond.bond_standard_deviation   0.006 
_pdbx_validate_rmsd_bond.linker_flag               N 
# 
loop_
_pdbx_validate_rmsd_angle.id 
_pdbx_validate_rmsd_angle.PDB_model_num 
_pdbx_validate_rmsd_angle.auth_atom_id_1 
_pdbx_validate_rmsd_angle.auth_asym_id_1 
_pdbx_validate_rmsd_angle.auth_comp_id_1 
_pdbx_validate_rmsd_angle.auth_seq_id_1 
_pdbx_validate_rmsd_angle.PDB_ins_code_1 
_pdbx_validate_rmsd_angle.label_alt_id_1 
_pdbx_validate_rmsd_angle.auth_atom_id_2 
_pdbx_validate_rmsd_angle.auth_asym_id_2 
_pdbx_validate_rmsd_angle.auth_comp_id_2 
_pdbx_validate_rmsd_angle.auth_seq_id_2 
_pdbx_validate_rmsd_angle.PDB_ins_code_2 
_pdbx_validate_rmsd_angle.label_alt_id_2 
_pdbx_validate_rmsd_angle.auth_atom_id_3 
_pdbx_validate_rmsd_angle.auth_asym_id_3 
_pdbx_validate_rmsd_angle.auth_comp_id_3 
_pdbx_validate_rmsd_angle.auth_seq_id_3 
_pdbx_validate_rmsd_angle.PDB_ins_code_3 
_pdbx_validate_rmsd_angle.label_alt_id_3 
_pdbx_validate_rmsd_angle.angle_value 
_pdbx_validate_rmsd_angle.angle_target_value 
_pdbx_validate_rmsd_angle.angle_deviation 
_pdbx_validate_rmsd_angle.angle_standard_deviation 
_pdbx_validate_rmsd_angle.linker_flag 
1 1 "O4'" B DC 5 ? ? "C1'" B DC 5 ? ? N1    B DC 5 ? ? 110.45 108.30 2.15  0.30 N 
2 1 "O4'" C DT 5 ? ? "C4'" C DT 5 ? ? "C3'" C DT 5 ? ? 101.54 104.50 -2.96 0.40 N 
# 
loop_
_space_group_symop.id 
_space_group_symop.operation_xyz 
1 x,y,z         
2 -y,x-y,z+2/3  
3 -x+y,-x,z+1/3 
# 
loop_
_pdbx_refine_tls.id 
_pdbx_refine_tls.pdbx_refine_id 
_pdbx_refine_tls.details 
_pdbx_refine_tls.method 
_pdbx_refine_tls.origin_x 
_pdbx_refine_tls.origin_y 
_pdbx_refine_tls.origin_z 
_pdbx_refine_tls.T[1][1] 
_pdbx_refine_tls.T[1][1]_esd 
_pdbx_refine_tls.T[1][2] 
_pdbx_refine_tls.T[1][2]_esd 
_pdbx_refine_tls.T[1][3] 
_pdbx_refine_tls.T[1][3]_esd 
_pdbx_refine_tls.T[2][2] 
_pdbx_refine_tls.T[2][2]_esd 
_pdbx_refine_tls.T[2][3] 
_pdbx_refine_tls.T[2][3]_esd 
_pdbx_refine_tls.T[3][3] 
_pdbx_refine_tls.T[3][3]_esd 
_pdbx_refine_tls.L[1][1] 
_pdbx_refine_tls.L[1][1]_esd 
_pdbx_refine_tls.L[1][2] 
_pdbx_refine_tls.L[1][2]_esd 
_pdbx_refine_tls.L[1][3] 
_pdbx_refine_tls.L[1][3]_esd 
_pdbx_refine_tls.L[2][2] 
_pdbx_refine_tls.L[2][2]_esd 
_pdbx_refine_tls.L[2][3] 
_pdbx_refine_tls.L[2][3]_esd 
_pdbx_refine_tls.L[3][3] 
_pdbx_refine_tls.L[3][3]_esd 
_pdbx_refine_tls.S[1][1] 
_pdbx_refine_tls.S[1][1]_esd 
_pdbx_refine_tls.S[1][2] 
_pdbx_refine_tls.S[1][2]_esd 
_pdbx_refine_tls.S[1][3] 
_pdbx_refine_tls.S[1][3]_esd 
_pdbx_refine_tls.S[2][1] 
_pdbx_refine_tls.S[2][1]_esd 
_pdbx_refine_tls.S[2][2] 
_pdbx_refine_tls.S[2][2]_esd 
_pdbx_refine_tls.S[2][3] 
_pdbx_refine_tls.S[2][3]_esd 
_pdbx_refine_tls.S[3][1] 
_pdbx_refine_tls.S[3][1]_esd 
_pdbx_refine_tls.S[3][2] 
_pdbx_refine_tls.S[3][2]_esd 
_pdbx_refine_tls.S[3][3] 
_pdbx_refine_tls.S[3][3]_esd 
1 'X-RAY DIFFRACTION' ? refined 12.8472795880  -7.33835414896 -0.5680430328  0.500000465206 ? -0.082023651731 ? 0.113101594093 ? 0.45651092320  ? -0.111582119145 ? 1.10818733212  ? 0.54856330935 ? -1.53231327356  ? 0.40689518681   ? 4.40593009902  ? -0.19819662144 ? 6.25931352834 ? 0.054366106097  ? -0.368852769300 ? 0.746737277651  ? 0.135713269626  ? -0.03534654980  ? -0.143685076734 ? 0.229771352445  ? 1.149611911842  ? -0.374086942360 ? 
2 'X-RAY DIFFRACTION' ? refined -8.98188370989 4.75802983552  0.94258413089  0.471208735745 ? -0.041864575932 ? 0.173161403890 ? 0.657233329138 ? 0.268521617530  ? 0.71258055665  ? 1.17415111408 ? -1.15402842704  ? 2.02853594850   ? 10.01237666789 ? -1.4060203017  ? 3.46517401970 ? 0.130137430739  ? -0.306838770614 ? -0.622457147737 ? 0.712663071271  ? -0.340713322352 ? -0.013088979747 ? 0.128102407312  ? -0.58975347847  ? 0.12679722470   ? 
3 'X-RAY DIFFRACTION' ? refined -0.44602828053 4.45984195901  -2.73007369135 0.077243631088 ? -0.224232806990 ? 0.128094935605 ? 0.467919223234 ? 0.062223083199  ? 0.451557894026 ? 1.47207452996 ? -1.606900427282 ? -2.06096945961  ? 5.87463519705  ? 1.70305092163  ? 2.89225770860 ? 0.003193433152  ? 0.197908000456  ? -0.28054054149  ? -0.846608568157 ? -0.146861673066 ? 0.321908395390  ? -0.615298797258 ? -0.464488246382 ? -0.586702621092 ? 
4 'X-RAY DIFFRACTION' ? refined 0.4055268715   -2.67130774808 1.32161860236  0.378565530848 ? -0.093882531793 ? 0.033264822683 ? 0.568558611752 ? 0.105879016746  ? 0.587623065095 ? 3.60837775507 ? 0.389275845397  ? -0.549754972298 ? 4.67900595861  ? 2.04535005679  ? 3.00422559236 ? -0.180722326962 ? -0.519809878132 ? -0.773885780586 ? 0.438087950275  ? 0.40693622055   ? -0.019348430153 ? 0.851169112456  ? -0.068218090270 ? -1.345258566471 ? 
# 
loop_
_pdbx_refine_tls_group.id 
_pdbx_refine_tls_group.pdbx_refine_id 
_pdbx_refine_tls_group.refine_tls_id 
_pdbx_refine_tls_group.beg_label_asym_id 
_pdbx_refine_tls_group.beg_label_seq_id 
_pdbx_refine_tls_group.beg_auth_asym_id 
_pdbx_refine_tls_group.beg_auth_seq_id 
_pdbx_refine_tls_group.beg_PDB_ins_code 
_pdbx_refine_tls_group.end_label_asym_id 
_pdbx_refine_tls_group.end_label_seq_id 
_pdbx_refine_tls_group.end_auth_asym_id 
_pdbx_refine_tls_group.end_auth_seq_id 
_pdbx_refine_tls_group.end_PDB_ins_code 
_pdbx_refine_tls_group.selection 
_pdbx_refine_tls_group.selection_details 
1 'X-RAY DIFFRACTION' 1 A ? A 7 ? A ? A 11 ? ? 
;(chain 'A' and resid 7 through 11)
;
2 'X-RAY DIFFRACTION' 2 B ? B 1 ? B ? B 7  ? ? 
;(chain 'B' and resid 1 through 7)
;
3 'X-RAY DIFFRACTION' 3 C ? C 1 ? C ? C 5  ? ? 
;(chain 'C' and resid 1 through 5)
;
4 'X-RAY DIFFRACTION' 4 D ? D 5 ? D ? D 11 ? ? 
;(chain 'D' and resid 5 through 11)
;
# 
loop_
_chem_comp_atom.comp_id 
_chem_comp_atom.atom_id 
_chem_comp_atom.type_symbol 
_chem_comp_atom.pdbx_aromatic_flag 
_chem_comp_atom.pdbx_stereo_config 
_chem_comp_atom.pdbx_ordinal 
DA  OP3    O N N 1   
DA  P      P N N 2   
DA  OP1    O N N 3   
DA  OP2    O N N 4   
DA  "O5'"  O N N 5   
DA  "C5'"  C N N 6   
DA  "C4'"  C N R 7   
DA  "O4'"  O N N 8   
DA  "C3'"  C N S 9   
DA  "O3'"  O N N 10  
DA  "C2'"  C N N 11  
DA  "C1'"  C N R 12  
DA  N9     N Y N 13  
DA  C8     C Y N 14  
DA  N7     N Y N 15  
DA  C5     C Y N 16  
DA  C6     C Y N 17  
DA  N6     N N N 18  
DA  N1     N Y N 19  
DA  C2     C Y N 20  
DA  N3     N Y N 21  
DA  C4     C Y N 22  
DA  HOP3   H N N 23  
DA  HOP2   H N N 24  
DA  "H5'"  H N N 25  
DA  "H5''" H N N 26  
DA  "H4'"  H N N 27  
DA  "H3'"  H N N 28  
DA  "HO3'" H N N 29  
DA  "H2'"  H N N 30  
DA  "H2''" H N N 31  
DA  "H1'"  H N N 32  
DA  H8     H N N 33  
DA  H61    H N N 34  
DA  H62    H N N 35  
DA  H2     H N N 36  
DC  OP3    O N N 37  
DC  P      P N N 38  
DC  OP1    O N N 39  
DC  OP2    O N N 40  
DC  "O5'"  O N N 41  
DC  "C5'"  C N N 42  
DC  "C4'"  C N R 43  
DC  "O4'"  O N N 44  
DC  "C3'"  C N S 45  
DC  "O3'"  O N N 46  
DC  "C2'"  C N N 47  
DC  "C1'"  C N R 48  
DC  N1     N N N 49  
DC  C2     C N N 50  
DC  O2     O N N 51  
DC  N3     N N N 52  
DC  C4     C N N 53  
DC  N4     N N N 54  
DC  C5     C N N 55  
DC  C6     C N N 56  
DC  HOP3   H N N 57  
DC  HOP2   H N N 58  
DC  "H5'"  H N N 59  
DC  "H5''" H N N 60  
DC  "H4'"  H N N 61  
DC  "H3'"  H N N 62  
DC  "HO3'" H N N 63  
DC  "H2'"  H N N 64  
DC  "H2''" H N N 65  
DC  "H1'"  H N N 66  
DC  H41    H N N 67  
DC  H42    H N N 68  
DC  H5     H N N 69  
DC  H6     H N N 70  
DG  OP3    O N N 71  
DG  P      P N N 72  
DG  OP1    O N N 73  
DG  OP2    O N N 74  
DG  "O5'"  O N N 75  
DG  "C5'"  C N N 76  
DG  "C4'"  C N R 77  
DG  "O4'"  O N N 78  
DG  "C3'"  C N S 79  
DG  "O3'"  O N N 80  
DG  "C2'"  C N N 81  
DG  "C1'"  C N R 82  
DG  N9     N Y N 83  
DG  C8     C Y N 84  
DG  N7     N Y N 85  
DG  C5     C Y N 86  
DG  C6     C N N 87  
DG  O6     O N N 88  
DG  N1     N N N 89  
DG  C2     C N N 90  
DG  N2     N N N 91  
DG  N3     N N N 92  
DG  C4     C Y N 93  
DG  HOP3   H N N 94  
DG  HOP2   H N N 95  
DG  "H5'"  H N N 96  
DG  "H5''" H N N 97  
DG  "H4'"  H N N 98  
DG  "H3'"  H N N 99  
DG  "HO3'" H N N 100 
DG  "H2'"  H N N 101 
DG  "H2''" H N N 102 
DG  "H1'"  H N N 103 
DG  H8     H N N 104 
DG  H1     H N N 105 
DG  H21    H N N 106 
DG  H22    H N N 107 
DT  OP3    O N N 108 
DT  P      P N N 109 
DT  OP1    O N N 110 
DT  OP2    O N N 111 
DT  "O5'"  O N N 112 
DT  "C5'"  C N N 113 
DT  "C4'"  C N R 114 
DT  "O4'"  O N N 115 
DT  "C3'"  C N S 116 
DT  "O3'"  O N N 117 
DT  "C2'"  C N N 118 
DT  "C1'"  C N R 119 
DT  N1     N N N 120 
DT  C2     C N N 121 
DT  O2     O N N 122 
DT  N3     N N N 123 
DT  C4     C N N 124 
DT  O4     O N N 125 
DT  C5     C N N 126 
DT  C7     C N N 127 
DT  C6     C N N 128 
DT  HOP3   H N N 129 
DT  HOP2   H N N 130 
DT  "H5'"  H N N 131 
DT  "H5''" H N N 132 
DT  "H4'"  H N N 133 
DT  "H3'"  H N N 134 
DT  "HO3'" H N N 135 
DT  "H2'"  H N N 136 
DT  "H2''" H N N 137 
DT  "H1'"  H N N 138 
DT  H3     H N N 139 
DT  H71    H N N 140 
DT  H72    H N N 141 
DT  H73    H N N 142 
DT  H6     H N N 143 
HOH O      O N N 144 
HOH H1     H N N 145 
HOH H2     H N N 146 
# 
loop_
_chem_comp_bond.comp_id 
_chem_comp_bond.atom_id_1 
_chem_comp_bond.atom_id_2 
_chem_comp_bond.value_order 
_chem_comp_bond.pdbx_aromatic_flag 
_chem_comp_bond.pdbx_stereo_config 
_chem_comp_bond.pdbx_ordinal 
DA  OP3   P      sing N N 1   
DA  OP3   HOP3   sing N N 2   
DA  P     OP1    doub N N 3   
DA  P     OP2    sing N N 4   
DA  P     "O5'"  sing N N 5   
DA  OP2   HOP2   sing N N 6   
DA  "O5'" "C5'"  sing N N 7   
DA  "C5'" "C4'"  sing N N 8   
DA  "C5'" "H5'"  sing N N 9   
DA  "C5'" "H5''" sing N N 10  
DA  "C4'" "O4'"  sing N N 11  
DA  "C4'" "C3'"  sing N N 12  
DA  "C4'" "H4'"  sing N N 13  
DA  "O4'" "C1'"  sing N N 14  
DA  "C3'" "O3'"  sing N N 15  
DA  "C3'" "C2'"  sing N N 16  
DA  "C3'" "H3'"  sing N N 17  
DA  "O3'" "HO3'" sing N N 18  
DA  "C2'" "C1'"  sing N N 19  
DA  "C2'" "H2'"  sing N N 20  
DA  "C2'" "H2''" sing N N 21  
DA  "C1'" N9     sing N N 22  
DA  "C1'" "H1'"  sing N N 23  
DA  N9    C8     sing Y N 24  
DA  N9    C4     sing Y N 25  
DA  C8    N7     doub Y N 26  
DA  C8    H8     sing N N 27  
DA  N7    C5     sing Y N 28  
DA  C5    C6     sing Y N 29  
DA  C5    C4     doub Y N 30  
DA  C6    N6     sing N N 31  
DA  C6    N1     doub Y N 32  
DA  N6    H61    sing N N 33  
DA  N6    H62    sing N N 34  
DA  N1    C2     sing Y N 35  
DA  C2    N3     doub Y N 36  
DA  C2    H2     sing N N 37  
DA  N3    C4     sing Y N 38  
DC  OP3   P      sing N N 39  
DC  OP3   HOP3   sing N N 40  
DC  P     OP1    doub N N 41  
DC  P     OP2    sing N N 42  
DC  P     "O5'"  sing N N 43  
DC  OP2   HOP2   sing N N 44  
DC  "O5'" "C5'"  sing N N 45  
DC  "C5'" "C4'"  sing N N 46  
DC  "C5'" "H5'"  sing N N 47  
DC  "C5'" "H5''" sing N N 48  
DC  "C4'" "O4'"  sing N N 49  
DC  "C4'" "C3'"  sing N N 50  
DC  "C4'" "H4'"  sing N N 51  
DC  "O4'" "C1'"  sing N N 52  
DC  "C3'" "O3'"  sing N N 53  
DC  "C3'" "C2'"  sing N N 54  
DC  "C3'" "H3'"  sing N N 55  
DC  "O3'" "HO3'" sing N N 56  
DC  "C2'" "C1'"  sing N N 57  
DC  "C2'" "H2'"  sing N N 58  
DC  "C2'" "H2''" sing N N 59  
DC  "C1'" N1     sing N N 60  
DC  "C1'" "H1'"  sing N N 61  
DC  N1    C2     sing N N 62  
DC  N1    C6     sing N N 63  
DC  C2    O2     doub N N 64  
DC  C2    N3     sing N N 65  
DC  N3    C4     doub N N 66  
DC  C4    N4     sing N N 67  
DC  C4    C5     sing N N 68  
DC  N4    H41    sing N N 69  
DC  N4    H42    sing N N 70  
DC  C5    C6     doub N N 71  
DC  C5    H5     sing N N 72  
DC  C6    H6     sing N N 73  
DG  OP3   P      sing N N 74  
DG  OP3   HOP3   sing N N 75  
DG  P     OP1    doub N N 76  
DG  P     OP2    sing N N 77  
DG  P     "O5'"  sing N N 78  
DG  OP2   HOP2   sing N N 79  
DG  "O5'" "C5'"  sing N N 80  
DG  "C5'" "C4'"  sing N N 81  
DG  "C5'" "H5'"  sing N N 82  
DG  "C5'" "H5''" sing N N 83  
DG  "C4'" "O4'"  sing N N 84  
DG  "C4'" "C3'"  sing N N 85  
DG  "C4'" "H4'"  sing N N 86  
DG  "O4'" "C1'"  sing N N 87  
DG  "C3'" "O3'"  sing N N 88  
DG  "C3'" "C2'"  sing N N 89  
DG  "C3'" "H3'"  sing N N 90  
DG  "O3'" "HO3'" sing N N 91  
DG  "C2'" "C1'"  sing N N 92  
DG  "C2'" "H2'"  sing N N 93  
DG  "C2'" "H2''" sing N N 94  
DG  "C1'" N9     sing N N 95  
DG  "C1'" "H1'"  sing N N 96  
DG  N9    C8     sing Y N 97  
DG  N9    C4     sing Y N 98  
DG  C8    N7     doub Y N 99  
DG  C8    H8     sing N N 100 
DG  N7    C5     sing Y N 101 
DG  C5    C6     sing N N 102 
DG  C5    C4     doub Y N 103 
DG  C6    O6     doub N N 104 
DG  C6    N1     sing N N 105 
DG  N1    C2     sing N N 106 
DG  N1    H1     sing N N 107 
DG  C2    N2     sing N N 108 
DG  C2    N3     doub N N 109 
DG  N2    H21    sing N N 110 
DG  N2    H22    sing N N 111 
DG  N3    C4     sing N N 112 
DT  OP3   P      sing N N 113 
DT  OP3   HOP3   sing N N 114 
DT  P     OP1    doub N N 115 
DT  P     OP2    sing N N 116 
DT  P     "O5'"  sing N N 117 
DT  OP2   HOP2   sing N N 118 
DT  "O5'" "C5'"  sing N N 119 
DT  "C5'" "C4'"  sing N N 120 
DT  "C5'" "H5'"  sing N N 121 
DT  "C5'" "H5''" sing N N 122 
DT  "C4'" "O4'"  sing N N 123 
DT  "C4'" "C3'"  sing N N 124 
DT  "C4'" "H4'"  sing N N 125 
DT  "O4'" "C1'"  sing N N 126 
DT  "C3'" "O3'"  sing N N 127 
DT  "C3'" "C2'"  sing N N 128 
DT  "C3'" "H3'"  sing N N 129 
DT  "O3'" "HO3'" sing N N 130 
DT  "C2'" "C1'"  sing N N 131 
DT  "C2'" "H2'"  sing N N 132 
DT  "C2'" "H2''" sing N N 133 
DT  "C1'" N1     sing N N 134 
DT  "C1'" "H1'"  sing N N 135 
DT  N1    C2     sing N N 136 
DT  N1    C6     sing N N 137 
DT  C2    O2     doub N N 138 
DT  C2    N3     sing N N 139 
DT  N3    C4     sing N N 140 
DT  N3    H3     sing N N 141 
DT  C4    O4     doub N N 142 
DT  C4    C5     sing N N 143 
DT  C5    C7     sing N N 144 
DT  C5    C6     doub N N 145 
DT  C7    H71    sing N N 146 
DT  C7    H72    sing N N 147 
DT  C7    H73    sing N N 148 
DT  C6    H6     sing N N 149 
HOH O     H1     sing N N 150 
HOH O     H2     sing N N 151 
# 
loop_
_ndb_struct_conf_na.entry_id 
_ndb_struct_conf_na.feature 
9Q5J 'double helix'        
9Q5J 'b-form double helix' 
# 
loop_
_ndb_struct_na_base_pair.model_number 
_ndb_struct_na_base_pair.i_label_asym_id 
_ndb_struct_na_base_pair.i_label_comp_id 
_ndb_struct_na_base_pair.i_label_seq_id 
_ndb_struct_na_base_pair.i_symmetry 
_ndb_struct_na_base_pair.j_label_asym_id 
_ndb_struct_na_base_pair.j_label_comp_id 
_ndb_struct_na_base_pair.j_label_seq_id 
_ndb_struct_na_base_pair.j_symmetry 
_ndb_struct_na_base_pair.shear 
_ndb_struct_na_base_pair.stretch 
_ndb_struct_na_base_pair.stagger 
_ndb_struct_na_base_pair.buckle 
_ndb_struct_na_base_pair.propeller 
_ndb_struct_na_base_pair.opening 
_ndb_struct_na_base_pair.pair_number 
_ndb_struct_na_base_pair.pair_name 
_ndb_struct_na_base_pair.i_auth_asym_id 
_ndb_struct_na_base_pair.i_auth_seq_id 
_ndb_struct_na_base_pair.i_PDB_ins_code 
_ndb_struct_na_base_pair.j_auth_asym_id 
_ndb_struct_na_base_pair.j_auth_seq_id 
_ndb_struct_na_base_pair.j_PDB_ins_code 
_ndb_struct_na_base_pair.hbond_type_28 
_ndb_struct_na_base_pair.hbond_type_12 
1 A DG 1 1_555 D DC 7 1_555 -0.220 -0.142 0.292  7.333  -3.990  -0.726 1  A_DG7:DC11_D A 7  ? D 11 ? 19 1 
1 A DT 2 1_555 D DA 6 1_555 -0.478 -0.164 0.087  2.897  -10.019 -1.501 2  A_DT8:DA10_D A 8  ? D 10 ? 20 1 
1 A DC 3 1_555 D DG 5 1_555 0.196  -0.132 0.295  2.060  -8.700  -1.078 3  A_DC9:DG9_D  A 9  ? D 9  ? 19 1 
1 A DT 4 1_555 C DA 2 1_555 -0.182 0.037  -0.218 -7.768 -7.304  2.095  4  A_DT10:DA2_C A 10 ? C 2  ? 20 1 
1 A DG 5 1_555 C DC 1 1_555 -0.239 -0.145 -0.029 4.752  -5.670  3.395  5  A_DG11:DC1_C A 11 ? C 1  ? 19 1 
1 B DA 1 1_555 C DT 5 1_555 0.256  -0.144 0.293  11.201 -11.749 -6.435 6  B_DA1:DT5_C  B 1  ? C 5  ? 20 1 
1 B DG 2 1_555 C DC 4 1_555 -0.117 -0.049 0.103  8.276  -10.745 -1.104 7  B_DG2:DC4_C  B 2  ? C 4  ? 19 1 
1 B DG 3 1_555 C DC 3 1_555 -0.206 -0.166 0.040  1.436  -16.326 1.515  8  B_DG3:DC3_C  B 3  ? C 3  ? 19 1 
1 B DA 4 1_555 D DT 4 1_555 0.111  -0.166 -0.293 -1.603 -9.796  -0.645 9  B_DA4:DT8_D  B 4  ? D 8  ? 20 1 
1 B DC 5 1_555 D DG 3 1_555 0.233  -0.149 -0.045 6.749  -8.708  2.507  10 B_DC5:DG7_D  B 5  ? D 7  ? 19 1 
1 B DT 6 1_555 D DA 2 1_555 -0.386 -0.334 -0.309 6.335  -11.187 -8.952 11 B_DT6:DA6_D  B 6  ? D 6  ? 20 1 
1 B DA 7 1_555 D DT 1 1_555 0.266  -0.070 0.225  5.354  -6.360  -2.741 12 B_DA7:DT5_D  B 7  ? D 5  ? 20 1 
# 
loop_
_ndb_struct_na_base_pair_step.model_number 
_ndb_struct_na_base_pair_step.i_label_asym_id_1 
_ndb_struct_na_base_pair_step.i_label_comp_id_1 
_ndb_struct_na_base_pair_step.i_label_seq_id_1 
_ndb_struct_na_base_pair_step.i_symmetry_1 
_ndb_struct_na_base_pair_step.j_label_asym_id_1 
_ndb_struct_na_base_pair_step.j_label_comp_id_1 
_ndb_struct_na_base_pair_step.j_label_seq_id_1 
_ndb_struct_na_base_pair_step.j_symmetry_1 
_ndb_struct_na_base_pair_step.i_label_asym_id_2 
_ndb_struct_na_base_pair_step.i_label_comp_id_2 
_ndb_struct_na_base_pair_step.i_label_seq_id_2 
_ndb_struct_na_base_pair_step.i_symmetry_2 
_ndb_struct_na_base_pair_step.j_label_asym_id_2 
_ndb_struct_na_base_pair_step.j_label_comp_id_2 
_ndb_struct_na_base_pair_step.j_label_seq_id_2 
_ndb_struct_na_base_pair_step.j_symmetry_2 
_ndb_struct_na_base_pair_step.shift 
_ndb_struct_na_base_pair_step.slide 
_ndb_struct_na_base_pair_step.rise 
_ndb_struct_na_base_pair_step.tilt 
_ndb_struct_na_base_pair_step.roll 
_ndb_struct_na_base_pair_step.twist 
_ndb_struct_na_base_pair_step.x_displacement 
_ndb_struct_na_base_pair_step.y_displacement 
_ndb_struct_na_base_pair_step.helical_rise 
_ndb_struct_na_base_pair_step.inclination 
_ndb_struct_na_base_pair_step.tip 
_ndb_struct_na_base_pair_step.helical_twist 
_ndb_struct_na_base_pair_step.step_number 
_ndb_struct_na_base_pair_step.step_name 
_ndb_struct_na_base_pair_step.i_auth_asym_id_1 
_ndb_struct_na_base_pair_step.i_auth_seq_id_1 
_ndb_struct_na_base_pair_step.i_PDB_ins_code_1 
_ndb_struct_na_base_pair_step.j_auth_asym_id_1 
_ndb_struct_na_base_pair_step.j_auth_seq_id_1 
_ndb_struct_na_base_pair_step.j_PDB_ins_code_1 
_ndb_struct_na_base_pair_step.i_auth_asym_id_2 
_ndb_struct_na_base_pair_step.i_auth_seq_id_2 
_ndb_struct_na_base_pair_step.i_PDB_ins_code_2 
_ndb_struct_na_base_pair_step.j_auth_asym_id_2 
_ndb_struct_na_base_pair_step.j_auth_seq_id_2 
_ndb_struct_na_base_pair_step.j_PDB_ins_code_2 
1 A DG 1 1_555 D DC 7 1_555 A DT 2 1_555 D DA 6 1_555 -0.177 -1.248 3.386 -0.514 -3.485 33.484 -1.556 0.218  3.497 -6.028 0.889   
33.664 1  AA_DG7DT8:DA10DC11_DD A 7  ? D 11 ? A 8  ? D 10 ? 
1 A DT 2 1_555 D DA 6 1_555 A DC 3 1_555 D DG 5 1_555 0.662  -0.595 3.227 -3.410 -0.651 41.091 -0.776 -1.301 3.173 -0.925 4.848   
41.231 2  AA_DT8DC9:DG9DA10_DD  A 8  ? D 10 ? A 9  ? D 9  ? 
1 A DC 3 1_555 D DG 5 1_555 A DT 4 1_555 C DA 2 1_555 -0.743 -1.230 3.453 5.032  3.365  26.793 -3.430 2.820  3.089 7.146  -10.686 
27.456 3  AA_DC9DT10:DA2DG9_CD  A 9  ? D 9  ? A 10 ? C 2  ? 
1 A DT 4 1_555 C DA 2 1_555 A DG 5 1_555 C DC 1 1_555 -0.261 1.054  2.963 -2.223 6.648  28.448 0.726  0.062  3.134 13.274 4.440   
29.281 4  AA_DT10DG11:DC1DA2_CC A 10 ? C 2  ? A 11 ? C 1  ? 
1 B DA 1 1_555 C DT 5 1_555 B DG 2 1_555 C DC 4 1_555 1.046  -0.080 3.590 2.224  -2.468 35.500 0.266  -1.351 3.644 -4.037 -3.638  
35.650 5  BB_DA1DG2:DC4DT5_CC   B 1  ? C 5  ? B 2  ? C 4  ? 
1 B DG 2 1_555 C DC 4 1_555 B DG 3 1_555 C DC 3 1_555 -0.237 -0.549 3.377 -6.200 3.016  40.336 -1.127 -0.362 3.329 4.335  8.913   
40.897 6  BB_DG2DG3:DC3DC4_CC   B 2  ? C 4  ? B 3  ? C 3  ? 
1 B DG 3 1_555 C DC 3 1_555 B DA 4 1_555 D DT 4 1_555 -0.952 -0.591 3.357 0.380  -1.584 31.783 -0.781 1.808  3.370 -2.890 -0.693  
31.824 7  BB_DG3DA4:DT8DC3_DC   B 3  ? C 3  ? B 4  ? D 8  ? 
1 B DA 4 1_555 D DT 4 1_555 B DC 5 1_555 D DG 3 1_555 0.451  0.005  3.160 0.061  2.612  30.922 -0.476 -0.831 3.150 4.889  -0.114  
31.030 8  BB_DA4DC5:DG7DT8_DD   B 4  ? D 8  ? B 5  ? D 7  ? 
1 B DC 5 1_555 D DG 3 1_555 B DT 6 1_555 D DA 2 1_555 -0.707 0.892  3.269 1.894  3.096  39.935 0.946  1.248  3.290 4.522  -2.767  
40.093 9  BB_DC5DT6:DA6DG7_DD   B 5  ? D 7  ? B 6  ? D 6  ? 
1 B DT 6 1_555 D DA 2 1_555 B DA 7 1_555 D DT 1 1_555 0.914  -0.148 3.360 -1.689 1.876  35.144 -0.528 -1.766 3.301 3.102  2.793   
35.232 10 BB_DT6DA7:DT5DA6_DD   B 6  ? D 6  ? B 7  ? D 5  ? 
# 
loop_
_pdbx_audit_support.funding_organization 
_pdbx_audit_support.country 
_pdbx_audit_support.grant_number 
_pdbx_audit_support.ordinal 
'Office of Naval Research (ONR)'                   'United States' N000141912596 1 
'Department of Energy (DOE, United States)'        'United States' DE-SC0007991  2 
'National Science Foundation (NSF, United States)' 'United States' CCF-2106790   3 
'National Science Foundation (NSF, United States)' 'United States' GCR-2317843   4 
# 
_pdbx_initial_refinement_model.id               1 
_pdbx_initial_refinement_model.entity_id_list   ? 
_pdbx_initial_refinement_model.type             'experimental model' 
_pdbx_initial_refinement_model.source_name      PDB 
_pdbx_initial_refinement_model.accession_code   8d93 
_pdbx_initial_refinement_model.details          ? 
# 
_space_group.name_H-M_alt     'P 32' 
_space_group.name_Hall        'P 32' 
_space_group.IT_number        145 
_space_group.crystal_system   trigonal 
_space_group.id               1 
# 
_atom_sites.entry_id                    9Q5J 
_atom_sites.Cartn_transf_matrix[1][1]   ? 
_atom_sites.Cartn_transf_matrix[1][2]   ? 
_atom_sites.Cartn_transf_matrix[1][3]   ? 
_atom_sites.Cartn_transf_matrix[2][1]   ? 
_atom_sites.Cartn_transf_matrix[2][2]   ? 
_atom_sites.Cartn_transf_matrix[2][3]   ? 
_atom_sites.Cartn_transf_matrix[3][1]   ? 
_atom_sites.Cartn_transf_matrix[3][2]   ? 
_atom_sites.Cartn_transf_matrix[3][3]   ? 
_atom_sites.Cartn_transf_vector[1]      ? 
_atom_sites.Cartn_transf_vector[2]      ? 
_atom_sites.Cartn_transf_vector[3]      ? 
_atom_sites.Cartn_transform_axes        ? 
_atom_sites.fract_transf_matrix[1][1]   -0.00896543 
_atom_sites.fract_transf_matrix[1][2]   -0.01655870 
_atom_sites.fract_transf_matrix[1][3]   -0.02207667 
_atom_sites.fract_transf_matrix[2][1]   0.00363080 
_atom_sites.fract_transf_matrix[2][2]   0.00904785 
_atom_sites.fract_transf_matrix[2][3]   -0.02732914 
_atom_sites.fract_transf_matrix[3][1]   0.01504157 
_atom_sites.fract_transf_matrix[3][2]   -0.00749848 
_atom_sites.fract_transf_matrix[3][3]   -0.00048418 
_atom_sites.fract_transf_vector[1]      0.166603 
_atom_sites.fract_transf_vector[2]      -0.142743 
_atom_sites.fract_transf_vector[3]      0.072795 
_atom_sites.solution_primary            ? 
_atom_sites.solution_secondary          ? 
_atom_sites.solution_hydrogens          ? 
_atom_sites.special_details             ? 
# 
loop_
_atom_type.symbol 
_atom_type.scat_dispersion_real 
_atom_type.scat_dispersion_imag 
_atom_type.scat_Cromer_Mann_a1 
_atom_type.scat_Cromer_Mann_a2 
_atom_type.scat_Cromer_Mann_a3 
_atom_type.scat_Cromer_Mann_a4 
_atom_type.scat_Cromer_Mann_b1 
_atom_type.scat_Cromer_Mann_b2 
_atom_type.scat_Cromer_Mann_b3 
_atom_type.scat_Cromer_Mann_b4 
_atom_type.scat_Cromer_Mann_c 
_atom_type.scat_source 
_atom_type.scat_dispersion_source 
C ? ? 3.54356 2.42580 ? ? 25.62398 1.50364  ? ? 0.0 
;2-Gaussian fit: Grosse-Kunstleve RW, Sauter NK, Adams PD: Newsletter of the IUCr Commission on Crystallographic Computing 2004, 3, 22-31.
;
? 
N ? ? 4.01032 2.96436 ? ? 19.97189 1.75589  ? ? 0.0 
;2-Gaussian fit: Grosse-Kunstleve RW, Sauter NK, Adams PD: Newsletter of the IUCr Commission on Crystallographic Computing 2004, 3, 22-31.
;
? 
O ? ? 4.49882 3.47563 ? ? 15.80542 1.70748  ? ? 0.0 
;2-Gaussian fit: Grosse-Kunstleve RW, Sauter NK, Adams PD: Newsletter of the IUCr Commission on Crystallographic Computing 2004, 3, 22-31.
;
? 
P ? ? 9.51135 5.44231 ? ? 1.42069  35.72801 ? ? 0.0 
;2-Gaussian fit: Grosse-Kunstleve RW, Sauter NK, Adams PD: Newsletter of the IUCr Commission on Crystallographic Computing 2004, 3, 22-31.
;
? 
# 
loop_
_atom_site.group_PDB 
_atom_site.id 
_atom_site.type_symbol 
_atom_site.label_atom_id 
_atom_site.label_alt_id 
_atom_site.label_comp_id 
_atom_site.label_asym_id 
_atom_site.label_entity_id 
_atom_site.label_seq_id 
_atom_site.pdbx_PDB_ins_code 
_atom_site.Cartn_x 
_atom_site.Cartn_y 
_atom_site.Cartn_z 
_atom_site.occupancy 
_atom_site.B_iso_or_equiv 
_atom_site.pdbx_formal_charge 
_atom_site.auth_seq_id 
_atom_site.auth_comp_id 
_atom_site.auth_asym_id 
_atom_site.auth_atom_id 
_atom_site.pdbx_PDB_model_num 
ATOM   1   O "O5'" . DG  A 1 1 ? 7.36890   -14.64742 7.66693   1.000 96.84512 ? 7   DG  A "O5'" 1 
ATOM   2   C "C5'" . DG  A 1 1 ? 7.08732   -14.91483 6.29028   1.000 90.52411 ? 7   DG  A "C5'" 1 
ATOM   3   C "C4'" . DG  A 1 1 ? 8.36529   -15.19390 5.51617   1.000 88.71882 ? 7   DG  A "C4'" 1 
ATOM   4   O "O4'" . DG  A 1 1 ? 8.08291   -15.12171 4.09896   1.000 81.81810 ? 7   DG  A "O4'" 1 
ATOM   5   C "C3'" . DG  A 1 1 ? 9.49168   -14.19438 5.75571   1.000 91.09784 ? 7   DG  A "C3'" 1 
ATOM   6   O "O3'" . DG  A 1 1 ? 10.74834  -14.81142 5.56019   1.000 93.74620 ? 7   DG  A "O3'" 1 
ATOM   7   C "C2'" . DG  A 1 1 ? 9.22418   -13.13777 4.69612   1.000 82.55893 ? 7   DG  A "C2'" 1 
ATOM   8   C "C1'" . DG  A 1 1 ? 8.71032   -13.98368 3.53452   1.000 78.31150 ? 7   DG  A "C1'" 1 
ATOM   9   N N9    . DG  A 1 1 ? 7.74020   -13.27906 2.69822   1.000 70.50129 ? 7   DG  A N9    1 
ATOM   10  C C8    . DG  A 1 1 ? 6.50804   -12.79800 3.08663   1.000 68.23173 ? 7   DG  A C8    1 
ATOM   11  N N7    . DG  A 1 1 ? 5.85229   -12.19911 2.12438   1.000 60.99634 ? 7   DG  A N7    1 
ATOM   12  C C5    . DG  A 1 1 ? 6.70711   -12.28549 1.02128   1.000 59.84344 ? 7   DG  A C5    1 
ATOM   13  C C6    . DG  A 1 1 ? 6.53655   -11.81696 -0.31675  1.000 53.87989 ? 7   DG  A C6    1 
ATOM   14  O O6    . DG  A 1 1 ? 5.56954   -11.19837 -0.80102  1.000 52.68410 ? 7   DG  A O6    1 
ATOM   15  N N1    . DG  A 1 1 ? 7.63952   -12.10722 -1.11038  1.000 54.87688 ? 7   DG  A N1    1 
ATOM   16  C C2    . DG  A 1 1 ? 8.76547   -12.77566 -0.68096  1.000 62.15021 ? 7   DG  A C2    1 
ATOM   17  N N2    . DG  A 1 1 ? 9.72129   -12.96076 -1.59736  1.000 63.76675 ? 7   DG  A N2    1 
ATOM   18  N N3    . DG  A 1 1 ? 8.94097   -13.23043 0.56248   1.000 66.97398 ? 7   DG  A N3    1 
ATOM   19  C C4    . DG  A 1 1 ? 7.87535   -12.94616 1.35909   1.000 65.41611 ? 7   DG  A C4    1 
ATOM   20  P P     . DT  A 1 2 ? 12.09582  -13.96356 5.77996   1.000 92.07547 ? 8   DT  A P     1 
ATOM   21  O OP1   . DT  A 1 2 ? 13.15775  -14.91486 6.16987   1.000 96.70737 ? 8   DT  A OP1   1 
ATOM   22  O OP2   . DT  A 1 2 ? 11.78005  -12.79784 6.63569   1.000 89.77042 ? 8   DT  A OP2   1 
ATOM   23  O "O5'" . DT  A 1 2 ? 12.43249  -13.41150 4.32038   1.000 88.02619 ? 8   DT  A "O5'" 1 
ATOM   24  C "C5'" . DT  A 1 2 ? 12.45056  -14.30861 3.21780   1.000 86.00457 ? 8   DT  A "C5'" 1 
ATOM   25  C "C4'" . DT  A 1 2 ? 13.11297  -13.66262 2.01946   1.000 83.10146 ? 8   DT  A "C4'" 1 
ATOM   26  O "O4'" . DT  A 1 2 ? 12.11640  -13.01396 1.19298   1.000 77.32846 ? 8   DT  A "O4'" 1 
ATOM   27  C "C3'" . DT  A 1 2 ? 14.14493  -12.59401 2.35321   1.000 83.65183 ? 8   DT  A "C3'" 1 
ATOM   28  O "O3'" . DT  A 1 2 ? 15.23714  -12.72586 1.48106   1.000 84.12661 ? 8   DT  A "O3'" 1 
ATOM   29  C "C2'" . DT  A 1 2 ? 13.38776  -11.28357 2.11844   1.000 78.66907 ? 8   DT  A "C2'" 1 
ATOM   30  C "C1'" . DT  A 1 2 ? 12.47749  -11.66271 0.96421   1.000 74.84641 ? 8   DT  A "C1'" 1 
ATOM   31  N N1    . DT  A 1 2 ? 11.21399  -10.86075 0.89622   1.000 67.80211 ? 8   DT  A N1    1 
ATOM   32  C C2    . DT  A 1 2 ? 10.81288  -10.28924 -0.30881  1.000 61.97461 ? 8   DT  A C2    1 
ATOM   33  O O2    . DT  A 1 2 ? 11.45116  -10.37722 -1.34247  1.000 64.79319 ? 8   DT  A O2    1 
ATOM   34  N N3    . DT  A 1 2 ? 9.62789   -9.59210  -0.23863  1.000 55.05625 ? 8   DT  A N3    1 
ATOM   35  C C4    . DT  A 1 2 ? 8.82679   -9.43549  0.85558   1.000 55.00567 ? 8   DT  A C4    1 
ATOM   36  O O4    . DT  A 1 2 ? 7.78882   -8.80603  0.81141   1.000 50.87548 ? 8   DT  A O4    1 
ATOM   37  C C5    . DT  A 1 2 ? 9.29363   -10.06867 2.07122   1.000 61.57309 ? 8   DT  A C5    1 
ATOM   38  C C7    . DT  A 1 2 ? 8.49340   -9.94798  3.33202   1.000 63.26556 ? 8   DT  A C7    1 
ATOM   39  C C6    . DT  A 1 2 ? 10.44872  -10.73815 2.03277   1.000 67.60525 ? 8   DT  A C6    1 
ATOM   40  P P     . DC  A 1 3 ? 16.41766  -11.65110 1.50745   1.000 83.84022 ? 9   DC  A P     1 
ATOM   41  O OP1   . DC  A 1 3 ? 17.64034  -12.31913 1.01129   1.000 87.44845 ? 9   DC  A OP1   1 
ATOM   42  O OP2   . DC  A 1 3 ? 16.40901  -11.00557 2.84013   1.000 85.30003 ? 9   DC  A OP2   1 
ATOM   43  O "O5'" . DC  A 1 3 ? 15.96385  -10.59106 0.40618   1.000 78.62857 ? 9   DC  A "O5'" 1 
ATOM   44  C "C5'" . DC  A 1 3 ? 16.11351  -10.91092 -0.96451  1.000 77.87756 ? 9   DC  A "C5'" 1 
ATOM   45  C "C4'" . DC  A 1 3 ? 15.54668  -9.81589  -1.84731  1.000 72.51066 ? 9   DC  A "C4'" 1 
ATOM   46  O "O4'" . DC  A 1 3 ? 14.23836  -9.43014  -1.37635  1.000 71.40839 ? 9   DC  A "O4'" 1 
ATOM   47  C "C3'" . DC  A 1 3 ? 16.35303  -8.51538  -1.90419  1.000 70.66136 ? 9   DC  A "C3'" 1 
ATOM   48  O "O3'" . DC  A 1 3 ? 16.46962  -8.12135  -3.23829  1.000 68.61342 ? 9   DC  A "O3'" 1 
ATOM   49  C "C2'" . DC  A 1 3 ? 15.48775  -7.52338  -1.12164  1.000 67.07728 ? 9   DC  A "C2'" 1 
ATOM   50  C "C1'" . DC  A 1 3 ? 14.12044  -8.03143  -1.48954  1.000 63.76949 ? 9   DC  A "C1'" 1 
ATOM   51  N N1    . DC  A 1 3 ? 13.04025  -7.60971  -0.60052  1.000 60.28749 ? 9   DC  A N1    1 
ATOM   52  C C2    . DC  A 1 3 ? 11.98634  -6.85413  -1.11362  1.000 54.18041 ? 9   DC  A C2    1 
ATOM   53  O O2    . DC  A 1 3 ? 12.01496  -6.51124  -2.30540  1.000 53.93652 ? 9   DC  A O2    1 
ATOM   54  N N3    . DC  A 1 3 ? 10.97721  -6.49446  -0.28560  1.000 53.76869 ? 9   DC  A N3    1 
ATOM   55  C C4    . DC  A 1 3 ? 10.99006  -6.89629  0.98879   1.000 54.88278 ? 9   DC  A C4    1 
ATOM   56  N N4    . DC  A 1 3 ? 9.97102   -6.52890  1.77133   1.000 54.15704 ? 9   DC  A N4    1 
ATOM   57  C C5    . DC  A 1 3 ? 12.04672  -7.69208  1.51549   1.000 61.48535 ? 9   DC  A C5    1 
ATOM   58  C C6    . DC  A 1 3 ? 13.03484  -8.02684  0.69081   1.000 64.20292 ? 9   DC  A C6    1 
ATOM   59  P P     . DT  A 1 4 ? 17.58785  -7.06491  -3.64775  1.000 69.89270 ? 10  DT  A P     1 
ATOM   60  O OP1   . DT  A 1 4 ? 18.32062  -7.59579  -4.81867  1.000 72.43312 ? 10  DT  A OP1   1 
ATOM   61  O OP2   . DT  A 1 4 ? 18.30219  -6.70602  -2.39778  1.000 73.17425 ? 10  DT  A OP2   1 
ATOM   62  O "O5'" . DT  A 1 4 ? 16.75483  -5.77990  -4.07407  1.000 65.74689 ? 10  DT  A "O5'" 1 
ATOM   63  C "C5'" . DT  A 1 4 ? 15.48425  -5.91026  -4.68205  1.000 61.56117 ? 10  DT  A "C5'" 1 
ATOM   64  C "C4'" . DT  A 1 4 ? 15.03052  -4.56267  -5.19865  1.000 57.96039 ? 10  DT  A "C4'" 1 
ATOM   65  O "O4'" . DT  A 1 4 ? 13.85032  -4.13427  -4.46404  1.000 56.56236 ? 10  DT  A "O4'" 1 
ATOM   66  C "C3'" . DT  A 1 4 ? 16.03936  -3.44879  -4.99951  1.000 61.64133 ? 10  DT  A "C3'" 1 
ATOM   67  O "O3'" . DT  A 1 4 ? 15.82568  -2.42922  -5.96654  1.000 62.49755 ? 10  DT  A "O3'" 1 
ATOM   68  C "C2'" . DT  A 1 4 ? 15.66455  -2.95871  -3.60555  1.000 60.76894 ? 10  DT  A "C2'" 1 
ATOM   69  C "C1'" . DT  A 1 4 ? 14.15443  -2.98353  -3.70504  1.000 58.20327 ? 10  DT  A "C1'" 1 
ATOM   70  N N1    . DT  A 1 4 ? 13.43925  -3.09289  -2.38594  1.000 57.40701 ? 10  DT  A N1    1 
ATOM   71  C C2    . DT  A 1 4 ? 12.20803  -2.48063  -2.22896  1.000 56.44206 ? 10  DT  A C2    1 
ATOM   72  O O2    . DT  A 1 4 ? 11.65460  -1.84819  -3.10175  1.000 56.15365 ? 10  DT  A O2    1 
ATOM   73  N N3    . DT  A 1 4 ? 11.63895  -2.63607  -1.00552  1.000 56.12530 ? 10  DT  A N3    1 
ATOM   74  C C4    . DT  A 1 4 ? 12.15185  -3.31409  0.07825   1.000 56.60965 ? 10  DT  A C4    1 
ATOM   75  O O4    . DT  A 1 4 ? 11.53105  -3.40432  1.15078   1.000 56.46129 ? 10  DT  A O4    1 
ATOM   76  C C5    . DT  A 1 4 ? 13.43581  -3.93800  -0.13504  1.000 57.57605 ? 10  DT  A C5    1 
ATOM   77  C C7    . DT  A 1 4 ? 14.08660  -4.70665  0.97526   1.000 60.82433 ? 10  DT  A C7    1 
ATOM   78  C C6    . DT  A 1 4 ? 14.02346  -3.79315  -1.34678  1.000 57.98906 ? 10  DT  A C6    1 
ATOM   79  P P     . DG  A 1 5 ? 16.92098  -2.10030  -7.10723  1.000 63.84173 ? 11  DG  A P     1 
ATOM   80  O OP1   . DG  A 1 5 ? 16.55421  -2.98701  -8.24157  1.000 62.27785 ? 11  DG  A OP1   1 
ATOM   81  O OP2   . DG  A 1 5 ? 18.31144  -2.13432  -6.58446  1.000 66.79828 ? 11  DG  A OP2   1 
ATOM   82  O "O5'" . DG  A 1 5 ? 16.58089  -0.58049  -7.49014  1.000 65.00542 ? 11  DG  A "O5'" 1 
ATOM   83  C "C5'" . DG  A 1 5 ? 15.22423  -0.10975  -7.40623  1.000 62.99186 ? 11  DG  A "C5'" 1 
ATOM   84  C "C4'" . DG  A 1 5 ? 15.17102  1.12692   -6.54203  1.000 64.55673 ? 11  DG  A "C4'" 1 
ATOM   85  O "O4'" . DG  A 1 5 ? 14.37936  0.84955   -5.37896  1.000 62.83011 ? 11  DG  A "O4'" 1 
ATOM   86  C "C3'" . DG  A 1 5 ? 16.51182  1.52442   -5.97961  1.000 67.76921 ? 11  DG  A "C3'" 1 
ATOM   87  O "O3'" . DG  A 1 5 ? 17.18534  2.39552   -6.88111  1.000 70.57611 ? 11  DG  A "O3'" 1 
ATOM   88  C "C2'" . DG  A 1 5 ? 16.17025  2.23033   -4.67328  1.000 68.28687 ? 11  DG  A "C2'" 1 
ATOM   89  C "C1'" . DG  A 1 5 ? 14.75667  1.76041   -4.36051  1.000 64.93884 ? 11  DG  A "C1'" 1 
ATOM   90  N N9    . DG  A 1 5 ? 14.62402  1.09872   -3.06089  1.000 64.03574 ? 11  DG  A N9    1 
ATOM   91  C C8    . DG  A 1 5 ? 15.55017  0.28142   -2.43550  1.000 64.73141 ? 11  DG  A C8    1 
ATOM   92  N N7    . DG  A 1 5 ? 15.12324  -0.17903  -1.27503  1.000 63.77257 ? 11  DG  A N7    1 
ATOM   93  C C5    . DG  A 1 5 ? 13.84869  0.37836   -1.12817  1.000 62.46405 ? 11  DG  A C5    1 
ATOM   94  C C6    . DG  A 1 5 ? 12.91334  0.25721   -0.07687  1.000 61.43717 ? 11  DG  A C6    1 
ATOM   95  O O6    . DG  A 1 5 ? 13.01595  -0.39156  0.96950   1.000 61.34451 ? 11  DG  A O6    1 
ATOM   96  N N1    . DG  A 1 5 ? 11.74514  0.97542   -0.33193  1.000 60.75064 ? 11  DG  A N1    1 
ATOM   97  C C2    . DG  A 1 5 ? 11.52507  1.73643   -1.45230  1.000 61.01722 ? 11  DG  A C2    1 
ATOM   98  N N2    . DG  A 1 5 ? 10.34882  2.37043   -1.52183  1.000 60.61483 ? 11  DG  A N2    1 
ATOM   99  N N3    . DG  A 1 5 ? 12.38880  1.86017   -2.44218  1.000 61.90766 ? 11  DG  A N3    1 
ATOM   100 C C4    . DG  A 1 5 ? 13.52586  1.15322   -2.21727  1.000 62.60290 ? 11  DG  A C4    1 
ATOM   101 P P     . DA  B 2 1 ? 0.07171   16.58114  2.67117   1.000 67.62776 ? 1   DA  B P     1 
ATOM   102 O OP1   . DA  B 2 1 ? 1.03522   17.70426  2.70810   1.000 66.84991 ? 1   DA  B OP1   1 
ATOM   103 O OP2   . DA  B 2 1 ? 0.50416   15.19800  2.34822   1.000 64.07472 ? 1   DA  B OP2   1 
ATOM   104 O "O5'" . DA  B 2 1 ? -1.04858  17.01972  1.63660   1.000 60.62610 ? 1   DA  B "O5'" 1 
ATOM   105 C "C5'" . DA  B 2 1 ? -1.89384  18.10938  1.94558   1.000 59.50808 ? 1   DA  B "C5'" 1 
ATOM   106 C "C4'" . DA  B 2 1 ? -3.33598  17.65738  1.99612   1.000 58.07016 ? 1   DA  B "C4'" 1 
ATOM   107 O "O4'" . DA  B 2 1 ? -3.61765  16.81903  0.84663   1.000 59.88110 ? 1   DA  B "O4'" 1 
ATOM   108 C "C3'" . DA  B 2 1 ? -3.73217  16.81196  3.19778   1.000 59.88061 ? 1   DA  B "C3'" 1 
ATOM   109 O "O3'" . DA  B 2 1 ? -5.11290  17.00412  3.41028   1.000 61.27714 ? 1   DA  B "O3'" 1 
ATOM   110 C "C2'" . DA  B 2 1 ? -3.45921  15.40586  2.68571   1.000 58.79945 ? 1   DA  B "C2'" 1 
ATOM   111 C "C1'" . DA  B 2 1 ? -4.00885  15.53770  1.27928   1.000 56.38951 ? 1   DA  B "C1'" 1 
ATOM   112 N N9    . DA  B 2 1 ? -3.47139  14.58715  0.33206   1.000 55.41476 ? 1   DA  B N9    1 
ATOM   113 C C8    . DA  B 2 1 ? -2.23682  14.00556  0.35981   1.000 57.11451 ? 1   DA  B C8    1 
ATOM   114 N N7    . DA  B 2 1 ? -2.00704  13.19766  -0.65219  1.000 56.08454 ? 1   DA  B N7    1 
ATOM   115 C C5    . DA  B 2 1 ? -3.17493  13.25985  -1.39938  1.000 53.97715 ? 1   DA  B C5    1 
ATOM   116 C C6    . DA  B 2 1 ? -3.57738  12.61917  -2.59078  1.000 49.70810 ? 1   DA  B C6    1 
ATOM   117 N N6    . DA  B 2 1 ? -2.79621  11.76076  -3.26277  1.000 48.13664 ? 1   DA  B N6    1 
ATOM   118 N N1    . DA  B 2 1 ? -4.81856  12.89318  -3.06098  1.000 47.88026 ? 1   DA  B N1    1 
ATOM   119 C C2    . DA  B 2 1 ? -5.59084  13.75341  -2.38402  1.000 50.33618 ? 1   DA  B C2    1 
ATOM   120 N N3    . DA  B 2 1 ? -5.32233  14.41167  -1.25025  1.000 54.24575 ? 1   DA  B N3    1 
ATOM   121 C C4    . DA  B 2 1 ? -4.08696  14.11893  -0.80932  1.000 53.38594 ? 1   DA  B C4    1 
ATOM   122 P P     . DG  B 2 2 ? -5.80604  16.60519  4.79357   1.000 60.41182 ? 2   DG  B P     1 
ATOM   123 O OP1   . DG  B 2 2 ? -6.41262  17.87409  5.26155   1.000 63.55403 ? 2   DG  B OP1   1 
ATOM   124 O OP2   . DG  B 2 2 ? -4.85292  15.84041  5.61724   1.000 61.77486 ? 2   DG  B OP2   1 
ATOM   125 O "O5'" . DG  B 2 2 ? -6.99889  15.63342  4.35160   1.000 59.93116 ? 2   DG  B "O5'" 1 
ATOM   126 C "C5'" . DG  B 2 2 ? -7.95823  16.10050  3.43066   1.000 58.50286 ? 2   DG  B "C5'" 1 
ATOM   127 C "C4'" . DG  B 2 2 ? -8.50035  14.95921  2.59751   1.000 56.05271 ? 2   DG  B "C4'" 1 
ATOM   128 O "O4'" . DG  B 2 2 ? -7.40325  14.26161  1.95702   1.000 56.12002 ? 2   DG  B "O4'" 1 
ATOM   129 C "C3'" . DG  B 2 2 ? -9.27432  13.86828  3.36617   1.000 59.17005 ? 2   DG  B "C3'" 1 
ATOM   130 O "O3'" . DG  B 2 2 ? -10.46804 13.56932  2.65206   1.000 55.64079 ? 2   DG  B "O3'" 1 
ATOM   131 C "C2'" . DG  B 2 2 ? -8.31026  12.67809  3.33910   1.000 57.34902 ? 2   DG  B "C2'" 1 
ATOM   132 C "C1'" . DG  B 2 2 ? -7.71066  12.89496  1.97336   1.000 53.92109 ? 2   DG  B "C1'" 1 
ATOM   133 N N9    . DG  B 2 2 ? -6.50960  12.14081  1.68789   1.000 53.45706 ? 2   DG  B N9    1 
ATOM   134 C C8    . DG  B 2 2 ? -5.36965  12.07107  2.44797   1.000 54.55876 ? 2   DG  B C8    1 
ATOM   135 N N7    . DG  B 2 2 ? -4.42797  11.32912  1.90275   1.000 54.32347 ? 2   DG  B N7    1 
ATOM   136 C C5    . DG  B 2 2 ? -4.99190  10.88309  0.70232   1.000 51.11554 ? 2   DG  B C5    1 
ATOM   137 C C6    . DG  B 2 2 ? -4.44650  10.04917  -0.31141  1.000 48.89604 ? 2   DG  B C6    1 
ATOM   138 O O6    . DG  B 2 2 ? -3.31981  9.51749   -0.34517  1.000 50.29588 ? 2   DG  B O6    1 
ATOM   139 N N1    . DG  B 2 2 ? -5.35514  9.84624   -1.36567  1.000 46.65402 ? 2   DG  B N1    1 
ATOM   140 C C2    . DG  B 2 2 ? -6.62075  10.39920  -1.42825  1.000 45.36811 ? 2   DG  B C2    1 
ATOM   141 N N2    . DG  B 2 2 ? -7.35092  10.09964  -2.52584  1.000 44.40102 ? 2   DG  B N2    1 
ATOM   142 N N3    . DG  B 2 2 ? -7.14088  11.18944  -0.48084  1.000 48.63495 ? 2   DG  B N3    1 
ATOM   143 C C4    . DG  B 2 2 ? -6.26686  11.38719  0.55012   1.000 50.92670 ? 2   DG  B C4    1 
ATOM   144 P P     . DG  B 2 3 ? -11.59436 12.62328  3.28810   1.000 58.04704 ? 3   DG  B P     1 
ATOM   145 O OP1   . DG  B 2 3 ? -12.65177 13.53126  3.81346   1.000 63.82244 ? 3   DG  B OP1   1 
ATOM   146 O OP2   . DG  B 2 3 ? -11.00339 11.59882  4.17517   1.000 59.69104 ? 3   DG  B OP2   1 
ATOM   147 O "O5'" . DG  B 2 3 ? -12.17785 11.86022  2.01408   1.000 54.50274 ? 3   DG  B "O5'" 1 
ATOM   148 C "C5'" . DG  B 2 3 ? -11.68271 12.18348  0.72171   1.000 49.60926 ? 3   DG  B "C5'" 1 
ATOM   149 C "C4'" . DG  B 2 3 ? -11.99349 11.07998  -0.28160  1.000 47.69646 ? 3   DG  B "C4'" 1 
ATOM   150 O "O4'" . DG  B 2 3 ? -10.76608 10.40220  -0.61898  1.000 46.39918 ? 3   DG  B "O4'" 1 
ATOM   151 C "C3'" . DG  B 2 3 ? -12.94038 9.98388   0.19588   1.000 50.92475 ? 3   DG  B "C3'" 1 
ATOM   152 O "O3'" . DG  B 2 3 ? -13.65675 9.42514   -0.93896  1.000 48.55134 ? 3   DG  B "O3'" 1 
ATOM   153 C "C2'" . DG  B 2 3 ? -11.97587 8.97052   0.81242   1.000 50.78316 ? 3   DG  B "C2'" 1 
ATOM   154 C "C1'" . DG  B 2 3 ? -10.79008 9.07811   -0.13152  1.000 48.18085 ? 3   DG  B "C1'" 1 
ATOM   155 N N9    . DG  B 2 3 ? -9.50844  8.84423   0.48793   1.000 49.80926 ? 3   DG  B N9    1 
ATOM   156 C C8    . DG  B 2 3 ? -9.01100  9.43439   1.62745   1.000 53.23783 ? 3   DG  B C8    1 
ATOM   157 N N7    . DG  B 2 3 ? -7.79864  9.03496   1.92914   1.000 54.70764 ? 3   DG  B N7    1 
ATOM   158 C C5    . DG  B 2 3 ? -7.47423  8.14140   0.91197   1.000 50.20502 ? 3   DG  B C5    1 
ATOM   159 C C6    . DG  B 2 3 ? -6.29568  7.40053   0.69373   1.000 50.47309 ? 3   DG  B C6    1 
ATOM   160 O O6    . DG  B 2 3 ? -5.26005  7.38003   1.37451   1.000 53.39030 ? 3   DG  B O6    1 
ATOM   161 N N1    . DG  B 2 3 ? -6.39160  6.61863   -0.45592  1.000 48.52689 ? 3   DG  B N1    1 
ATOM   162 C C2    . DG  B 2 3 ? -7.48869  6.57278   -1.28892  1.000 46.80329 ? 3   DG  B C2    1 
ATOM   163 N N2    . DG  B 2 3 ? -7.39625  5.75915   -2.34655  1.000 47.98002 ? 3   DG  B N2    1 
ATOM   164 N N3    . DG  B 2 3 ? -8.59016  7.26840   -1.10091  1.000 47.52827 ? 3   DG  B N3    1 
ATOM   165 C C4    . DG  B 2 3 ? -8.51389  8.02659   0.01386   1.000 49.63932 ? 3   DG  B C4    1 
ATOM   166 P P     . DA  B 2 4 ? -14.64725 8.17616   -0.73342  1.000 50.88679 ? 4   DA  B P     1 
ATOM   167 O OP1   . DA  B 2 4 ? -15.83512 8.24646   -1.63664  1.000 52.23398 ? 4   DA  B OP1   1 
ATOM   168 O OP2   . DA  B 2 4 ? -14.96955 8.04390   0.71311   1.000 52.99980 ? 4   DA  B OP2   1 
ATOM   169 O "O5'" . DA  B 2 4 ? -13.76316 6.94774   -1.15962  1.000 49.92842 ? 4   DA  B "O5'" 1 
ATOM   170 C "C5'" . DA  B 2 4 ? -13.38808 6.78745   -2.47832  1.000 48.67298 ? 4   DA  B "C5'" 1 
ATOM   171 C "C4'" . DA  B 2 4 ? -12.90238 5.37646   -2.69513  1.000 48.99963 ? 4   DA  B "C4'" 1 
ATOM   172 O "O4'" . DA  B 2 4 ? -11.62543 5.20140   -2.05577  1.000 48.47481 ? 4   DA  B "O4'" 1 
ATOM   173 C "C3'" . DA  B 2 4 ? -13.78400 4.29511   -2.12022  1.000 51.38417 ? 4   DA  B "C3'" 1 
ATOM   174 O "O3'" . DA  B 2 4 ? -13.69078 3.19265   -2.98670  1.000 52.73129 ? 4   DA  B "O3'" 1 
ATOM   175 C "C2'" . DA  B 2 4 ? -13.10647 4.00157   -0.76520  1.000 51.98412 ? 4   DA  B "C2'" 1 
ATOM   176 C "C1'" . DA  B 2 4 ? -11.65948 4.10102   -1.17813  1.000 49.47001 ? 4   DA  B "C1'" 1 
ATOM   177 N N9    . DA  B 2 4 ? -10.68927 4.38596   -0.10658  1.000 49.29308 ? 4   DA  B N9    1 
ATOM   178 C C8    . DA  B 2 4 ? -10.83972 5.24640   0.95884   1.000 50.85726 ? 4   DA  B C8    1 
ATOM   179 N N7    . DA  B 2 4 ? -9.76934  5.33914   1.72950   1.000 50.76836 ? 4   DA  B N7    1 
ATOM   180 C C5    . DA  B 2 4 ? -8.84777  4.50306   1.11434   1.000 50.45480 ? 4   DA  B C5    1 
ATOM   181 C C6    . DA  B 2 4 ? -7.51185  4.15955   1.43716   1.000 51.78960 ? 4   DA  B C6    1 
ATOM   182 N N6    . DA  B 2 4 ? -6.86088  4.63863   2.50297   1.000 53.71791 ? 4   DA  B N6    1 
ATOM   183 N N1    . DA  B 2 4 ? -6.88399  3.28691   0.63286   1.000 51.68915 ? 4   DA  B N1    1 
ATOM   184 C C2    . DA  B 2 4 ? -7.54120  2.80680   -0.43730  1.000 50.69957 ? 4   DA  B C2    1 
ATOM   185 N N3    . DA  B 2 4 ? -8.79598  3.05876   -0.84972  1.000 49.58576 ? 4   DA  B N3    1 
ATOM   186 C C4    . DA  B 2 4 ? -9.39577  3.91902   -0.02349  1.000 49.18812 ? 4   DA  B C4    1 
ATOM   187 P P     . DC  B 2 5 ? -14.86723 2.11076   -3.05419  1.000 54.85144 ? 5   DC  B P     1 
ATOM   188 O OP1   . DC  B 2 5 ? -15.44951 2.37022   -4.39510  1.000 55.26475 ? 5   DC  B OP1   1 
ATOM   189 O OP2   . DC  B 2 5 ? -15.81331 2.16407   -1.91258  1.000 57.07193 ? 5   DC  B OP2   1 
ATOM   190 O "O5'" . DC  B 2 5 ? -14.05438 0.71491   -2.99638  1.000 55.10814 ? 5   DC  B "O5'" 1 
ATOM   191 C "C5'" . DC  B 2 5 ? -12.65346 0.69126   -3.21199  1.000 53.09275 ? 5   DC  B "C5'" 1 
ATOM   192 C "C4'" . DC  B 2 5 ? -11.98618 -0.47289  -2.47888  1.000 53.85064 ? 5   DC  B "C4'" 1 
ATOM   193 O "O4'" . DC  B 2 5 ? -11.08729 0.02704   -1.43056  1.000 52.70021 ? 5   DC  B "O4'" 1 
ATOM   194 C "C3'" . DC  B 2 5 ? -12.91603 -1.43564  -1.76599  1.000 56.51166 ? 5   DC  B "C3'" 1 
ATOM   195 O "O3'" . DC  B 2 5 ? -12.32064 -2.73934  -1.76496  1.000 60.17734 ? 5   DC  B "O3'" 1 
ATOM   196 C "C2'" . DC  B 2 5 ? -12.92258 -0.84694  -0.35629  1.000 56.59399 ? 5   DC  B "C2'" 1 
ATOM   197 C "C1'" . DC  B 2 5 ? -11.44720 -0.57224  -0.20523  1.000 54.48100 ? 5   DC  B "C1'" 1 
ATOM   198 N N1    . DC  B 2 5 ? -11.04930 0.33156   0.97181   1.000 53.98782 ? 5   DC  B N1    1 
ATOM   199 C C2    . DC  B 2 5 ? -9.72428  0.30780   1.42133   1.000 53.20558 ? 5   DC  B C2    1 
ATOM   200 O O2    . DC  B 2 5 ? -8.91836  -0.42135  0.83577   1.000 52.89740 ? 5   DC  B O2    1 
ATOM   201 N N3    . DC  B 2 5 ? -9.35896  1.09849   2.46954   1.000 53.24808 ? 5   DC  B N3    1 
ATOM   202 C C4    . DC  B 2 5 ? -10.26927 1.87781   3.06315   1.000 54.01874 ? 5   DC  B C4    1 
ATOM   203 N N4    . DC  B 2 5 ? -9.86511  2.64722   4.08505   1.000 54.43146 ? 5   DC  B N4    1 
ATOM   204 C C5    . DC  B 2 5 ? -11.62570 1.92093   2.62330   1.000 54.86880 ? 5   DC  B C5    1 
ATOM   205 C C6    . DC  B 2 5 ? -11.96926 1.13504   1.58594   1.000 54.83719 ? 5   DC  B C6    1 
ATOM   206 P P     . DT  B 2 6 ? -13.19043 -4.03974  -2.15284  1.000 62.55653 ? 6   DT  B P     1 
ATOM   207 O OP1   . DT  B 2 6 ? -13.38390 -3.93626  -3.61901  1.000 66.43317 ? 6   DT  B OP1   1 
ATOM   208 O OP2   . DT  B 2 6 ? -14.35018 -4.16036  -1.23947  1.000 62.85464 ? 6   DT  B OP2   1 
ATOM   209 O "O5'" . DT  B 2 6 ? -12.20209 -5.27343  -1.86301  1.000 63.11209 ? 6   DT  B "O5'" 1 
ATOM   210 C "C5'" . DT  B 2 6 ? -10.90205 -5.29359  -2.45397  1.000 62.73446 ? 6   DT  B "C5'" 1 
ATOM   211 C "C4'" . DT  B 2 6 ? -9.88173  -5.89353  -1.50522  1.000 62.26329 ? 6   DT  B "C4'" 1 
ATOM   212 O "O4'" . DT  B 2 6 ? -9.49560  -4.91718  -0.49789  1.000 62.06857 ? 6   DT  B "O4'" 1 
ATOM   213 C "C3'" . DT  B 2 6 ? -10.34126 -7.12264  -0.73947  1.000 64.23739 ? 6   DT  B "C3'" 1 
ATOM   214 O "O3'" . DT  B 2 6 ? -9.26604  -8.02233  -0.66621  1.000 66.06771 ? 6   DT  B "O3'" 1 
ATOM   215 C "C2'" . DT  B 2 6 ? -10.68056 -6.56062  0.64374   1.000 63.55620 ? 6   DT  B "C2'" 1 
ATOM   216 C "C1'" . DT  B 2 6 ? -9.61287  -5.48450  0.79043   1.000 61.95309 ? 6   DT  B "C1'" 1 
ATOM   217 N N1    . DT  B 2 6 ? -9.99799  -4.39591  1.72820   1.000 59.35958 ? 6   DT  B N1    1 
ATOM   218 C C2    . DT  B 2 6 ? -9.04383  -3.79575  2.55904   1.000 58.85702 ? 6   DT  B C2    1 
ATOM   219 O O2    . DT  B 2 6 ? -7.86420  -4.11771  2.58900   1.000 58.74772 ? 6   DT  B O2    1 
ATOM   220 N N3    . DT  B 2 6 ? -9.54312  -2.78295  3.34614   1.000 58.58306 ? 6   DT  B N3    1 
ATOM   221 C C4    . DT  B 2 6 ? -10.84151 -2.33927  3.40228   1.000 59.42599 ? 6   DT  B C4    1 
ATOM   222 O O4    . DT  B 2 6 ? -11.19822 -1.43655  4.14215   1.000 59.81024 ? 6   DT  B O4    1 
ATOM   223 C C5    . DT  B 2 6 ? -11.76968 -3.00290  2.52097   1.000 60.33142 ? 6   DT  B C5    1 
ATOM   224 C C7    . DT  B 2 6 ? -13.21444 -2.59077  2.51219   1.000 61.98820 ? 6   DT  B C7    1 
ATOM   225 C C6    . DT  B 2 6 ? -11.30858 -3.98253  1.73553   1.000 60.21914 ? 6   DT  B C6    1 
ATOM   226 P P     . DA  B 2 7 ? -9.51639  -9.55184  -0.27896  1.000 65.75565 ? 7   DA  B P     1 
ATOM   227 O OP1   . DA  B 2 7 ? -8.65189  -10.35380 -1.18131  1.000 66.73444 ? 7   DA  B OP1   1 
ATOM   228 O OP2   . DA  B 2 7 ? -10.98251 -9.78039  -0.23195  1.000 67.70310 ? 7   DA  B OP2   1 
ATOM   229 O "O5'" . DA  B 2 7 ? -8.88127  -9.68885  1.18914   1.000 66.25468 ? 7   DA  B "O5'" 1 
ATOM   230 C "C5'" . DA  B 2 7 ? -7.51064  -9.35831  1.38829   1.000 64.94169 ? 7   DA  B "C5'" 1 
ATOM   231 C "C4'" . DA  B 2 7 ? -7.25388  -8.93127  2.82087   1.000 65.22318 ? 7   DA  B "C4'" 1 
ATOM   232 O "O4'" . DA  B 2 7 ? -8.02280  -7.74474  3.13277   1.000 64.05456 ? 7   DA  B "O4'" 1 
ATOM   233 C "C3'" . DA  B 2 7 ? -7.62499  -9.96337  3.87275   1.000 68.18876 ? 7   DA  B "C3'" 1 
ATOM   234 O "O3'" . DA  B 2 7 ? -6.45748  -10.38818 4.52850   1.000 69.06714 ? 7   DA  B "O3'" 1 
ATOM   235 C "C2'" . DA  B 2 7 ? -8.56503  -9.21792  4.83130   1.000 68.76655 ? 7   DA  B "C2'" 1 
ATOM   236 C "C1'" . DA  B 2 7 ? -8.28891  -7.75954  4.50567   1.000 65.82751 ? 7   DA  B "C1'" 1 
ATOM   237 N N9    . DA  B 2 7 ? -9.42659  -6.87780  4.78447   1.000 65.83571 ? 7   DA  B N9    1 
ATOM   238 C C8    . DA  B 2 7 ? -10.66995 -6.93605  4.21778   1.000 66.51732 ? 7   DA  B C8    1 
ATOM   239 N N7    . DA  B 2 7 ? -11.50482 -6.02292  4.66611   1.000 66.87006 ? 7   DA  B N7    1 
ATOM   240 C C5    . DA  B 2 7 ? -10.75512 -5.30964  5.58899   1.000 66.27694 ? 7   DA  B C5    1 
ATOM   241 C C6    . DA  B 2 7 ? -11.06645 -4.20489  6.41557   1.000 66.61945 ? 7   DA  B C6    1 
ATOM   242 N N6    . DA  B 2 7 ? -12.26947 -3.62136  6.43513   1.000 67.66247 ? 7   DA  B N6    1 
ATOM   243 N N1    . DA  B 2 7 ? -10.09268 -3.73210  7.22384   1.000 66.33177 ? 7   DA  B N1    1 
ATOM   244 C C2    . DA  B 2 7 ? -8.89248  -4.33678  7.20114   1.000 65.81348 ? 7   DA  B C2    1 
ATOM   245 N N3    . DA  B 2 7 ? -8.48166  -5.37800  6.46721   1.000 65.49205 ? 7   DA  B N3    1 
ATOM   246 C C4    . DA  B 2 7 ? -9.46940  -5.82156  5.67526   1.000 65.67915 ? 7   DA  B C4    1 
ATOM   247 P P     . DC  C 3 1 ? 6.02241   4.04005   7.12725   1.000 57.00936 ? 1   DC  C P     1 
ATOM   248 O OP1   . DC  C 3 1 ? 4.99512   3.02666   7.43775   1.000 60.09650 ? 1   DC  C OP1   1 
ATOM   249 O OP2   . DC  C 3 1 ? 5.86710   5.48661   7.43795   1.000 58.22674 ? 1   DC  C OP2   1 
ATOM   250 O "O5'" . DC  C 3 1 ? 6.34827   3.97306   5.57807   1.000 54.25179 ? 1   DC  C "O5'" 1 
ATOM   251 C "C5'" . DC  C 3 1 ? 6.55281   5.14644   4.87254   1.000 53.96404 ? 1   DC  C "C5'" 1 
ATOM   252 C "C4'" . DC  C 3 1 ? 6.14680   4.96093   3.43215   1.000 51.65890 ? 1   DC  C "C4'" 1 
ATOM   253 O "O4'" . DC  C 3 1 ? 7.17450   4.24607   2.70878   1.000 54.11001 ? 1   DC  C "O4'" 1 
ATOM   254 C "C3'" . DC  C 3 1 ? 4.87827   4.17256   3.21602   1.000 53.76250 ? 1   DC  C "C3'" 1 
ATOM   255 O "O3'" . DC  C 3 1 ? 4.26436   4.68266   2.04626   1.000 53.36476 ? 1   DC  C "O3'" 1 
ATOM   256 C "C2'" . DC  C 3 1 ? 5.40152   2.74385   3.01638   1.000 52.35434 ? 1   DC  C "C2'" 1 
ATOM   257 C "C1'" . DC  C 3 1 ? 6.67664   3.01110   2.23590   1.000 53.28732 ? 1   DC  C "C1'" 1 
ATOM   258 N N1    . DC  C 3 1 ? 7.75824   2.03131   2.46292   1.000 52.60070 ? 1   DC  C N1    1 
ATOM   259 C C2    . DC  C 3 1 ? 8.76470   1.94427   1.53158   1.000 51.54870 ? 1   DC  C C2    1 
ATOM   260 O O2    . DC  C 3 1 ? 8.69242   2.66000   0.52945   1.000 52.99843 ? 1   DC  C O2    1 
ATOM   261 N N3    . DC  C 3 1 ? 9.79189   1.09162   1.74568   1.000 54.67769 ? 1   DC  C N3    1 
ATOM   262 C C4    . DC  C 3 1 ? 9.81580   0.34614   2.85150   1.000 53.32701 ? 1   DC  C C4    1 
ATOM   263 N N4    . DC  C 3 1 ? 10.85431  -0.48795  3.02548   1.000 56.53351 ? 1   DC  C N4    1 
ATOM   264 C C5    . DC  C 3 1 ? 8.79288   0.43289   3.83153   1.000 52.80618 ? 1   DC  C C5    1 
ATOM   265 C C6    . DC  C 3 1 ? 7.78878   1.28355   3.60178   1.000 54.64876 ? 1   DC  C C6    1 
ATOM   266 P P     . DA  C 3 2 ? 2.71748   4.44127   1.76295   1.000 52.16498 ? 2   DA  C P     1 
ATOM   267 O OP1   . DA  C 3 2 ? 2.08290   5.77102   1.56467   1.000 56.73205 ? 2   DA  C OP1   1 
ATOM   268 O OP2   . DA  C 3 2 ? 2.14712   3.52330   2.77519   1.000 52.34104 ? 2   DA  C OP2   1 
ATOM   269 O "O5'" . DA  C 3 2 ? 2.75834   3.68743   0.36471   1.000 50.14974 ? 2   DA  C "O5'" 1 
ATOM   270 C "C5'" . DA  C 3 2 ? 3.41112   4.27520   -0.71722  1.000 48.91221 ? 2   DA  C "C5'" 1 
ATOM   271 C "C4'" . DA  C 3 2 ? 3.74429   3.21072   -1.73248  1.000 49.45561 ? 2   DA  C "C4'" 1 
ATOM   272 O "O4'" . DA  C 3 2 ? 4.87702   2.43594   -1.25137  1.000 51.57105 ? 2   DA  C "O4'" 1 
ATOM   273 C "C3'" . DA  C 3 2 ? 2.61538   2.21539   -1.97629  1.000 48.43151 ? 2   DA  C "C3'" 1 
ATOM   274 O "O3'" . DA  C 3 2 ? 2.47962   1.96002   -3.38479  1.000 49.72629 ? 2   DA  C "O3'" 1 
ATOM   275 C "C2'" . DA  C 3 2 ? 3.08695   0.96831   -1.21169  1.000 48.88604 ? 2   DA  C "C2'" 1 
ATOM   276 C "C1'" . DA  C 3 2 ? 4.58615   1.08159   -1.39758  1.000 49.36311 ? 2   DA  C "C1'" 1 
ATOM   277 N N9    . DA  C 3 2 ? 5.36485   0.30379   -0.44320  1.000 49.46854 ? 2   DA  C N9    1 
ATOM   278 C C8    . DA  C 3 2 ? 4.93952   -0.21415  0.75472   1.000 49.44075 ? 2   DA  C C8    1 
ATOM   279 N N7    . DA  C 3 2 ? 5.86797   -0.91030  1.38124   1.000 49.63595 ? 2   DA  C N7    1 
ATOM   280 C C5    . DA  C 3 2 ? 6.95355   -0.87424  0.51497   1.000 50.07750 ? 2   DA  C C5    1 
ATOM   281 C C6    . DA  C 3 2 ? 8.25091   -1.42911  0.58644   1.000 51.49812 ? 2   DA  C C6    1 
ATOM   282 N N6    . DA  C 3 2 ? 8.68861   -2.16496  1.61877   1.000 52.55699 ? 2   DA  C N6    1 
ATOM   283 N N1    . DA  C 3 2 ? 9.09074   -1.19552  -0.45094  1.000 51.70297 ? 2   DA  C N1    1 
ATOM   284 C C2    . DA  C 3 2 ? 8.64271   -0.45399  -1.47533  1.000 51.37563 ? 2   DA  C C2    1 
ATOM   285 N N3    . DA  C 3 2 ? 7.44422   0.10862   -1.65108  1.000 50.69118 ? 2   DA  C N3    1 
ATOM   286 C C4    . DA  C 3 2 ? 6.64914   -0.14058  -0.61398  1.000 48.86360 ? 2   DA  C C4    1 
ATOM   287 P P     . DC  C 3 3 ? 1.55588   2.90676   -4.30782  1.000 44.42645 ? 3   DC  C P     1 
ATOM   288 O OP1   . DC  C 3 3 ? 2.04208   2.87644   -5.71526  1.000 44.96958 ? 3   DC  C OP1   1 
ATOM   289 O OP2   . DC  C 3 3 ? 1.64774   4.22420   -3.62587  1.000 46.03603 ? 3   DC  C OP2   1 
ATOM   290 O "O5'" . DC  C 3 3 ? 0.10599   2.36652   -4.10385  1.000 47.44389 ? 3   DC  C "O5'" 1 
ATOM   291 C "C5'" . DC  C 3 3 ? -0.34433  1.22133   -4.80293  1.000 48.32518 ? 3   DC  C "C5'" 1 
ATOM   292 C "C4'" . DC  C 3 3 ? -1.84082  1.17673   -4.76277  1.000 47.61843 ? 3   DC  C "C4'" 1 
ATOM   293 O "O4'" . DC  C 3 3 ? -2.26378  1.31173   -3.39402  1.000 49.19290 ? 3   DC  C "O4'" 1 
ATOM   294 C "C3'" . DC  C 3 3 ? -2.51246  2.32276   -5.48971  1.000 50.57129 ? 3   DC  C "C3'" 1 
ATOM   295 O "O3'" . DC  C 3 3 ? -2.71074  1.96357   -6.85064  1.000 57.32680 ? 3   DC  C "O3'" 1 
ATOM   296 C "C2'" . DC  C 3 3 ? -3.84804  2.45448   -4.74443  1.000 50.93297 ? 3   DC  C "C2'" 1 
ATOM   297 C "C1'" . DC  C 3 3 ? -3.48425  2.03190   -3.32411  1.000 48.20324 ? 3   DC  C "C1'" 1 
ATOM   298 N N1    . DC  C 3 3 ? -3.28413  3.16397   -2.34621  1.000 47.14378 ? 3   DC  C N1    1 
ATOM   299 C C2    . DC  C 3 3 ? -4.35666  3.95375   -1.95331  1.000 46.45729 ? 3   DC  C C2    1 
ATOM   300 O O2    . DC  C 3 3 ? -5.47257  3.75124   -2.43828  1.000 51.28785 ? 3   DC  C O2    1 
ATOM   301 N N3    . DC  C 3 3 ? -4.14877  4.93790   -1.04777  1.000 46.03876 ? 3   DC  C N3    1 
ATOM   302 C C4    . DC  C 3 3 ? -2.93896  5.13642   -0.53571  1.000 45.31686 ? 3   DC  C C4    1 
ATOM   303 N N4    . DC  C 3 3 ? -2.79427  6.11713   0.36984   1.000 46.96586 ? 3   DC  C N4    1 
ATOM   304 C C5    . DC  C 3 3 ? -1.83049  4.33935   -0.91458  1.000 45.57670 ? 3   DC  C C5    1 
ATOM   305 C C6    . DC  C 3 3 ? -2.04881  3.36726   -1.81008  1.000 46.78762 ? 3   DC  C C6    1 
ATOM   306 P P     . DC  C 3 4 ? -2.57234  3.06925   -8.00676  1.000 53.73957 ? 4   DC  C P     1 
ATOM   307 O OP1   . DC  C 3 4 ? -2.47184  2.38699   -9.32029  1.000 65.85555 ? 4   DC  C OP1   1 
ATOM   308 O OP2   . DC  C 3 4 ? -1.48015  3.97511   -7.58724  1.000 47.78172 ? 4   DC  C OP2   1 
ATOM   309 O "O5'" . DC  C 3 4 ? -3.98126  3.82785   -7.96191  1.000 59.46629 ? 4   DC  C "O5'" 1 
ATOM   310 C "C5'" . DC  C 3 4 ? -5.17235  3.07386   -7.86757  1.000 58.37260 ? 4   DC  C "C5'" 1 
ATOM   311 C "C4'" . DC  C 3 4 ? -6.33919  3.97531   -7.55003  1.000 61.06951 ? 4   DC  C "C4'" 1 
ATOM   312 O "O4'" . DC  C 3 4 ? -6.16662  4.54487   -6.21736  1.000 56.78481 ? 4   DC  C "O4'" 1 
ATOM   313 C "C3'" . DC  C 3 4 ? -6.50538  5.15025   -8.51027  1.000 73.18886 ? 4   DC  C "C3'" 1 
ATOM   314 O "O3'" . DC  C 3 4 ? -7.90659  5.37023   -8.77437  1.000 76.27535 ? 4   DC  C "O3'" 1 
ATOM   315 C "C2'" . DC  C 3 4 ? -5.86597  6.30283   -7.74646  1.000 72.06722 ? 4   DC  C "C2'" 1 
ATOM   316 C "C1'" . DC  C 3 4 ? -6.16578  5.95938   -6.28936  1.000 59.02345 ? 4   DC  C "C1'" 1 
ATOM   317 N N1    . DC  C 3 4 ? -5.12462  6.51291   -5.29783  1.000 50.85859 ? 4   DC  C N1    1 
ATOM   318 C C2    . DC  C 3 4 ? -5.49712  7.46174   -4.30379  1.000 46.93327 ? 4   DC  C C2    1 
ATOM   319 O O2    . DC  C 3 4 ? -6.66885  7.85352   -4.23207  1.000 53.13796 ? 4   DC  C O2    1 
ATOM   320 N N3    . DC  C 3 4 ? -4.54606  7.92654   -3.45235  1.000 42.33364 ? 4   DC  C N3    1 
ATOM   321 C C4    . DC  C 3 4 ? -3.29427  7.47890   -3.54041  1.000 40.79340 ? 4   DC  C C4    1 
ATOM   322 N N4    . DC  C 3 4 ? -2.39172  7.96392   -2.66855  1.000 40.41467 ? 4   DC  C N4    1 
ATOM   323 C C5    . DC  C 3 4 ? -2.89244  6.53063   -4.53462  1.000 41.19533 ? 4   DC  C C5    1 
ATOM   324 C C6    . DC  C 3 4 ? -3.83075  6.07985   -5.38079  1.000 46.67272 ? 4   DC  C C6    1 
ATOM   325 P P     . DT  C 3 5 ? -8.43606  6.36136   -9.94353  1.000 70.59890 ? 5   DT  C P     1 
ATOM   326 O OP1   . DT  C 3 5 ? -9.23994  5.52648   -10.87459 1.000 65.20465 ? 5   DT  C OP1   1 
ATOM   327 O OP2   . DT  C 3 5 ? -7.33742  7.20676   -10.47111 1.000 73.46961 ? 5   DT  C OP2   1 
ATOM   328 O "O5'" . DT  C 3 5 ? -9.41277  7.34646   -9.14728  1.000 65.33045 ? 5   DT  C "O5'" 1 
ATOM   329 C "C5'" . DT  C 3 5 ? -9.07690  7.69000   -7.81890  1.000 59.43358 ? 5   DT  C "C5'" 1 
ATOM   330 C "C4'" . DT  C 3 5 ? -10.11346 8.58090   -7.21468  1.000 58.15881 ? 5   DT  C "C4'" 1 
ATOM   331 O "O4'" . DT  C 3 5 ? -9.49196  9.43935   -6.23742  1.000 61.63175 ? 5   DT  C "O4'" 1 
ATOM   332 C "C3'" . DT  C 3 5 ? -10.68758 9.57093   -8.15657  1.000 67.42061 ? 5   DT  C "C3'" 1 
ATOM   333 O "O3'" . DT  C 3 5 ? -11.71869 10.21093  -7.45631  1.000 68.74138 ? 5   DT  C "O3'" 1 
ATOM   334 C "C2'" . DT  C 3 5 ? -9.48671  10.50464  -8.33449  1.000 72.02806 ? 5   DT  C "C2'" 1 
ATOM   335 C "C1'" . DT  C 3 5 ? -9.07575  10.64939  -6.87297  1.000 70.54556 ? 5   DT  C "C1'" 1 
ATOM   336 N N1    . DT  C 3 5 ? -7.62893  10.77428  -6.60861  1.000 62.92727 ? 5   DT  C N1    1 
ATOM   337 C C2    . DT  C 3 5 ? -7.22285  11.55234  -5.55705  1.000 51.50280 ? 5   DT  C C2    1 
ATOM   338 O O2    . DT  C 3 5 ? -7.99098  12.20124  -4.88155  1.000 51.99168 ? 5   DT  C O2    1 
ATOM   339 N N3    . DT  C 3 5 ? -5.87705  11.55571  -5.33361  1.000 41.08479 ? 5   DT  C N3    1 
ATOM   340 C C4    . DT  C 3 5 ? -4.92069  10.84820  -6.02579  1.000 40.42830 ? 5   DT  C C4    1 
ATOM   341 O O4    . DT  C 3 5 ? -3.72994  10.91930  -5.76443  1.000 38.61648 ? 5   DT  C O4    1 
ATOM   342 C C5    . DT  C 3 5 ? -5.40741  10.03312  -7.09927  1.000 50.25809 ? 5   DT  C C5    1 
ATOM   343 C C7    . DT  C 3 5 ? -4.43464  9.24820   -7.92320  1.000 48.40859 ? 5   DT  C C7    1 
ATOM   344 C C6    . DT  C 3 5 ? -6.72883  10.02096  -7.33193  1.000 61.82438 ? 5   DT  C C6    1 
ATOM   345 O "O5'" . DT  D 4 1 ? -11.32100 1.10516   14.37419  1.000 66.17990 ? 5   DT  D "O5'" 1 
ATOM   346 C "C5'" . DT  D 4 1 ? -10.17072 1.92970   14.28081  1.000 63.42951 ? 5   DT  D "C5'" 1 
ATOM   347 C "C4'" . DT  D 4 1 ? -8.94222  1.08628   14.00765  1.000 61.12601 ? 5   DT  D "C4'" 1 
ATOM   348 O "O4'" . DT  D 4 1 ? -9.31390  -0.02845  13.16135  1.000 61.09197 ? 5   DT  D "O4'" 1 
ATOM   349 C "C3'" . DT  D 4 1 ? -7.81058  1.80019   13.27742  1.000 57.34997 ? 5   DT  D "C3'" 1 
ATOM   350 O "O3'" . DT  D 4 1 ? -6.56153  1.22011   13.66220  1.000 57.66992 ? 5   DT  D "O3'" 1 
ATOM   351 C "C2'" . DT  D 4 1 ? -8.13843  1.51758   11.80996  1.000 54.85987 ? 5   DT  D "C2'" 1 
ATOM   352 C "C1'" . DT  D 4 1 ? -8.67644  0.09149   11.90338  1.000 57.43026 ? 5   DT  D "C1'" 1 
ATOM   353 N N1    . DT  D 4 1 ? -9.66304  -0.25782  10.86780  1.000 56.96591 ? 5   DT  D N1    1 
ATOM   354 C C2    . DT  D 4 1 ? -9.36865  -1.26938  9.98170   1.000 56.43919 ? 5   DT  D C2    1 
ATOM   355 O O2    . DT  D 4 1 ? -8.30599  -1.88381  10.00439  1.000 56.28417 ? 5   DT  D O2    1 
ATOM   356 N N3    . DT  D 4 1 ? -10.36312 -1.53008  9.06571   1.000 56.40240 ? 5   DT  D N3    1 
ATOM   357 C C4    . DT  D 4 1 ? -11.58411 -0.89900  8.97122   1.000 56.97217 ? 5   DT  D C4    1 
ATOM   358 O O4    . DT  D 4 1 ? -12.42525 -1.19804  8.13405   1.000 57.28859 ? 5   DT  D O4    1 
ATOM   359 C C5    . DT  D 4 1 ? -11.81825 0.13669   9.93171   1.000 58.08160 ? 5   DT  D C5    1 
ATOM   360 C C7    . DT  D 4 1 ? -13.12019 0.86936   9.91637   1.000 60.05093 ? 5   DT  D C7    1 
ATOM   361 C C6    . DT  D 4 1 ? -10.85940 0.40572   10.82767  1.000 57.94928 ? 5   DT  D C6    1 
ATOM   362 P P     . DA  D 4 2 ? -5.20050  2.05113   13.52146  1.000 66.65212 ? 6   DA  D P     1 
ATOM   363 O OP1   . DA  D 4 2 ? -4.47690  1.83032   14.79944  1.000 67.85680 ? 6   DA  D OP1   1 
ATOM   364 O OP2   . DA  D 4 2 ? -5.55098  3.41997   13.07020  1.000 65.83245 ? 6   DA  D OP2   1 
ATOM   365 O "O5'" . DA  D 4 2 ? -4.43028  1.33556   12.31135  1.000 60.53941 ? 6   DA  D "O5'" 1 
ATOM   366 C "C5'" . DA  D 4 2 ? -4.29808  -0.08338  12.31356  1.000 65.12718 ? 6   DA  D "C5'" 1 
ATOM   367 C "C4'" . DA  D 4 2 ? -3.82149  -0.59879  10.96615  1.000 61.28262 ? 6   DA  D "C4'" 1 
ATOM   368 O "O4'" . DA  D 4 2 ? -4.95343  -0.87349  10.09416  1.000 60.18983 ? 6   DA  D "O4'" 1 
ATOM   369 C "C3'" . DA  D 4 2 ? -2.93194  0.34867   10.17596  1.000 59.81286 ? 6   DA  D "C3'" 1 
ATOM   370 O "O3'" . DA  D 4 2 ? -1.99902  -0.41154  9.50250   1.000 63.57136 ? 6   DA  D "O3'" 1 
ATOM   371 C "C2'" . DA  D 4 2 ? -3.90773  0.97114   9.18537   1.000 56.51715 ? 6   DA  D "C2'" 1 
ATOM   372 C "C1'" . DA  D 4 2 ? -4.72943  -0.24986  8.85353   1.000 54.46067 ? 6   DA  D "C1'" 1 
ATOM   373 N N9    . DA  D 4 2 ? -6.00792  0.03294   8.26873   1.000 53.36798 ? 6   DA  D N9    1 
ATOM   374 C C8    . DA  D 4 2 ? -6.88730  1.01988   8.62198   1.000 54.14681 ? 6   DA  D C8    1 
ATOM   375 N N7    . DA  D 4 2 ? -8.00471  1.00986   7.92236   1.000 52.97581 ? 6   DA  D N7    1 
ATOM   376 C C5    . DA  D 4 2 ? -7.83339  -0.05959  7.06126   1.000 53.09618 ? 6   DA  D C5    1 
ATOM   377 C C6    . DA  D 4 2 ? -8.65485  -0.59833  6.06772   1.000 54.37153 ? 6   DA  D C6    1 
ATOM   378 N N6    . DA  D 4 2 ? -9.84872  -0.08850  5.77637   1.000 54.28990 ? 6   DA  D N6    1 
ATOM   379 N N1    . DA  D 4 2 ? -8.18788  -1.67514  5.37193   1.000 54.45089 ? 6   DA  D N1    1 
ATOM   380 C C2    . DA  D 4 2 ? -6.96728  -2.16564  5.67323   1.000 54.61589 ? 6   DA  D C2    1 
ATOM   381 N N3    . DA  D 4 2 ? -6.10031  -1.74019  6.60558   1.000 53.57438 ? 6   DA  D N3    1 
ATOM   382 C C4    . DA  D 4 2 ? -6.60754  -0.67471  7.26785   1.000 53.39416 ? 6   DA  D C4    1 
ATOM   383 P P     . DG  D 4 3 ? -0.64773  0.25731   9.00099   1.000 64.39742 ? 7   DG  D P     1 
ATOM   384 O OP1   . DG  D 4 3 ? 0.27683   0.24985   10.16185  1.000 71.44927 ? 7   DG  D OP1   1 
ATOM   385 O OP2   . DG  D 4 3 ? -1.00619  1.54019   8.34822   1.000 55.48518 ? 7   DG  D OP2   1 
ATOM   386 O "O5'" . DG  D 4 3 ? -0.13635  -0.77464  7.87897   1.000 70.46730 ? 7   DG  D "O5'" 1 
ATOM   387 C "C5'" . DG  D 4 3 ? -0.90342  -1.94152  7.60733   1.000 71.92526 ? 7   DG  D "C5'" 1 
ATOM   388 C "C4'" . DG  D 4 3 ? -0.91898  -2.26475  6.12226   1.000 70.19420 ? 7   DG  D "C4'" 1 
ATOM   389 O "O4'" . DG  D 4 3 ? -2.18631  -1.87854  5.53284   1.000 62.47606 ? 7   DG  D "O4'" 1 
ATOM   390 C "C3'" . DG  D 4 3 ? 0.13957   -1.58051  5.28224   1.000 69.72656 ? 7   DG  D "C3'" 1 
ATOM   391 O "O3'" . DG  D 4 3 ? 0.46212   -2.43727  4.19313   1.000 72.51611 ? 7   DG  D "O3'" 1 
ATOM   392 C "C2'" . DG  D 4 3 ? -0.58656  -0.30998  4.82392   1.000 58.77895 ? 7   DG  D "C2'" 1 
ATOM   393 C "C1'" . DG  D 4 3 ? -2.00175  -0.82495  4.60344   1.000 55.02209 ? 7   DG  D "C1'" 1 
ATOM   394 N N9    . DG  D 4 3 ? -3.05520  0.15773   4.85889   1.000 47.92125 ? 7   DG  D N9    1 
ATOM   395 C C8    . DG  D 4 3 ? -3.05445  1.15163   5.81127   1.000 49.51594 ? 7   DG  D C8    1 
ATOM   396 N N7    . DG  D 4 3 ? -4.16864  1.84543   5.84092   1.000 48.06948 ? 7   DG  D N7    1 
ATOM   397 C C5    . DG  D 4 3 ? -4.95880  1.27044   4.85334   1.000 46.26850 ? 7   DG  D C5    1 
ATOM   398 C C6    . DG  D 4 3 ? -6.25876  1.60125   4.42067   1.000 46.18665 ? 7   DG  D C6    1 
ATOM   399 O O6    . DG  D 4 3 ? -7.01108  2.49573   4.83982   1.000 48.57712 ? 7   DG  D O6    1 
ATOM   400 N N1    . DG  D 4 3 ? -6.69236  0.75656   3.40710   1.000 46.51666 ? 7   DG  D N1    1 
ATOM   401 C C2    . DG  D 4 3 ? -5.94315  -0.25016  2.85801   1.000 46.82921 ? 7   DG  D C2    1 
ATOM   402 N N2    . DG  D 4 3 ? -6.51986  -0.95545  1.87263   1.000 50.69991 ? 7   DG  D N2    1 
ATOM   403 N N3    . DG  D 4 3 ? -4.73650  -0.57795  3.26229   1.000 47.38597 ? 7   DG  D N3    1 
ATOM   404 C C4    . DG  D 4 3 ? -4.30024  0.22418   4.25363   1.000 46.68639 ? 7   DG  D C4    1 
ATOM   405 P P     . DT  D 4 4 ? 1.64012   -2.08218  3.16764   1.000 66.19877 ? 8   DT  D P     1 
ATOM   406 O OP1   . DT  D 4 4 ? 2.37808   -3.33750  2.92441   1.000 75.08297 ? 8   DT  D OP1   1 
ATOM   407 O OP2   . DT  D 4 4 ? 2.36138   -0.88865  3.65224   1.000 62.55595 ? 8   DT  D OP2   1 
ATOM   408 O "O5'" . DT  D 4 4 ? 0.85369   -1.73877  1.82422   1.000 61.29321 ? 8   DT  D "O5'" 1 
ATOM   409 C "C5'" . DT  D 4 4 ? -0.03604  -2.71051  1.28344   1.000 62.55681 ? 8   DT  D "C5'" 1 
ATOM   410 C "C4'" . DT  D 4 4 ? -0.78697  -2.16591  0.08035   1.000 56.26192 ? 8   DT  D "C4'" 1 
ATOM   411 O "O4'" . DT  D 4 4 ? -1.88861  -1.34415  0.53200   1.000 50.98166 ? 8   DT  D "O4'" 1 
ATOM   412 C "C3'" . DT  D 4 4 ? 0.04473   -1.30158  -0.87245  1.000 53.31806 ? 8   DT  D "C3'" 1 
ATOM   413 O "O3'" . DT  D 4 4 ? -0.17131  -1.72180  -2.22198  1.000 56.62389 ? 8   DT  D "O3'" 1 
ATOM   414 C "C2'" . DT  D 4 4 ? -0.48827  0.10644   -0.62044  1.000 44.38224 ? 8   DT  D "C2'" 1 
ATOM   415 C "C1'" . DT  D 4 4 ? -1.94657  -0.18797  -0.24808  1.000 45.00442 ? 8   DT  D "C1'" 1 
ATOM   416 N N1    . DT  D 4 4 ? -2.57326  0.87943   0.56246   1.000 43.46323 ? 8   DT  D N1    1 
ATOM   417 C C2    . DT  D 4 4 ? -3.89198  1.21535   0.37107   1.000 43.68482 ? 8   DT  D C2    1 
ATOM   418 O O2    . DT  D 4 4 ? -4.62947  0.66077   -0.44243  1.000 44.30279 ? 8   DT  D O2    1 
ATOM   419 N N3    . DT  D 4 4 ? -4.33982  2.22616   1.18983   1.000 43.48798 ? 8   DT  D N3    1 
ATOM   420 C C4    . DT  D 4 4 ? -3.60197  2.92336   2.13235   1.000 43.06673 ? 8   DT  D C4    1 
ATOM   421 O O4    . DT  D 4 4 ? -4.09359  3.80908   2.83380   1.000 43.18486 ? 8   DT  D O4    1 
ATOM   422 C C5    . DT  D 4 4 ? -2.26011  2.50385   2.28852   1.000 42.93431 ? 8   DT  D C5    1 
ATOM   423 C C7    . DT  D 4 4 ? -1.37661  3.17544   3.29076   1.000 42.87711 ? 8   DT  D C7    1 
ATOM   424 C C6    . DT  D 4 4 ? -1.80163  1.53061   1.49637   1.000 43.11920 ? 8   DT  D C6    1 
ATOM   425 P P     . DG  D 4 5 ? 0.72970   -2.89298  -2.87011  1.000 56.63783 ? 9   DG  D P     1 
ATOM   426 O OP1   . DG  D 4 5 ? 0.08637   -3.35429  -4.11270  1.000 56.75901 ? 9   DG  D OP1   1 
ATOM   427 O OP2   . DG  D 4 5 ? 1.02736   -3.89198  -1.83521  1.000 60.98660 ? 9   DG  D OP2   1 
ATOM   428 O "O5'" . DG  D 4 5 ? 2.09422   -2.14554  -3.27483  1.000 54.43008 ? 9   DG  D "O5'" 1 
ATOM   429 C "C5'" . DG  D 4 5 ? 2.16867   -1.37808  -4.47816  1.000 51.06826 ? 9   DG  D "C5'" 1 
ATOM   430 C "C4'" . DG  D 4 5 ? 3.59484   -1.33636  -4.99153  1.000 44.43842 ? 9   DG  D "C4'" 1 
ATOM   431 O "O4'" . DG  D 4 5 ? 4.46265   -1.08057  -3.87104  1.000 42.11795 ? 9   DG  D "O4'" 1 
ATOM   432 C "C3'" . DG  D 4 5 ? 4.09179   -2.64681  -5.58232  1.000 47.72332 ? 9   DG  D "C3'" 1 
ATOM   433 O "O3'" . DG  D 4 5 ? 3.87204   -2.66991  -6.98136  1.000 46.86495 ? 9   DG  D "O3'" 1 
ATOM   434 C "C2'" . DG  D 4 5 ? 5.58005   -2.62248  -5.28630  1.000 44.39801 ? 9   DG  D "C2'" 1 
ATOM   435 C "C1'" . DG  D 4 5 ? 5.65780   -1.82069  -4.00189  1.000 43.56433 ? 9   DG  D "C1'" 1 
ATOM   436 N N9    . DG  D 4 5 ? 5.87268   -2.61827  -2.78920  1.000 46.48113 ? 9   DG  D N9    1 
ATOM   437 C C8    . DG  D 4 5 ? 5.05190   -2.68521  -1.69199  1.000 53.19987 ? 9   DG  D C8    1 
ATOM   438 N N7    . DG  D 4 5 ? 5.51046   -3.45016  -0.74191  1.000 58.80671 ? 9   DG  D N7    1 
ATOM   439 C C5    . DG  D 4 5 ? 6.71917   -3.92009  -1.23273  1.000 55.51663 ? 9   DG  D C5    1 
ATOM   440 C C6    . DG  D 4 5 ? 7.66618   -4.78367  -0.63157  1.000 59.13191 ? 9   DG  D C6    1 
ATOM   441 O O6    . DG  D 4 5 ? 7.61074   -5.31904  0.48550   1.000 66.54438 ? 9   DG  D O6    1 
ATOM   442 N N1    . DG  D 4 5 ? 8.76952   -5.01044  -1.45934  1.000 51.74636 ? 9   DG  D N1    1 
ATOM   443 C C2    . DG  D 4 5 ? 8.93219   -4.46870  -2.71187  1.000 50.29655 ? 9   DG  D C2    1 
ATOM   444 N N2    . DG  D 4 5 ? 10.06403  -4.81376  -3.35737  1.000 51.75372 ? 9   DG  D N2    1 
ATOM   445 N N3    . DG  D 4 5 ? 8.04788   -3.64219  -3.29150  1.000 47.95709 ? 9   DG  D N3    1 
ATOM   446 C C4    . DG  D 4 5 ? 6.96828   -3.41536  -2.49134  1.000 48.83574 ? 9   DG  D C4    1 
ATOM   447 P P     . DA  D 4 6 ? 3.64141   -4.06811  -7.73714  1.000 52.68925 ? 10  DA  D P     1 
ATOM   448 O OP1   . DA  D 4 6 ? 3.05055   -3.76609  -9.06617  1.000 51.56125 ? 10  DA  D OP1   1 
ATOM   449 O OP2   . DA  D 4 6 ? 2.99627   -5.01666  -6.80337  1.000 56.78080 ? 10  DA  D OP2   1 
ATOM   450 O "O5'" . DA  D 4 6 ? 5.10384   -4.66380  -7.94817  1.000 50.98756 ? 10  DA  D "O5'" 1 
ATOM   451 C "C5'" . DA  D 4 6 ? 6.03445   -4.03648  -8.82509  1.000 47.41167 ? 10  DA  D "C5'" 1 
ATOM   452 C "C4'" . DA  D 4 6 ? 7.30788   -4.83921  -8.81868  1.000 48.43187 ? 10  DA  D "C4'" 1 
ATOM   453 O "O4'" . DA  D 4 6 ? 7.83694   -4.78871  -7.47247  1.000 49.12460 ? 10  DA  D "O4'" 1 
ATOM   454 C "C3'" . DA  D 4 6 ? 7.09488   -6.31251  -9.14894  1.000 50.66417 ? 10  DA  D "C3'" 1 
ATOM   455 O "O3'" . DA  D 4 6 ? 7.56036   -6.65259  -10.50030 1.000 52.48895 ? 10  DA  D "O3'" 1 
ATOM   456 C "C2'" . DA  D 4 6 ? 7.83291   -7.09878  -8.07642  1.000 51.74598 ? 10  DA  D "C2'" 1 
ATOM   457 C "C1'" . DA  D 4 6 ? 8.16350   -6.08758  -7.00760  1.000 51.74357 ? 10  DA  D "C1'" 1 
ATOM   458 N N9    . DA  D 4 6 ? 7.46642   -6.34234  -5.75653  1.000 52.47674 ? 10  DA  D N9    1 
ATOM   459 C C8    . DA  D 4 6 ? 6.19369   -5.95626  -5.40071  1.000 57.10669 ? 10  DA  D C8    1 
ATOM   460 N N7    . DA  D 4 6 ? 5.84567   -6.33818  -4.18572  1.000 58.87953 ? 10  DA  D N7    1 
ATOM   461 C C5    . DA  D 4 6 ? 6.96429   -7.02502  -3.73364  1.000 58.95339 ? 10  DA  D C5    1 
ATOM   462 C C6    . DA  D 4 6 ? 7.24606   -7.67706  -2.52334  1.000 65.06581 ? 10  DA  D C6    1 
ATOM   463 N N6    . DA  D 4 6 ? 6.37081   -7.73738  -1.51930  1.000 71.73315 ? 10  DA  D N6    1 
ATOM   464 N N1    . DA  D 4 6 ? 8.47240   -8.27526  -2.38965  1.000 65.06658 ? 10  DA  D N1    1 
ATOM   465 C C2    . DA  D 4 6 ? 9.33478   -8.20752  -3.42267  1.000 60.54835 ? 10  DA  D C2    1 
ATOM   466 N N3    . DA  D 4 6 ? 9.17297   -7.61442  -4.61212  1.000 55.58731 ? 10  DA  D N3    1 
ATOM   467 C C4    . DA  D 4 6 ? 7.96160   -7.03645  -4.69637  1.000 53.41806 ? 10  DA  D C4    1 
ATOM   468 P P     . DC  D 4 7 ? 9.08571   -7.06599  -10.81567 1.000 51.07006 ? 11  DC  D P     1 
ATOM   469 O OP1   . DC  D 4 7 ? 9.83325   -5.91078  -10.31055 1.000 49.75291 ? 11  DC  D OP1   1 
ATOM   470 O OP2   . DC  D 4 7 ? 9.19695   -7.50762  -12.22330 1.000 52.73066 ? 11  DC  D OP2   1 
ATOM   471 O "O5'" . DC  D 4 7 ? 9.42589   -8.37291  -9.94183  1.000 53.24592 ? 11  DC  D "O5'" 1 
ATOM   472 C "C5'" . DC  D 4 7 ? 10.72904  -8.47868  -9.31851  1.000 54.66420 ? 11  DC  D "C5'" 1 
ATOM   473 C "C4'" . DC  D 4 7 ? 10.85428  -9.74470  -8.46287  1.000 57.07617 ? 11  DC  D "C4'" 1 
ATOM   474 O "O4'" . DC  D 4 7 ? 10.10991  -9.58148  -7.23685  1.000 55.86215 ? 11  DC  D "O4'" 1 
ATOM   475 C "C3'" . DC  D 4 7 ? 10.31063  -11.01460 -9.08824  1.000 59.20679 ? 11  DC  D "C3'" 1 
ATOM   476 O "O3'" . DC  D 4 7 ? 11.37354  -11.74922 -9.69668  1.000 63.38699 ? 11  DC  D "O3'" 1 
ATOM   477 C "C2'" . DC  D 4 7 ? 9.70480   -11.80156 -7.90782  1.000 60.81852 ? 11  DC  D "C2'" 1 
ATOM   478 C "C1'" . DC  D 4 7 ? 9.84038   -10.86227 -6.71353  1.000 58.39661 ? 11  DC  D "C1'" 1 
ATOM   479 N N1    . DC  D 4 7 ? 8.60412   -10.76382 -5.87476  1.000 57.29158 ? 11  DC  D N1    1 
ATOM   480 C C2    . DC  D 4 7 ? 8.58185   -11.31573 -4.58252  1.000 59.40840 ? 11  DC  D C2    1 
ATOM   481 O O2    . DC  D 4 7 ? 9.58620   -11.89365 -4.15840  1.000 62.53836 ? 11  DC  D O2    1 
ATOM   482 N N3    . DC  D 4 7 ? 7.45895   -11.20097 -3.84327  1.000 62.61761 ? 11  DC  D N3    1 
ATOM   483 C C4    . DC  D 4 7 ? 6.40082   -10.56443 -4.34538  1.000 61.20334 ? 11  DC  D C4    1 
ATOM   484 N N4    . DC  D 4 7 ? 5.31745   -10.46138 -3.58564  1.000 65.24584 ? 11  DC  D N4    1 
ATOM   485 C C5    . DC  D 4 7 ? 6.40607   -9.99677  -5.64634  1.000 55.64176 ? 11  DC  D C5    1 
ATOM   486 C C6    . DC  D 4 7 ? 7.51772   -10.11724 -6.36881  1.000 54.55129 ? 11  DC  D C6    1 
HETATM 487 O O     . HOH E 5 . ? 20.27580  -3.62112  -7.82224  1.000 54.93018 ? 101 HOH A O     1 
HETATM 488 O O     . HOH E 5 . ? 16.54766  -13.18002 4.63796   1.000 71.75456 ? 102 HOH A O     1 
HETATM 489 O O     . HOH F 5 . ? -6.96034  6.04303   4.64604   1.000 54.15946 ? 101 HOH B O     1 
HETATM 490 O O     . HOH F 5 . ? -5.98470  -5.34224  1.07747   1.000 56.99466 ? 102 HOH B O     1 
HETATM 491 O O     . HOH F 5 . ? -14.57561 5.53219   1.66981   1.000 51.94204 ? 103 HOH B O     1 
HETATM 492 O O     . HOH G 5 . ? 3.04734   4.27418   -7.45369  1.000 52.14320 ? 101 HOH C O     1 
HETATM 493 O O     . HOH G 5 . ? 1.30158   1.24086   1.85412   1.000 53.08182 ? 102 HOH C O     1 
HETATM 494 O O     . HOH G 5 . ? 6.86512   2.00981   -4.00984  1.000 46.90805 ? 103 HOH C O     1 
HETATM 495 O O     . HOH H 5 . ? 11.75641  -6.45590  -11.95870 1.000 59.45775 ? 101 HOH D O     1 
# 
loop_
_atom_site_anisotrop.id 
_atom_site_anisotrop.type_symbol 
_atom_site_anisotrop.pdbx_label_atom_id 
_atom_site_anisotrop.pdbx_label_alt_id 
_atom_site_anisotrop.pdbx_label_comp_id 
_atom_site_anisotrop.pdbx_label_asym_id 
_atom_site_anisotrop.pdbx_label_seq_id 
_atom_site_anisotrop.pdbx_PDB_ins_code 
_atom_site_anisotrop.U[1][1] 
_atom_site_anisotrop.U[2][2] 
_atom_site_anisotrop.U[3][3] 
_atom_site_anisotrop.U[1][2] 
_atom_site_anisotrop.U[1][3] 
_atom_site_anisotrop.U[2][3] 
_atom_site_anisotrop.pdbx_auth_seq_id 
_atom_site_anisotrop.pdbx_auth_comp_id 
_atom_site_anisotrop.pdbx_auth_asym_id 
_atom_site_anisotrop.pdbx_auth_atom_id 
1   O "O5'" . DG A 1 ? 1.23926 0.96135 1.47906 -0.04890 0.08128  -0.07547 7  DG A "O5'" 
2   C "C5'" . DG A 1 ? 1.15946 0.86381 1.41623 -0.05319 0.06918  -0.05671 7  DG A "C5'" 
3   C "C4'" . DG A 1 ? 1.14087 0.85567 1.37437 -0.02738 0.04933  -0.06162 7  DG A "C4'" 
4   O "O4'" . DG A 1 ? 1.04912 0.74995 1.30965 -0.03198 0.04156  -0.04589 7  DG A "O4'" 
5   C "C3'" . DG A 1 ? 1.13773 0.91560 1.40799 -0.01959 0.05366  -0.08726 7  DG A "C3'" 
6   O "O3'" . DG A 1 ? 1.18090 0.97228 1.40874 0.01072  0.03587  -0.09304 7  DG A "O3'" 
7   C "C2'" . DG A 1 ? 0.99881 0.79633 1.34172 -0.03678 0.06225  -0.08441 7  DG A "C2'" 
8   C "C1'" . DG A 1 ? 0.96917 0.71794 1.28836 -0.03271 0.04847  -0.05873 7  DG A "C1'" 
9   N N9    . DG A 1 ? 0.85438 0.59465 1.22970 -0.05358 0.05602  -0.04787 7  DG A N9    
10  C C8    . DG A 1 ? 0.81362 0.55082 1.22805 -0.07663 0.07031  -0.04386 7  DG A C8    
11  N N7    . DG A 1 ? 0.70849 0.44026 1.16884 -0.08722 0.07182  -0.03484 7  DG A N7    
12  C C5    . DG A 1 ? 0.70043 0.42575 1.14760 -0.07155 0.05900  -0.03222 7  DG A C5    
13  C C6    . DG A 1 ? 0.62132 0.33177 1.09410 -0.07134 0.05462  -0.02302 7  DG A C6    
14  O O6    . DG A 1 ? 0.59651 0.32100 1.08425 -0.07804 0.05566  -0.01563 7  DG A O6    
15  N N1    . DG A 1 ? 0.64509 0.35228 1.08768 -0.05021 0.04527  -0.02197 7  DG A N1    
16  C C2    . DG A 1 ? 0.74668 0.47002 1.14471 -0.02988 0.03945  -0.02910 7  DG A C2    
17  N N2    . DG A 1 ? 0.77379 0.49812 1.15093 -0.00785 0.03338  -0.02562 7  DG A N2    
18  N N3    . DG A 1 ? 0.81142 0.54885 1.18445 -0.02821 0.04004  -0.03881 7  DG A N3    
19  C C4    . DG A 1 ? 0.78453 0.51877 1.18222 -0.05059 0.05051  -0.03970 7  DG A C4    
20  P P     . DT A 2 ? 1.12273 0.98869 1.38703 0.01933  0.03553  -0.11900 8  DT A P     
21  O OP1   . DT A 2 ? 1.19943 1.07460 1.40041 0.05536  0.01662  -0.12576 8  DT A OP1   
22  O OP2   . DT A 2 ? 1.06880 0.96116 1.38091 -0.00558 0.05226  -0.13710 8  DT A OP2   
23  O "O5'" . DT A 2 ? 1.04782 0.93498 1.36180 0.01563  0.03754  -0.11121 8  DT A "O5'" 
24  C "C5'" . DT A 2 ? 1.04739 0.89687 1.32352 0.03506  0.02536  -0.08991 8  DT A "C5'" 
25  C "C4'" . DT A 2 ? 0.98470 0.86767 1.30511 0.03696  0.03008  -0.08823 8  DT A "C4'" 
26  O "O4'" . DT A 2 ? 0.90826 0.76084 1.26903 0.01255  0.04034  -0.07564 8  DT A "O4'" 
27  C "C3'" . DT A 2 ? 0.94615 0.90855 1.32369 0.02824  0.03987  -0.11158 8  DT A "C3'" 
28  O "O3'" . DT A 2 ? 0.93886 0.93784 1.31973 0.04970  0.03715  -0.10871 8  DT A "O3'" 
29  C "C2'" . DT A 2 ? 0.86236 0.82201 1.30469 -0.00865 0.05879  -0.11402 8  DT A "C2'" 
30  C "C1'" . DT A 2 ? 0.83874 0.73747 1.26761 -0.00719 0.05702  -0.08855 8  DT A "C1'" 
31  N N1    . DT A 2 ? 0.74606 0.61618 1.21393 -0.03557 0.06932  -0.08453 8  DT A N1    
32  C C2    . DT A 2 ? 0.67038 0.51831 1.16605 -0.04327 0.07520  -0.07273 8  DT A C2    
33  O O2    . DT A 2 ? 0.70835 0.55611 1.19738 -0.02967 0.07310  -0.06482 8  DT A O2    
34  N N3    . DT A 2 ? 0.57906 0.40475 1.10808 -0.06458 0.08465  -0.07062 8  DT A N3    
35  C C4    . DT A 2 ? 0.57524 0.40112 1.11361 -0.07795 0.09118  -0.07733 8  DT A C4    
36  O O4    . DT A 2 ? 0.51744 0.32813 1.08747 -0.09233 0.10057  -0.07409 8  DT A O4    
37  C C5    . DT A 2 ? 0.66334 0.50810 1.16806 -0.07025 0.08682  -0.08831 8  DT A C5    
38  C C7    . DT A 2 ? 0.68540 0.52743 1.19098 -0.08166 0.09675  -0.09527 8  DT A C7    
39  C C6    . DT A 2 ? 0.74465 0.60882 1.21523 -0.04965 0.07485  -0.09190 8  DT A C6    
40  P P     . DC A 3 ? 0.88353 0.97111 1.33091 0.03743  0.04767  -0.12846 9  DC A P     
41  O OP1   . DC A 3 ? 0.92070 1.05307 1.34888 0.07366  0.03973  -0.12555 9  DC A OP1   
42  O OP2   . DC A 3 ? 0.88451 1.00111 1.35539 0.01557  0.04827  -0.15265 9  DC A OP2   
43  O "O5'" . DC A 3 ? 0.80569 0.87714 1.30470 0.00954  0.06732  -0.11895 9  DC A "O5'" 
44  C "C5'" . DC A 3 ? 0.80809 0.85751 1.29340 0.02719  0.07019  -0.09840 9  DC A "C5'" 
45  C "C4'" . DC A 3 ? 0.73425 0.75811 1.26270 -0.00083 0.08849  -0.09162 9  DC A "C4'" 
46  O "O4'" . DC A 3 ? 0.73356 0.71008 1.26956 -0.02412 0.08956  -0.09247 9  DC A "O4'" 
47  C "C3'" . DC A 3 ? 0.66911 0.75338 1.26233 -0.02857 0.10770  -0.10677 9  DC A "C3'" 
48  O "O3'" . DC A 3 ? 0.64599 0.71189 1.24911 -0.02859 0.12232  -0.09148 9  DC A "O3'" 
49  C "C2'" . DC A 3 ? 0.62027 0.68497 1.24339 -0.06402 0.11436  -0.12063 9  DC A "C2'" 
50  C "C1'" . DC A 3 ? 0.61514 0.60237 1.20544 -0.05606 0.10813  -0.10220 9  DC A "C1'" 
51  N N1    . DC A 3 ? 0.57640 0.53794 1.17631 -0.07554 0.10983  -0.11013 9  DC A N1    
52  C C2    . DC A 3 ? 0.50747 0.42373 1.12739 -0.09133 0.11984  -0.10291 9  DC A C2    
53  O O2    . DC A 3 ? 0.50945 0.40376 1.13613 -0.09024 0.12620  -0.09112 9  DC A O2    
54  N N3    . DC A 3 ? 0.50522 0.40330 1.13445 -0.10461 0.12332  -0.10917 9  DC A N3    
55  C C4    . DC A 3 ? 0.51789 0.43503 1.13236 -0.10336 0.11821  -0.12096 9  DC A C4    
56  N N4    . DC A 3 ? 0.51238 0.41095 1.13438 -0.11415 0.12539  -0.12534 9  DC A N4    
57  C C5    . DC A 3 ? 0.59754 0.55302 1.18561 -0.08751 0.10611  -0.12856 9  DC A C5    
58  C C6    . DC A 3 ? 0.62573 0.60454 1.20914 -0.07323 0.10154  -0.12297 9  DC A C6    
59  P P     . DT A 4 ? 0.62263 0.75201 1.28096 -0.05025 0.14437  -0.09974 10 DT A P     
60  O OP1   . DT A 4 ? 0.65755 0.79736 1.29722 -0.02061 0.15158  -0.08134 10 DT A OP1   
61  O OP2   . DT A 4 ? 0.62797 0.83079 1.32152 -0.06863 0.13965  -0.12553 10 DT A OP2   
62  O "O5'" . DT A 4 ? 0.57886 0.65568 1.26354 -0.08554 0.16167  -0.09925 10 DT A "O5'" 
63  C "C5'" . DT A 4 ? 0.56379 0.55626 1.21900 -0.07821 0.15794  -0.08324 10 DT A "C5'" 
64  C "C4'" . DT A 4 ? 0.52150 0.47714 1.20360 -0.10755 0.17733  -0.08439 10 DT A "C4'" 
65  O "O4'" . DT A 4 ? 0.51457 0.43293 1.20162 -0.12244 0.17211  -0.09277 10 DT A "O4'" 
66  C "C3'" . DT A 4 ? 0.53542 0.54370 1.26297 -0.14042 0.19695  -0.10035 10 DT A "C3'" 
67  O "O3'" . DT A 4 ? 0.56010 0.52099 1.29354 -0.15746 0.21763  -0.09281 10 DT A "O3'" 
68  C "C2'" . DT A 4 ? 0.51425 0.53468 1.26000 -0.16368 0.18979  -0.12339 10 DT A "C2'" 
69  C "C1'" . DT A 4 ? 0.51483 0.45919 1.23743 -0.15582 0.18418  -0.11433 10 DT A "C1'" 
70  N N1    . DT A 4 ? 0.50821 0.45339 1.21961 -0.15584 0.17123  -0.12689 10 DT A N1    
71  C C2    . DT A 4 ? 0.52093 0.42466 1.19895 -0.14849 0.16840  -0.12216 10 DT A C2    
72  O O2    . DT A 4 ? 0.53555 0.40548 1.19255 -0.14163 0.17230  -0.11012 10 DT A O2    
73  N N3    . DT A 4 ? 0.51654 0.42546 1.19050 -0.14915 0.16203  -0.13251 10 DT A N3    
74  C C4    . DT A 4 ? 0.50508 0.44834 1.19748 -0.15626 0.15626  -0.14848 10 DT A C4    
75  O O4    . DT A 4 ? 0.50787 0.44589 1.19152 -0.15618 0.15331  -0.15686 10 DT A O4    
76  C C5    . DT A 4 ? 0.49620 0.48856 1.20286 -0.15411 0.15180  -0.15175 10 DT A C5    
77  C C7    . DT A 4 ? 0.52622 0.56671 1.21813 -0.14315 0.13668  -0.16482 10 DT A C7    
78  C C6    . DT A 4 ? 0.49731 0.49299 1.21303 -0.15274 0.15989  -0.14005 10 DT A C6    
79  P P     . DG A 5 ? 0.56659 0.54950 1.30961 -0.16061 0.24158  -0.08136 11 DG A P     
80  O OP1   . DG A 5 ? 0.57918 0.51220 1.27489 -0.12048 0.23666  -0.05635 11 DG A OP1   
81  O OP2   . DG A 5 ? 0.55761 0.64057 1.33985 -0.17319 0.24664  -0.09361 11 DG A OP2   
82  O "O5'" . DG A 5 ? 0.60023 0.53109 1.33859 -0.18978 0.25844  -0.08472 11 DG A "O5'" 
83  C "C5'" . DG A 5 ? 0.61306 0.47745 1.30289 -0.17690 0.24281  -0.08378 11 DG A "C5'" 
84  C "C4'" . DG A 5 ? 0.63412 0.50430 1.31445 -0.19989 0.24044  -0.10154 11 DG A "C4'" 
85  O "O4'" . DG A 5 ? 0.61285 0.48739 1.28700 -0.19227 0.22154  -0.11186 11 DG A "O4'" 
86  C "C3'" . DG A 5 ? 0.64156 0.57611 1.35725 -0.23159 0.24856  -0.11625 11 DG A "C3'" 
87  O "O3'" . DG A 5 ? 0.68143 0.60595 1.39420 -0.25023 0.26920  -0.10960 11 DG A "O3'" 
88  C "C2'" . DG A 5 ? 0.65175 0.58732 1.35553 -0.24551 0.23473  -0.13527 11 DG A "C2'" 
89  C "C1'" . DG A 5 ? 0.63130 0.52672 1.30936 -0.21737 0.22094  -0.13091 11 DG A "C1'" 
90  N N9    . DG A 5 ? 0.60434 0.53265 1.29608 -0.21502 0.20648  -0.14456 11 DG A N9    
91  C C8    . DG A 5 ? 0.57976 0.57215 1.30759 -0.22181 0.20088  -0.15543 11 DG A C8    
92  N N7    . DG A 5 ? 0.56453 0.56681 1.29173 -0.21667 0.18781  -0.16731 11 DG A N7    
93  C C5    . DG A 5 ? 0.57867 0.52385 1.27083 -0.20661 0.18721  -0.16253 11 DG A C5    
94  C C6    . DG A 5 ? 0.57498 0.50543 1.25393 -0.19851 0.18010  -0.16938 11 DG A C6    
95  O O6    . DG A 5 ? 0.56151 0.51759 1.25171 -0.19934 0.17218  -0.18212 11 DG A O6    
96  N N1    . DG A 5 ? 0.59111 0.47413 1.24301 -0.18811 0.18428  -0.16033 11 DG A N1    
97  C C2    . DG A 5 ? 0.61069 0.46157 1.24612 -0.18575 0.19153  -0.14813 11 DG A C2    
98  N N2    . DG A 5 ? 0.62491 0.43909 1.23910 -0.17459 0.19313  -0.14267 11 DG A N2    
99  N N3    . DG A 5 ? 0.61848 0.47398 1.25974 -0.19369 0.19815  -0.14199 11 DG A N3    
100 C C4    . DG A 5 ? 0.60090 0.50509 1.27264 -0.20426 0.19690  -0.14905 11 DG A C4    
101 P P     . DA B 1 ? 0.81483 0.74042 1.01429 -0.02223 -0.10716 0.37685  1  DA B P     
102 O OP1   . DA B 1 ? 0.80449 0.70513 1.03037 -0.03203 -0.14741 0.38752  1  DA B OP1   
103 O OP2   . DA B 1 ? 0.72964 0.69557 1.00934 -0.02702 -0.08237 0.38630  1  DA B OP2   
104 O "O5'" . DA B 1 ? 0.72700 0.68804 0.88847 -0.00437 -0.06034 0.34779  1  DA B "O5'" 
105 C "C5'" . DA B 1 ? 0.75432 0.68342 0.82330 0.00746  -0.07177 0.32866  1  DA B "C5'" 
106 C "C4'" . DA B 1 ? 0.74821 0.69849 0.75970 0.02286  -0.03509 0.29954  1  DA B "C4'" 
107 O "O4'" . DA B 1 ? 0.73273 0.74110 0.80137 0.02594  0.00877  0.29096  1  DA B "O4'" 
108 C "C3'" . DA B 1 ? 0.79267 0.72124 0.76129 0.01973  -0.03730 0.29986  1  DA B "C3'" 
109 O "O3'" . DA B 1 ? 0.83083 0.76541 0.73200 0.03673  -0.01090 0.27467  1  DA B "O3'" 
110 C "C2'" . DA B 1 ? 0.73726 0.71252 0.78434 0.01016  -0.01074 0.30713  1  DA B "C2'" 
111 C "C1'" . DA B 1 ? 0.68031 0.70552 0.75672 0.02174  0.02621  0.28914  1  DA B "C1'" 
112 N N9    . DA B 1 ? 0.62986 0.69145 0.78420 0.01748  0.04950  0.29666  1  DA B N9    
113 C C8    . DA B 1 ? 0.62842 0.68970 0.85198 0.00591  0.03900  0.32168  1  DA B C8    
114 N N7    . DA B 1 ? 0.58622 0.67949 0.86525 0.00989  0.07060  0.32184  1  DA B N7    
115 C C5    . DA B 1 ? 0.56730 0.67749 0.80609 0.02290  0.09792  0.29505  1  DA B C5    
116 C C6    . DA B 1 ? 0.50195 0.63267 0.75407 0.03348  0.13110  0.28126  1  DA B C6    
117 N N6    . DA B 1 ? 0.46171 0.59956 0.76770 0.03538  0.15014  0.29260  1  DA B N6    
118 N N1    . DA B 1 ? 0.49197 0.62935 0.69791 0.04419  0.14152  0.25519  1  DA B N1    
119 C C2    . DA B 1 ? 0.54125 0.67302 0.69827 0.04631  0.12656  0.24396  1  DA B C2    
120 N N3    . DA B 1 ? 0.60668 0.71677 0.73765 0.04007  0.10128  0.25405  1  DA B N3    
121 C C4    . DA B 1 ? 0.58703 0.68353 0.75787 0.02726  0.08513  0.27982  1  DA B C4    
122 P P     . DG B 2 ? 0.85986 0.75552 0.67999 0.04025  -0.00693 0.27209  2  DG B P     
123 O OP1   . DG B 2 ? 0.94398 0.79670 0.67407 0.06049  -0.01660 0.25742  2  DG B OP1   
124 O OP2   . DG B 2 ? 0.88817 0.74404 0.71495 0.02168  -0.03574 0.29642  2  DG B OP2   
125 O "O5'" . DG B 2 ? 0.82233 0.78298 0.67180 0.04456  0.04631  0.25608  2  DG B "O5'" 
126 C "C5'" . DG B 2 ? 0.78407 0.79081 0.64797 0.06055  0.07227  0.23298  2  DG B "C5'" 
127 C "C4'" . DG B 2 ? 0.70910 0.77808 0.64259 0.05482  0.10486  0.22659  2  DG B "C4'" 
128 O "O4'" . DG B 2 ? 0.68613 0.76378 0.68240 0.03981  0.09539  0.24189  2  DG B "O4'" 
129 C "C3'" . DG B 2 ? 0.74577 0.82782 0.67461 0.04787  0.13156  0.22928  2  DG B "C3'" 
130 O "O3'" . DG B 2 ? 0.66930 0.80712 0.63767 0.05509  0.16132  0.21149  2  DG B "O3'" 
131 C "C2'" . DG B 2 ? 0.70840 0.78765 0.68294 0.02663  0.12180  0.24902  2  DG B "C2'" 
132 C "C1'" . DG B 2 ? 0.63791 0.74153 0.66931 0.02923  0.11558  0.24506  2  DG B "C1'" 
133 N N9    . DG B 2 ? 0.61619 0.71548 0.69945 0.01618  0.10370  0.26354  2  DG B N9    
134 C C8    . DG B 2 ? 0.64240 0.70360 0.72699 0.00490  0.07418  0.28600  2  DG B C8    
135 N N7    . DG B 2 ? 0.61299 0.68598 0.76506 -0.00231 0.07199  0.29939  2  DG B N7    
136 C C5    . DG B 2 ? 0.54870 0.66200 0.73146 0.00575  0.10322  0.28371  2  DG B C5    
137 C C6    . DG B 2 ? 0.49480 0.62637 0.73666 0.00743  0.11825  0.28713  2  DG B C6    
138 O O6    . DG B 2 ? 0.49763 0.62320 0.79018 0.00267  0.11100  0.30592  2  DG B O6    
139 N N1    . DG B 2 ? 0.46032 0.61412 0.69820 0.01810  0.14265  0.26587  2  DG B N1    
140 C C2    . DG B 2 ? 0.45301 0.61891 0.65186 0.02490  0.14900  0.24513  2  DG B C2    
141 N N2    . DG B 2 ? 0.43401 0.61420 0.63882 0.03416  0.16352  0.22696  2  DG B N2    
142 N N3    . DG B 2 ? 0.51121 0.67007 0.66661 0.02489  0.14011  0.24227  2  DG B N3    
143 C C4    . DG B 2 ? 0.55459 0.68314 0.69724 0.01569  0.11850  0.26182  2  DG B C4    
144 P P     . DG B 3 ? 0.68725 0.85265 0.66562 0.04951  0.19607  0.21260  3  DG B P     
145 O OP1   . DG B 3 ? 0.77321 0.94148 0.71027 0.07105  0.21634  0.19940  3  DG B OP1   
146 O OP2   . DG B 3 ? 0.72287 0.85817 0.68694 0.02930  0.19401  0.23482  3  DG B OP2   
147 O "O5'" . DG B 3 ? 0.59583 0.81823 0.65680 0.04486  0.20586  0.20170  3  DG B "O5'" 
148 C "C5'" . DG B 3 ? 0.52366 0.75047 0.61080 0.05042  0.18761  0.19187  3  DG B "C5'" 
149 C "C4'" . DG B 3 ? 0.46970 0.72531 0.61724 0.04187  0.19182  0.18752  3  DG B "C4'" 
150 O "O4'" . DG B 3 ? 0.45661 0.68985 0.61651 0.03126  0.18079  0.20125  3  DG B "O4'" 
151 C "C3'" . DG B 3 ? 0.48919 0.77426 0.67147 0.02827  0.21101  0.19248  3  DG B "C3'" 
152 O "O3'" . DG B 3 ? 0.43235 0.74441 0.66797 0.02801  0.20685  0.17943  3  DG B "O3'" 
153 C "C2'" . DG B 3 ? 0.49829 0.75657 0.67467 0.00883  0.20729  0.21463  3  DG B "C2'" 
154 C "C1'" . DG B 3 ? 0.47025 0.70735 0.65305 0.01327  0.18764  0.21448  3  DG B "C1'" 
155 N N9    . DG B 3 ? 0.50650 0.71009 0.67594 0.00419  0.17504  0.23453  3  DG B N9    
156 C C8    . DG B 3 ? 0.57553 0.74754 0.69972 0.00219  0.16459  0.24676  3  DG B C8    
157 N N7    . DG B 3 ? 0.60093 0.74427 0.73344 -0.00719 0.14566  0.26499  3  DG B N7    
158 C C5    . DG B 3 ? 0.52013 0.68086 0.70657 -0.00894 0.15036  0.26414  3  DG B C5    
159 C C6    . DG B 3 ? 0.51533 0.66219 0.74023 -0.01414 0.13952  0.27920  3  DG B C6    
160 O O6    . DG B 3 ? 0.55964 0.67950 0.78945 -0.02090 0.11844  0.29794  3  DG B O6    
161 N N1    . DG B 3 ? 0.47349 0.63588 0.73442 -0.00879 0.15278  0.27067  3  DG B N1    
162 C C2    . DG B 3 ? 0.44584 0.62862 0.70385 -0.00182 0.16655  0.25042  3  DG B C2    
163 N N2    . DG B 3 ? 0.45467 0.63317 0.73518 0.00415  0.17204  0.24427  3  DG B N2    
164 N N3    . DG B 3 ? 0.45677 0.65761 0.69148 0.00098  0.17195  0.23721  3  DG B N3    
165 C C4    . DG B 3 ? 0.49786 0.68940 0.69881 -0.00181 0.16696  0.24494  3  DG B C4    
166 P P     . DA B 4 ? 0.43244 0.77690 0.72414 0.00987  0.21900  0.18585  4  DA B P     
167 O OP1   . DA B 4 ? 0.42099 0.79837 0.76528 0.01682  0.21120  0.16810  4  DA B OP1   
168 O OP2   . DA B 4 ? 0.46224 0.81371 0.73781 0.00055  0.24605  0.20237  4  DA B OP2   
169 O "O5'" . DA B 4 ? 0.42633 0.74381 0.72691 -0.00530 0.20546  0.19640  4  DA B "O5'" 
170 C "C5'" . DA B 4 ? 0.41527 0.71319 0.72089 0.00323  0.18635  0.18447  4  DA B "C5'" 
171 C "C4'" . DA B 4 ? 0.42108 0.69792 0.74276 -0.01133 0.17926  0.19521  4  DA B "C4'" 
172 O "O4'" . DA B 4 ? 0.43068 0.68276 0.72839 -0.01566 0.18235  0.21236  4  DA B "O4'" 
173 C "C3'" . DA B 4 ? 0.43068 0.72905 0.79264 -0.03378 0.18372  0.20566  4  DA B "C3'" 
174 O "O3'" . DA B 4 ? 0.45050 0.72400 0.82905 -0.03903 0.16462  0.20327  4  DA B "O3'" 
175 C "C2'" . DA B 4 ? 0.45027 0.73763 0.78726 -0.04766 0.19786  0.22821  4  DA B "C2'" 
176 C "C1'" . DA B 4 ? 0.43991 0.68996 0.74977 -0.03705 0.18571  0.22990  4  DA B "C1'" 
177 N N9    . DA B 4 ? 0.45535 0.68466 0.73291 -0.04071 0.18720  0.24673  4  DA B N9    
178 C C8    . DA B 4 ? 0.48711 0.71669 0.72854 -0.04010 0.19611  0.25210  4  DA B C8    
179 N N7    . DA B 4 ? 0.50773 0.70218 0.71905 -0.04354 0.18476  0.26749  4  DA B N7    
180 C C5    . DA B 4 ? 0.49844 0.67844 0.74017 -0.04574 0.17114  0.27295  4  DA B C5    
181 C C6    . DA B 4 ? 0.52464 0.67258 0.77055 -0.04876 0.15294  0.28927  4  DA B C6    
182 N N6    . DA B 4 ? 0.56991 0.68761 0.78352 -0.05303 0.13761  0.30361  4  DA B N6    
183 N N1    . DA B 4 ? 0.51236 0.65499 0.79662 -0.04570 0.14835  0.29043  4  DA B N1    
184 C C2    . DA B 4 ? 0.48892 0.64628 0.79116 -0.04004 0.15795  0.27529  4  DA B C2    
185 N N3    . DA B 4 ? 0.46765 0.64973 0.76664 -0.03912 0.16754  0.25938  4  DA B N3    
186 C C4    . DA B 4 ? 0.46515 0.66316 0.74060 -0.04232 0.17516  0.25958  4  DA B C4    
187 P P     . DC B 5 ? 0.45326 0.74390 0.88694 -0.06001 0.15406  0.20677  5  DC B P     
188 O OP1   . DC B 5 ? 0.45898 0.73842 0.90241 -0.04525 0.12811  0.18437  5  DC B OP1   
189 O OP2   . DC B 5 ? 0.45322 0.79177 0.92348 -0.07717 0.17773  0.22047  5  DC B OP2   
190 O "O5'" . DC B 5 ? 0.47382 0.72270 0.89735 -0.07363 0.14374  0.22065  5  DC B "O5'" 
191 C "C5'" . DC B 5 ? 0.47515 0.68489 0.85724 -0.05971 0.14349  0.22208  5  DC B "C5'" 
192 C "C4'" . DC B 5 ? 0.49300 0.67934 0.87373 -0.07690 0.14179  0.24220  5  DC B "C4'" 
193 O "O4'" . DC B 5 ? 0.48616 0.67283 0.84337 -0.07724 0.15553  0.25646  5  DC B "O4'" 
194 C "C3'" . DC B 5 ? 0.51146 0.71170 0.92403 -0.10685 0.14023  0.25675  5  DC B "C3'" 
195 O "O3'" . DC B 5 ? 0.57378 0.73162 0.98107 -0.11678 0.12395  0.26706  5  DC B "O3'" 
196 C "C2'" . DC B 5 ? 0.50960 0.73345 0.90726 -0.11671 0.16623  0.27253  5  DC B "C2'" 
197 C "C1'" . DC B 5 ? 0.50668 0.69764 0.86571 -0.10244 0.16212  0.27580  5  DC B "C1'" 
198 N N1    . DC B 5 ? 0.51194 0.70465 0.83470 -0.10187 0.17644  0.28641  5  DC B N1    
199 C C2    . DC B 5 ? 0.52190 0.67928 0.82039 -0.09814 0.16458  0.29749  5  DC B C2    
200 O O2    . DC B 5 ? 0.52028 0.65467 0.83491 -0.09327 0.14947  0.29822  5  DC B O2    
201 N N3    . DC B 5 ? 0.53996 0.68482 0.79841 -0.09802 0.16768  0.30704  5  DC B N3    
202 C C4    . DC B 5 ? 0.55139 0.71560 0.78547 -0.09851 0.18820  0.30476  5  DC B C4    
203 N N4    . DC B 5 ? 0.58413 0.72050 0.76352 -0.09549 0.18763  0.31320  5  DC B N4    
204 C C5    . DC B 5 ? 0.53656 0.74540 0.80281 -0.10008 0.20771  0.29378  5  DC B C5    
205 C C6    . DC B 5 ? 0.51551 0.73820 0.82984 -0.10341 0.19793  0.28556  5  DC B C6    
206 P P     . DT B 6 ? 0.59834 0.74056 1.03796 -0.13781 0.09992  0.27005  6  DT B P     
207 O OP1   . DT B 6 ? 0.65707 0.77516 1.09192 -0.11655 0.07734  0.24649  6  DT B OP1   
208 O OP2   . DT B 6 ? 0.57393 0.75938 1.05488 -0.16730 0.11409  0.28630  6  DT B OP2   
209 O "O5'" . DT B 6 ? 0.63042 0.71998 1.04757 -0.14429 0.08615  0.28333  6  DT B "O5'" 
210 C "C5'" . DT B 6 ? 0.64911 0.69947 1.03505 -0.11648 0.08171  0.27508  6  DT B "C5'" 
211 C "C4'" . DT B 6 ? 0.65510 0.68166 1.02896 -0.12385 0.08117  0.29419  6  DT B "C4'" 
212 O "O4'" . DT B 6 ? 0.64659 0.70071 1.01102 -0.12552 0.10055  0.30417  6  DT B "O4'" 
213 C "C3'" . DT B 6 ? 0.68450 0.69152 1.06472 -0.15630 0.06691  0.31286  6  DT B "C3'" 
214 O "O3'" . DT B 6 ? 0.72929 0.68652 1.09446 -0.14958 0.05007  0.31941  6  DT B "O3'" 
215 C "C2'" . DT B 6 ? 0.66720 0.70595 1.04171 -0.17756 0.08933  0.33084  6  DT B "C2'" 
216 C "C1'" . DT B 6 ? 0.65195 0.69589 1.00610 -0.15300 0.09967  0.32631  6  DT B "C1'" 
217 N N1    . DT B 6 ? 0.61425 0.68974 0.95140 -0.15900 0.12301  0.33250  6  DT B N1    
218 C C2    . DT B 6 ? 0.62431 0.68258 0.92942 -0.15274 0.12278  0.34176  6  DT B C2    
219 O O2    . DT B 6 ? 0.63435 0.66003 0.93776 -0.14397 0.10377  0.34696  6  DT B O2    
220 N N3    . DT B 6 ? 0.62347 0.70138 0.90104 -0.15550 0.14359  0.34480  6  DT B N3    
221 C C4    . DT B 6 ? 0.61740 0.73613 0.90439 -0.16188 0.16929  0.34034  6  DT B C4    
222 O O4    . DT B 6 ? 0.62906 0.75839 0.88507 -0.15959 0.19017  0.34292  6  DT B O4    
223 C C5    . DT B 6 ? 0.60344 0.74780 0.94108 -0.16974 0.16760  0.33251  6  DT B C5    
224 C C7    . DT B 6 ? 0.59610 0.79158 0.96758 -0.17720 0.19161  0.32932  6  DT B C7    
225 C C6    . DT B 6 ? 0.60506 0.72269 0.96031 -0.16873 0.14199  0.32877  6  DT B C6    
226 P P     . DA B 7 ? 0.74083 0.65373 1.10385 -0.17598 0.02424  0.33434  7  DA B P     
227 O OP1   . DA B 7 ? 0.77542 0.63365 1.12654 -0.15010 0.00302  0.32344  7  DA B OP1   
228 O OP2   . DA B 7 ? 0.74922 0.68621 1.13698 -0.20562 0.02305  0.33906  7  DA B OP2   
229 O "O5'" . DA B 7 ? 0.75801 0.65810 1.10127 -0.19298 0.02701  0.35817  7  DA B "O5'" 
230 C "C5'" . DA B 7 ? 0.74940 0.63384 1.08426 -0.16990 0.02428  0.35890  7  DA B "C5'" 
231 C "C4'" . DA B 7 ? 0.76247 0.64444 1.07128 -0.18687 0.02896  0.37861  7  DA B "C4'" 
232 O "O4'" . DA B 7 ? 0.73428 0.66363 1.03587 -0.19161 0.05775  0.37624  7  DA B "O4'" 
233 C "C3'" . DA B 7 ? 0.82340 0.66426 1.10321 -0.22105 0.01607  0.40105  7  DA B "C3'" 
234 O "O3'" . DA B 7 ? 0.85792 0.64970 1.11663 -0.21554 -0.00985 0.40970  7  DA B "O3'" 
235 C "C2'" . DA B 7 ? 0.83196 0.70128 1.07957 -0.23853 0.04582  0.40475  7  DA B "C2'" 
236 C "C1'" . DA B 7 ? 0.77692 0.68777 1.03645 -0.21567 0.06372  0.39570  7  DA B "C1'" 
237 N N9    . DA B 7 ? 0.76454 0.72092 1.01600 -0.22176 0.09740  0.39032  7  DA B N9    
238 C C8    . DA B 7 ? 0.74649 0.74574 1.03514 -0.23079 0.11416  0.38344  7  DA B C8    
239 N N7    . DA B 7 ? 0.74180 0.77814 1.02082 -0.23087 0.14497  0.37866  7  DA B N7    
240 C C5    . DA B 7 ? 0.76258 0.77157 0.98406 -0.22211 0.14845  0.38377  7  DA B C5    
241 C C6    . DA B 7 ? 0.77966 0.79535 0.95622 -0.21626 0.17475  0.38348  7  DA B C6    
242 N N6    . DA B 7 ? 0.77279 0.83460 0.96348 -0.21616 0.20797  0.37524  7  DA B N6    
243 N N1    . DA B 7 ? 0.81165 0.77952 0.92914 -0.20946 0.16221  0.39286  7  DA B N1    
244 C C2    . DA B 7 ? 0.81979 0.74441 0.93642 -0.20839 0.12507  0.40033  7  DA B C2    
245 N N3    . DA B 7 ? 0.80220 0.72212 0.96408 -0.21071 0.10206  0.39951  7  DA B N3    
246 C C4    . DA B 7 ? 0.77594 0.73627 0.98330 -0.21780 0.11626  0.39157  7  DA B C4    
247 P P     . DC C 1 ? 0.53873 0.83276 0.79461 -0.13100 0.08053  0.00217  1  DC C P     
248 O OP1   . DC C 1 ? 0.57286 0.86712 0.84341 -0.12488 0.07377  0.01777  1  DC C OP1   
249 O OP2   . DC C 1 ? 0.56107 0.85168 0.79959 -0.13452 0.09116  -0.00662 1  DC C OP2   
250 O "O5'" . DC C 1 ? 0.51111 0.78850 0.76170 -0.13289 0.08358  -0.00231 1  DC C "O5'" 
251 C "C5'" . DC C 1 ? 0.51926 0.78095 0.75018 -0.13761 0.09659  -0.01659 1  DC C "C5'" 
252 C "C4'" . DC C 1 ? 0.49773 0.74168 0.72339 -0.13610 0.09820  -0.01076 1  DC C "C4'" 
253 O "O4'" . DC C 1 ? 0.53001 0.76795 0.75798 -0.13964 0.09900  -0.02207 1  DC C "O4'" 
254 C "C3'" . DC C 1 ? 0.51767 0.76523 0.75983 -0.12864 0.08684  0.01332  1  DC C "C3'" 
255 O "O3'" . DC C 1 ? 0.52079 0.75422 0.75261 -0.12791 0.09200  0.01702  1  DC C "O3'" 
256 C "C2'" . DC C 1 ? 0.49300 0.74476 0.75147 -0.12841 0.07694  0.01603  1  DC C "C2'" 
257 C "C1'" . DC C 1 ? 0.51351 0.75526 0.75590 -0.13529 0.08606  -0.00349 1  DC C "C1'" 
258 N N1    . DC C 1 ? 0.49738 0.74842 0.75279 -0.13709 0.08140  -0.00957 1  DC C N1    
259 C C2    . DC C 1 ? 0.49082 0.72782 0.73998 -0.14191 0.09092  -0.02731 1  DC C C2    
260 O O2    . DC C 1 ? 0.52330 0.73619 0.75420 -0.14449 0.10404  -0.03751 1  DC C O2    
261 N N3    . DC C 1 ? 0.52178 0.76910 0.78662 -0.14310 0.08786  -0.03382 1  DC C N3    
262 C C4    . DC C 1 ? 0.49030 0.76166 0.77423 -0.13969 0.07466  -0.02147 1  DC C C4    
263 N N4    . DC C 1 ? 0.52117 0.80458 0.82226 -0.14049 0.07144  -0.02730 1  DC C N4    
264 C C5    . DC C 1 ? 0.47893 0.76007 0.76740 -0.13478 0.06682  -0.00485 1  DC C C5    
265 C C6    . DC C 1 ? 0.51052 0.78074 0.78515 -0.13369 0.07104  -0.00032 1  DC C C6    
266 P P     . DA C 2 ? 0.49904 0.73276 0.75023 -0.12089 0.08677  0.03385  2  DA C P     
267 O OP1   . DA C 2 ? 0.56304 0.79201 0.80052 -0.11877 0.09747  0.03735  2  DA C OP1   
268 O OP2   . DA C 2 ? 0.49170 0.73355 0.76347 -0.11848 0.07976  0.03285  2  DA C OP2   
269 O "O5'" . DA C 2 ? 0.47577 0.70028 0.72941 -0.12254 0.08185  0.03570  2  DA C "O5'" 
270 C "C5'" . DA C 2 ? 0.47463 0.68468 0.69914 -0.12782 0.09136  0.02774  2  DA C "C5'" 
271 C "C4'" . DA C 2 ? 0.48282 0.68570 0.71056 -0.13116 0.08485  0.02767  2  DA C "C4'" 
272 O "O4'" . DA C 2 ? 0.50687 0.71389 0.73870 -0.13403 0.08224  0.01857  2  DA C "O4'" 
273 C "C3'" . DA C 2 ? 0.45904 0.66490 0.71624 -0.12584 0.07015  0.03746  2  DA C "C3'" 
274 O "O3'" . DA C 2 ? 0.48189 0.67541 0.73207 -0.12993 0.06835  0.03906  2  DA C "O3'" 
275 C "C2'" . DA C 2 ? 0.45731 0.66885 0.73129 -0.12458 0.06170  0.03331  2  DA C "C2'" 
276 C "C1'" . DA C 2 ? 0.46857 0.68196 0.72503 -0.13237 0.06784  0.02947  2  DA C "C1'" 
277 N N9    . DA C 2 ? 0.46165 0.68658 0.73135 -0.13175 0.06327  0.02766  2  DA C N9    
278 C C8    . DA C 2 ? 0.45301 0.68480 0.74071 -0.12510 0.05773  0.02949  2  DA C C8    
279 N N7    . DA C 2 ? 0.44970 0.69060 0.74564 -0.12575 0.05491  0.02788  2  DA C N7    
280 C C5    . DA C 2 ? 0.45960 0.69989 0.74323 -0.13336 0.05893  0.02196  2  DA C C5    
281 C C6    . DA C 2 ? 0.47515 0.72088 0.76067 -0.13678 0.06058  0.01199  2  DA C C6    
282 N N6    . DA C 2 ? 0.47599 0.73900 0.78193 -0.13422 0.05347  0.01704  2  DA C N6    
283 N N1    . DA C 2 ? 0.48852 0.71720 0.75876 -0.14191 0.07302  -0.00656 2  DA C N1    
284 C C2    . DA C 2 ? 0.49844 0.70509 0.74851 -0.14380 0.08263  -0.01203 2  DA C C2    
285 N N3    . DA C 2 ? 0.49271 0.69732 0.73600 -0.14172 0.07910  -0.00005 2  DA C N3    
286 C C4    . DA C 2 ? 0.45668 0.68061 0.71930 -0.13641 0.06648  0.01673  2  DA C C4    
287 P P     . DC C 3 ? 0.42123 0.60579 0.66099 -0.12911 0.07512  0.04389  3  DC C P     
288 O OP1   . DC C 3 ? 0.44426 0.60778 0.65659 -0.13859 0.08205  0.04439  3  DC C OP1   
289 O OP2   . DC C 3 ? 0.44585 0.63517 0.66814 -0.12677 0.08999  0.04624  3  DC C OP2   
290 O "O5'" . DC C 3 ? 0.44558 0.64122 0.71585 -0.12703 0.06435  0.02879  3  DC C "O5'" 
291 C "C5'" . DC C 3 ? 0.45000 0.65381 0.73232 -0.13434 0.04796  0.01717  3  DC C "C5'" 
292 C "C4'" . DC C 3 ? 0.42254 0.66286 0.72389 -0.13707 0.03010  0.01226  3  DC C "C4'" 
293 O "O4'" . DC C 3 ? 0.43457 0.69318 0.74135 -0.13272 0.03156  0.01746  3  DC C "O4'" 
294 C "C3'" . DC C 3 ? 0.45353 0.71888 0.74908 -0.14500 0.02355  0.03257  3  DC C "C3'" 
295 O "O3'" . DC C 3 ? 0.53513 0.81522 0.82780 -0.16171 -0.00427 0.04481  3  DC C "O3'" 
296 C "C2'" . DC C 3 ? 0.43826 0.73612 0.76084 -0.13374 0.00875  0.03308  3  DC C "C2'" 
297 C "C1'" . DC C 3 ? 0.41064 0.69184 0.72902 -0.12824 0.02438  0.02175  3  DC C "C1'" 
298 N N1    . DC C 3 ? 0.40424 0.67801 0.70901 -0.12427 0.04465  0.02691  3  DC C N1    
299 C C2    . DC C 3 ? 0.38578 0.67936 0.70003 -0.11889 0.04355  0.03284  3  DC C C2    
300 O O2    . DC C 3 ? 0.42948 0.74996 0.76927 -0.11534 0.02439  0.03350  3  DC C O2    
301 N N3    . DC C 3 ? 0.38855 0.67282 0.68790 -0.11642 0.06215  0.03589  3  DC C N3    
302 C C4    . DC C 3 ? 0.39368 0.65276 0.67540 -0.11804 0.07797  0.03215  3  DC C C4    
303 N N4    . DC C 3 ? 0.42133 0.67173 0.69143 -0.11467 0.09275  0.03382  3  DC C N4    
304 C C5    . DC C 3 ? 0.40421 0.64584 0.68166 -0.12001 0.07605  0.02856  3  DC C C5    
305 C C6    . DC C 3 ? 0.41323 0.66262 0.70187 -0.12451 0.06186  0.02533  3  DC C C6    
306 P P     . DC C 4 ? 0.54142 0.75647 0.74396 -0.14524 0.00594  0.04563  4  DC C P     
307 O OP1   . DC C 4 ? 0.73156 0.88954 0.88111 -0.13459 -0.01841 0.03441  4  DC C OP1   
308 O OP2   . DC C 4 ? 0.48565 0.67253 0.65731 -0.15445 0.05981  0.04380  4  DC C OP2   
309 O "O5'" . DC C 4 ? 0.60537 0.84190 0.81217 -0.11737 -0.01862 0.05356  4  DC C "O5'" 
310 C "C5'" . DC C 4 ? 0.54869 0.84475 0.82445 -0.11482 -0.06621 0.05508  4  DC C "C5'" 
311 C "C4'" . DC C 4 ? 0.56758 0.89273 0.86006 -0.09116 -0.07709 0.06319  4  DC C "C4'" 
312 O "O4'" . DC C 4 ? 0.48512 0.85215 0.82030 -0.10746 -0.03975 0.07592  4  DC C "O4'" 
313 C "C3'" . DC C 4 ? 0.78032 1.03046 0.97007 -0.05152 -0.07413 0.06093  4  DC C "C3'" 
314 O "O3'" . DC C 4 ? 0.80211 1.08156 1.01445 -0.02155 -0.11739 0.06105  4  DC C "O3'" 
315 C "C2'" . DC C 4 ? 0.77994 1.01398 0.94430 -0.05699 -0.01798 0.07016  4  DC C "C2'" 
316 C "C1'" . DC C 4 ? 0.54874 0.87397 0.81992 -0.08474 -0.01223 0.08037  4  DC C "C1'" 
317 N N1    . DC C 4 ? 0.44556 0.77108 0.71576 -0.10850 0.04113  0.08435  4  DC C N1    
318 C C2    . DC C 4 ? 0.38005 0.73317 0.67003 -0.10664 0.06605  0.09514  4  DC C C2    
319 O O2    . DC C 4 ? 0.44380 0.82105 0.75415 -0.08520 0.04738  0.10320  4  DC C O2    
320 N N3    . DC C 4 ? 0.35219 0.65066 0.60564 -0.11228 0.10058  0.07399  4  DC C N3    
321 C C4    . DC C 4 ? 0.35537 0.60600 0.58859 -0.11982 0.11350  0.05592  4  DC C C4    
322 N N4    . DC C 4 ? 0.37410 0.56899 0.59248 -0.10402 0.12942  0.04823  4  DC C N4    
323 C C5    . DC C 4 ? 0.35802 0.61515 0.59207 -0.13109 0.09856  0.05937  4  DC C C5    
324 C C6    . DC C 4 ? 0.40706 0.70687 0.65941 -0.13102 0.06358  0.07529  4  DC C C6    
325 P P     . DT C 5 ? 0.78897 0.99583 0.89764 0.03086  -0.13539 0.05730  5  DT C P     
326 O OP1   . DT C 5 ? 0.71434 0.93008 0.83306 0.04868  -0.19988 0.04225  5  DT C OP1   
327 O OP2   . DT C 5 ? 0.89809 1.00443 0.88898 0.04051  -0.08741 0.05827  5  DT C OP2   
328 O "O5'" . DT C 5 ? 0.69217 0.94685 0.84323 0.04838  -0.13007 0.07014  5  DT C "O5'" 
329 C "C5'" . DT C 5 ? 0.58534 0.88269 0.79017 0.01963  -0.08504 0.08315  5  DT C "C5'" 
330 C "C4'" . DT C 5 ? 0.54481 0.88073 0.78422 0.04066  -0.08397 0.09429  5  DT C "C4'" 
331 O "O4'" . DT C 5 ? 0.59468 0.92354 0.82350 0.02464  -0.02587 0.10618  5  DT C "O4'" 
332 C "C3'" . DT C 5 ? 0.70982 0.98771 0.86415 0.09230  -0.09862 0.09369  5  DT C "C3'" 
333 O "O3'" . DT C 5 ? 0.69001 1.02085 0.90099 0.10757  -0.10021 0.10404  5  DT C "O3'" 
334 C "C2'" . DT C 5 ? 0.83538 1.02112 0.88024 0.09256  -0.03954 0.09760  5  DT C "C2'" 
335 C "C1'" . DT C 5 ? 0.77522 1.01503 0.89016 0.05316  0.00446  0.10741  5  DT C "C1'" 
336 N N1    . DT C 5 ? 0.70567 0.90370 0.78158 0.02246  0.05600  0.10398  5  DT C N1    
337 C C2    . DT C 5 ? 0.55361 0.76211 0.64115 0.00496  0.10463  0.11098  5  DT C C2    
338 O O2    . DT C 5 ? 0.53915 0.78010 0.65620 0.01549  0.11082  0.12198  5  DT C O2    
339 N N3    . DT C 5 ? 0.43916 0.61825 0.50363 -0.02478 0.14590  0.10270  5  DT C N3    
340 C C4    . DT C 5 ? 0.45258 0.59505 0.48846 -0.03870 0.14574  0.09001  5  DT C C4    
341 O O4    . DT C 5 ? 0.44010 0.56210 0.46505 -0.06470 0.18461  0.08097  5  DT C O4    
342 C C5    . DT C 5 ? 0.58665 0.71564 0.60729 -0.01988 0.09675  0.08581  5  DT C C5    
343 C C7    . DT C 5 ? 0.59091 0.67358 0.57482 -0.03226 0.09654  0.07272  5  DT C C7    
344 C C6    . DT C 5 ? 0.71634 0.87480 0.75791 0.00902  0.05270  0.09198  5  DT C C6    
345 O "O5'" . DT D 1 ? 0.63698 1.10125 0.77630 -0.21596 0.23212  0.27174  5  DT D "O5'" 
346 C "C5'" . DT D 1 ? 0.60489 1.07042 0.73472 -0.19730 0.23571  0.24280  5  DT D "C5'" 
347 C "C4'" . DT D 1 ? 0.58966 1.03732 0.69553 -0.19201 0.21182  0.25002  5  DT D "C4'" 
348 O "O4'" . DT D 1 ? 0.58980 1.02367 0.70776 -0.20085 0.18475  0.28042  5  DT D "O4'" 
349 C "C3'" . DT D 1 ? 0.54254 0.98271 0.65379 -0.17186 0.21094  0.21751  5  DT D "C3'" 
350 O "O3'" . DT D 1 ? 0.54699 1.01140 0.63281 -0.17092 0.19393  0.22967  5  DT D "O3'" 
351 C "C2'" . DT D 1 ? 0.51149 0.92536 0.64758 -0.16856 0.19567  0.21883  5  DT D "C2'" 
352 C "C1'" . DT D 1 ? 0.54357 0.96186 0.67666 -0.18686 0.17088  0.26606  5  DT D "C1'" 
353 N N1    . DT D 1 ? 0.53485 0.93365 0.69594 -0.19127 0.16001  0.27538  5  DT D N1    
354 C C2    . DT D 1 ? 0.52951 0.91605 0.69887 -0.19456 0.12838  0.30074  5  DT D C2    
355 O O2    . DT D 1 ? 0.53136 0.92020 0.68698 -0.19445 0.10945  0.31593  5  DT D O2    
356 N N3    . DT D 1 ? 0.52488 0.89665 0.72150 -0.19892 0.11879  0.30786  5  DT D N3    
357 C C4    . DT D 1 ? 0.52434 0.89950 0.74084 -0.20059 0.13688  0.29456  5  DT D C4    
358 O O4    . DT D 1 ? 0.52158 0.89085 0.76427 -0.20509 0.12474  0.30436  5  DT D O4    
359 C C5    . DT D 1 ? 0.53292 0.92991 0.74401 -0.19840 0.16749  0.27506  5  DT D C5    
360 C C7    . DT D 1 ? 0.54036 0.95925 0.78205 -0.20228 0.18448  0.27085  5  DT D C7    
361 C C6    . DT D 1 ? 0.53829 0.94219 0.72133 -0.19389 0.17798  0.26513  5  DT D C6    
362 P P     . DA D 2 ? 0.65901 1.13048 0.74299 -0.15207 0.20154  0.19089  6  DA D P     
363 O OP1   . DA D 2 ? 0.66937 1.18929 0.71959 -0.15717 0.19795  0.20138  6  DA D OP1   
364 O OP2   . DA D 2 ? 0.64956 1.09413 0.75764 -0.13947 0.22634  0.15326  6  DA D OP2   
365 O "O5'" . DA D 2 ? 0.57867 1.04767 0.67388 -0.14791 0.17694  0.19940  6  DA D "O5'" 
366 C "C5'" . DA D 2 ? 0.63407 1.12121 0.71925 -0.16251 0.14521  0.24982  6  DA D "C5'" 
367 C "C4'" . DA D 2 ? 0.58398 1.05306 0.69142 -0.15868 0.12650  0.25448  6  DA D "C4'" 
368 O "O4'" . DA D 2 ? 0.57661 1.00555 0.70478 -0.16410 0.11973  0.26616  6  DA D "O4'" 
369 C "C3'" . DA D 2 ? 0.56243 1.02503 0.68516 -0.13900 0.14412  0.20272  6  DA D "C3'" 
370 O "O3'" . DA D 2 ? 0.60127 1.07858 0.73557 -0.13956 0.12447  0.21478  6  DA D "O3'" 
371 C "C2'" . DA D 2 ? 0.53171 0.94318 0.67251 -0.13428 0.15663  0.18371  6  DA D "C2'" 
372 C "C1'" . DA D 2 ? 0.50588 0.90984 0.65353 -0.15049 0.12842  0.23279  6  DA D "C1'" 
373 N N9    . DA D 2 ? 0.49690 0.87232 0.65852 -0.15206 0.13357  0.22976  6  DA D N9    
374 C C8    . DA D 2 ? 0.50890 0.87657 0.67186 -0.14918 0.15865  0.20630  6  DA D C8    
375 N N7    . DA D 2 ? 0.49351 0.84576 0.67357 -0.15299 0.15515  0.21227  6  DA D N7    
376 C C5    . DA D 2 ? 0.49440 0.83898 0.68403 -0.15801 0.12552  0.24064  6  DA D C5    
377 C C6    . DA D 2 ? 0.50887 0.83788 0.71912 -0.16367 0.10639  0.25915  6  DA D C6    
378 N N6    . DA D 2 ? 0.50279 0.83141 0.72857 -0.16419 0.11531  0.25325  6  DA D N6    
379 N N1    . DA D 2 ? 0.51275 0.82619 0.72995 -0.16984 0.07611  0.28357  6  DA D N1    
380 C C2    . DA D 2 ? 0.51780 0.83407 0.72329 -0.17066 0.06622  0.29094  6  DA D C2    
381 N N3    . DA D 2 ? 0.50215 0.84402 0.68940 -0.16524 0.08237  0.27822  6  DA D N3    
382 C C4    . DA D 2 ? 0.49851 0.85266 0.67756 -0.15848 0.11210  0.25178  6  DA D C4    
383 P P     . DG D 3 ? 0.60152 1.09543 0.74986 -0.12036 0.13961  0.16062  7  DG D P     
384 O OP1   . DG D 3 ? 0.67491 1.23279 0.80705 -0.11674 0.13902  0.15223  7  DG D OP1   
385 O OP2   . DG D 3 ? 0.50642 0.94124 0.66053 -0.10657 0.16772  0.11505  7  DG D OP2   
386 O "O5'" . DG D 3 ? 0.68131 1.14711 0.84903 -0.11810 0.10729  0.17033  7  DG D "O5'" 
387 C "C5'" . DG D 3 ? 0.71703 1.13543 0.88036 -0.13105 0.07052  0.21980  7  DG D "C5'" 
388 C "C4'" . DG D 3 ? 0.70754 1.06924 0.89028 -0.12619 0.05625  0.20801  7  DG D "C4'" 
389 O "O4'" . DG D 3 ? 0.60440 0.96557 0.80383 -0.14419 0.07579  0.23199  7  DG D "O4'" 
390 C "C3'" . DG D 3 ? 0.69984 1.05528 0.89417 -0.10555 0.07412  0.14727  7  DG D "C3'" 
391 O "O3'" . DG D 3 ? 0.75456 1.04700 0.95372 -0.09813 0.04130  0.13949  7  DG D "O3'" 
392 C "C2'" . DG D 3 ? 0.54876 0.92848 0.75609 -0.11398 0.12309  0.13958  7  DG D "C2'" 
393 C "C1'" . DG D 3 ? 0.50804 0.86488 0.71768 -0.13266 0.10718  0.18999  7  DG D "C1'" 
394 N N9    . DG D 3 ? 0.43037 0.76852 0.62188 -0.12638 0.12851  0.17266  7  DG D N9    
395 C C8    . DG D 3 ? 0.45284 0.79912 0.62941 -0.11809 0.15372  0.14392  7  DG D C8    
396 N N7    . DG D 3 ? 0.44331 0.76691 0.61620 -0.11855 0.16586  0.13649  7  DG D N7    
397 C C5    . DG D 3 ? 0.42202 0.73040 0.60556 -0.12522 0.14713  0.16120  7  DG D C5    
398 C C6    . DG D 3 ? 0.42373 0.71784 0.61331 -0.12786 0.14761  0.16584  7  DG D C6    
399 O O6    . DG D 3 ? 0.45543 0.74762 0.64266 -0.12687 0.16586  0.14848  7  DG D O6    
400 N N1    . DG D 3 ? 0.42672 0.70948 0.63122 -0.13389 0.12209  0.19467  7  DG D N1    
401 C C2    . DG D 3 ? 0.43108 0.70544 0.64277 -0.13933 0.09901  0.21378  7  DG D C2    
402 N N2    . DG D 3 ? 0.48266 0.73430 0.70940 -0.14738 0.07333  0.23689  7  DG D N2    
403 N N3    . DG D 3 ? 0.43490 0.72207 0.64347 -0.13903 0.09817  0.21085  7  DG D N3    
404 C C4    . DG D 3 ? 0.42322 0.73329 0.61737 -0.13042 0.12346  0.18427  7  DG D C4    
405 P P     . DT D 4 ? 0.67900 0.94847 0.88778 -0.07819 0.05185  0.07728  8  DT D P     
406 O OP1   . DT D 4 ? 0.80624 1.02997 1.01659 -0.06554 0.00410  0.07096  8  DT D OP1   
407 O OP2   . DT D 4 ? 0.61353 0.93584 0.82747 -0.06930 0.09411  0.03410  8  DT D OP2   
408 O "O5'" . DT D 4 ? 0.62846 0.86145 0.83895 -0.08767 0.06694  0.08107  8  DT D "O5'" 
409 C "C5'" . DT D 4 ? 0.65969 0.84828 0.86891 -0.10020 0.03178  0.12109  8  DT D "C5'" 
410 C "C4'" . DT D 4 ? 0.58828 0.75307 0.79635 -0.10728 0.04884  0.12113  8  DT D "C4'" 
411 O "O4'" . DT D 4 ? 0.50451 0.71235 0.72021 -0.12037 0.07638  0.15007  8  DT D "O4'" 
412 C "C3'" . DT D 4 ? 0.55927 0.70797 0.75860 -0.09363 0.08115  0.06787  8  DT D "C3'" 
413 O "O3'" . DT D 4 ? 0.62485 0.71449 0.81210 -0.09514 0.06411  0.06392  8  DT D "O3'" 
414 C "C2'" . DT D 4 ? 0.43114 0.62277 0.63242 -0.09740 0.12976  0.06867  8  DT D "C2'" 
415 C "C1'" . DT D 4 ? 0.43025 0.63754 0.64218 -0.11497 0.11397  0.12529  8  DT D "C1'" 
416 N N1    . DT D 4 ? 0.39997 0.64469 0.60674 -0.11499 0.14457  0.12382  8  DT D N1    
417 C C2    . DT D 4 ? 0.41053 0.64071 0.60858 -0.11754 0.13981  0.13756  8  DT D C2    
418 O O2    . DT D 4 ? 0.42140 0.63184 0.63006 -0.12495 0.11782  0.16574  8  DT D O2    
419 N N3    . DT D 4 ? 0.41033 0.64941 0.59261 -0.11304 0.15912  0.11495  8  DT D N3    
420 C C4    . DT D 4 ? 0.40557 0.65404 0.57674 -0.10872 0.18047  0.07946  8  DT D C4    
421 O O4    . DT D 4 ? 0.41212 0.65554 0.57318 -0.10739 0.19161  0.06180  8  DT D O4    
422 C C5    . DT D 4 ? 0.39670 0.65797 0.57665 -0.10312 0.18382  0.06782  8  DT D C5    
423 C C7    . DT D 4 ? 0.39804 0.65160 0.57949 -0.08211 0.19925  0.04468  8  DT D C7    
424 C C6    . DT D 4 ? 0.39140 0.65865 0.58828 -0.10593 0.16666  0.08865  8  DT D C6    
425 P P     . DG D 5 ? 0.64417 0.67960 0.82820 -0.08621 0.02772  0.03848  9  DG D P     
426 O OP1   . DG D 5 ? 0.66852 0.64988 0.83819 -0.09425 0.00732  0.04828  9  DG D OP1   
427 O OP2   . DG D 5 ? 0.69065 0.73691 0.88966 -0.08376 -0.00721 0.05624  9  DG D OP2   
428 O "O5'" . DG D 5 ? 0.61785 0.65324 0.79700 -0.07006 0.06418  -0.02575 9  DG D "O5'" 
429 C "C5'" . DG D 5 ? 0.59362 0.59768 0.74908 -0.06991 0.09589  -0.05321 9  DG D "C5'" 
430 C "C4'" . DG D 5 ? 0.51610 0.50107 0.67129 -0.05721 0.11291  -0.11512 9  DG D "C4'" 
431 O "O4'" . DG D 5 ? 0.45977 0.49775 0.64277 -0.04727 0.12497  -0.13822 9  DG D "O4'" 
432 C "C3'" . DG D 5 ? 0.57244 0.50949 0.73133 -0.05223 0.07159  -0.12957 9  DG D "C3'" 
433 O "O3'" . DG D 5 ? 0.59155 0.47146 0.71764 -0.05787 0.07557  -0.14078 9  DG D "O3'" 
434 C "C2'" . DG D 5 ? 0.51604 0.47131 0.69956 -0.03639 0.08520  -0.18621 9  DG D "C2'" 
435 C "C1'" . DG D 5 ? 0.47671 0.50047 0.67807 -0.03388 0.10728  -0.18026 9  DG D "C1'" 
436 N N9    . DG D 5 ? 0.49454 0.54997 0.72156 -0.02548 0.06851  -0.16205 9  DG D N9    
437 C C8    . DG D 5 ? 0.56800 0.65849 0.79487 -0.03247 0.05362  -0.11132 9  DG D C8    
438 N N7    . DG D 5 ? 0.62774 0.73597 0.87068 -0.02197 0.01903  -0.10435 9  DG D N7    
439 C C5    . DG D 5 ? 0.58677 0.67364 0.84897 -0.00477 0.00824  -0.15528 9  DG D C5    
440 C C6    . DG D 5 ? 0.62219 0.71476 0.90980 0.01531  -0.02953 -0.17248 9  DG D C6    
441 O O6    . DG D 5 ? 0.70831 0.82192 0.99814 0.02154  -0.06263 -0.14170 9  DG D O6    
442 N N1    . DG D 5 ? 0.52876 0.59808 0.83929 0.02951  -0.02669 -0.23199 9  DG D N1    
443 C C2    . DG D 5 ? 0.52275 0.56370 0.82459 0.02227  0.01114  -0.26884 9  DG D C2    
444 N N2    . DG D 5 ? 0.53865 0.56120 0.86656 0.03620  0.01156  -0.32731 9  DG D N2    
445 N N3    . DG D 5 ? 0.50770 0.53794 0.77651 0.00331  0.04621  -0.24990 9  DG D N3    
446 C C4    . DG D 5 ? 0.51520 0.57111 0.76924 -0.00803 0.04087  -0.19319 9  DG D C4    
447 P P     . DA D 6 ? 0.68605 0.50867 0.80723 -0.06124 0.02512  -0.13211 10 DA D P     
448 O OP1   . DA D 6 ? 0.70228 0.47756 0.77927 -0.07065 0.03411  -0.13194 10 DA D OP1   
449 O OP2   . DA D 6 ? 0.72419 0.56184 0.87139 -0.06538 -0.02054 -0.08426 10 DA D OP2   
450 O "O5'" . DA D 6 ? 0.66366 0.46923 0.80442 -0.04637 0.02224  -0.18989 10 DA D "O5'" 
451 C "C5'" . DA D 6 ? 0.63019 0.41706 0.75417 -0.04235 0.06448  -0.24762 10 DA D "C5'" 
452 C "C4'" . DA D 6 ? 0.63293 0.43120 0.77605 -0.02491 0.04620  -0.26997 10 DA D "C4'" 
453 O "O4'" . DA D 6 ? 0.60819 0.45651 0.80182 -0.01409 0.04313  -0.28233 10 DA D "O4'" 
454 C "C3'" . DA D 6 ? 0.67451 0.42269 0.82780 -0.02482 -0.00420 -0.26489 10 DA D "C3'" 
455 O "O3'" . DA D 6 ? 0.72364 0.43936 0.83135 -0.02403 0.00177  -0.27402 10 DA D "O3'" 
456 C "C2'" . DA D 6 ? 0.66133 0.43306 0.87171 -0.00794 -0.03508 -0.27694 10 DA D "C2'" 
457 C "C1'" . DA D 6 ? 0.63334 0.46556 0.86712 -0.00230 -0.00666 -0.28865 10 DA D "C1'" 
458 N N9    . DA D 6 ? 0.62812 0.49126 0.87449 -0.00316 -0.03660 -0.23584 10 DA D N9    
459 C C8    . DA D 6 ? 0.68998 0.56663 0.91318 -0.01978 -0.03533 -0.17888 10 DA D C8    
460 N N7    . DA D 6 ? 0.69759 0.60475 0.93480 -0.01843 -0.06233 -0.13770 10 DA D N7    
461 C C5    . DA D 6 ? 0.68697 0.59769 0.95529 0.00245  -0.08655 -0.16762 10 DA D C5    
462 C C6    . DA D 6 ? 0.75043 0.68331 1.03846 0.01529  -0.12268 -0.14692 10 DA D C6    
463 N N6    . DA D 6 ? 0.83177 0.78718 1.10660 0.00493  -0.13636 -0.08893 10 DA D N6    
464 N N1    . DA D 6 ? 0.74041 0.67033 1.06148 0.03975  -0.14441 -0.18890 10 DA D N1    
465 C C2    . DA D 6 ? 0.68482 0.59383 1.02191 0.04792  -0.12617 -0.25013 10 DA D C2    
466 N N3    . DA D 6 ? 0.63685 0.52222 0.95300 0.03431  -0.08788 -0.27497 10 DA D N3    
467 C C4    . DA D 6 ? 0.62132 0.50757 0.90076 0.01259  -0.07142 -0.22944 10 DA D C4    
468 P P     . DC D 7 ? 0.69674 0.43009 0.81360 -0.00910 0.00940  -0.30048 11 DC D P     
469 O OP1   . DC D 7 ? 0.65611 0.44795 0.78633 -0.00404 0.04405  -0.30869 11 DC D OP1   
470 O OP2   . DC D 7 ? 0.74958 0.43584 0.81810 -0.01352 0.00962  -0.30435 11 DC D OP2   
471 O "O5'" . DC D 7 ? 0.70281 0.43945 0.88086 0.00334  -0.03366 -0.30773 11 DC D "O5'" 
472 C "C5'" . DC D 7 ? 0.69008 0.47337 0.91354 0.02081  -0.03117 -0.33262 11 DC D "C5'" 
473 C "C4'" . DC D 7 ? 0.70413 0.48012 0.98438 0.03729  -0.08424 -0.33485 11 DC D "C4'" 
474 O "O4'" . DC D 7 ? 0.67866 0.46031 0.98354 0.03932  -0.11026 -0.31660 11 DC D "O4'" 
475 C "C3'" . DC D 7 ? 0.75287 0.47034 1.02638 0.03364  -0.12086 -0.32044 11 DC D "C3'" 
476 O "O3'" . DC D 7 ? 0.80121 0.51852 1.08869 0.04427  -0.12020 -0.34628 11 DC D "O3'" 
477 C "C2'" . DC D 7 ? 0.76635 0.46377 1.08071 0.04185  -0.17996 -0.29400 11 DC D "C2'" 
478 C "C1'" . DC D 7 ? 0.71358 0.45566 1.04957 0.04894  -0.17156 -0.29864 11 DC D "C1'" 
479 N N1    . DC D 7 ? 0.70556 0.44052 1.03074 0.03496  -0.19512 -0.24268 11 DC D N1    
480 C C2    . DC D 7 ? 0.72008 0.47455 1.06262 0.04606  -0.23237 -0.20437 11 DC D C2    
481 O O2    . DC D 7 ? 0.74673 0.50394 1.12551 0.07149  -0.25717 -0.23149 11 DC D O2    
482 N N3    . DC D 7 ? 0.76390 0.53302 1.08227 0.02885  -0.23996 -0.13929 11 DC D N3    
483 C C4    . DC D 7 ? 0.75647 0.52559 1.04339 0.00402  -0.21436 -0.11460 11 DC D C4    
484 N N4    . DC D 7 ? 0.80650 0.59495 1.07759 -0.01266 -0.22035 -0.05421 11 DC D N4    
485 C C5    . DC D 7 ? 0.69869 0.44768 0.96777 -0.00440 -0.18127 -0.15106 11 DC D C5    
486 C C6    . DC D 7 ? 0.68576 0.41631 0.97063 0.01043  -0.17159 -0.21338 11 DC D C6    
# 
